data_1SF2
#
_entry.id   1SF2
#
_cell.length_a   108.090
_cell.length_b   108.090
_cell.length_c   301.250
_cell.angle_alpha   90.00
_cell.angle_beta   90.00
_cell.angle_gamma   120.00
#
_symmetry.space_group_name_H-M   'P 32 2 1'
#
loop_
_entity.id
_entity.type
_entity.pdbx_description
1 polymer '4-aminobutyrate aminotransferase'
2 non-polymer 'SULFATE ION'
3 non-polymer "PYRIDOXAL-5'-PHOSPHATE"
4 non-polymer 1,2-ETHANEDIOL
5 water water
#
_entity_poly.entity_id   1
_entity_poly.type   'polypeptide(L)'
_entity_poly.pdbx_seq_one_letter_code
;MNSNKELMQRRSQAIPRGVGQIHPIFADRAENCRVWDVEGREYLDFAGGIAVLNTGHLHPKVVAAVEAQLKKLSHTCFQV
LAYEPYLELCEIMNQKVPGDFAKKTLLVTTGSEAVENAVKIARAATKRSGTIAFSGAYHGRTHYTLALTGKVNPYSAGMG
LMPGHVYRALYPCPLHGISEDDAIASIHRIFKNDAAPEDIAAIVIEPVQGEGGFYASSPAFMQRLRALCDEHGIMLIADE
VQSGAGRTGTLFAMEQMGVAPDLTTFAKSIAGGFPLAGVTGRAEVMDAVAPGGLGGTYAGNPIACVAALEVLKVFEQENL
LQKANDLGQKLKDGLLAIAEKHPEIGDVRGLGAMIAIELFEDGDHNKPDAKLTAEIVARARDKGLILLSCGPYYNVLRIL
VPLTIEDAQIRQGLEIISQCFDEAKQ
;
_entity_poly.pdbx_strand_id   A,B,C,D
#
loop_
_chem_comp.id
_chem_comp.type
_chem_comp.name
_chem_comp.formula
EDO non-polymer 1,2-ETHANEDIOL 'C2 H6 O2'
PLP non-polymer PYRIDOXAL-5'-PHOSPHATE 'C8 H10 N O6 P'
SO4 non-polymer 'SULFATE ION' 'O4 S -2'
#
# COMPACT_ATOMS: atom_id res chain seq x y z
N ASN A 2 42.24 -23.64 -1.59
CA ASN A 2 41.28 -24.70 -1.21
C ASN A 2 41.18 -24.87 0.30
N SER A 3 41.43 -23.79 1.05
CA SER A 3 41.30 -23.83 2.50
C SER A 3 40.04 -23.02 2.80
N ASN A 4 39.44 -23.22 3.97
CA ASN A 4 38.25 -22.45 4.30
C ASN A 4 38.55 -20.95 4.29
N LYS A 5 39.60 -20.53 4.98
CA LYS A 5 39.96 -19.11 5.04
C LYS A 5 40.12 -18.52 3.64
N GLU A 6 40.83 -19.25 2.78
CA GLU A 6 41.07 -18.81 1.41
C GLU A 6 39.76 -18.63 0.67
N LEU A 7 38.89 -19.62 0.79
CA LEU A 7 37.61 -19.56 0.12
C LEU A 7 36.75 -18.44 0.71
N MET A 8 36.88 -18.17 1.99
CA MET A 8 36.09 -17.09 2.58
C MET A 8 36.56 -15.72 2.05
N GLN A 9 37.86 -15.59 1.79
CA GLN A 9 38.37 -14.33 1.27
C GLN A 9 37.75 -14.10 -0.10
N ARG A 10 37.75 -15.15 -0.93
CA ARG A 10 37.16 -15.04 -2.25
C ARG A 10 35.67 -14.72 -2.12
N ARG A 11 35.04 -15.28 -1.10
CA ARG A 11 33.61 -15.04 -0.86
C ARG A 11 33.34 -13.54 -0.75
N SER A 12 34.07 -12.88 0.14
CA SER A 12 33.91 -11.45 0.40
C SER A 12 34.17 -10.59 -0.84
N GLN A 13 34.96 -11.10 -1.76
CA GLN A 13 35.25 -10.38 -2.99
C GLN A 13 34.16 -10.54 -4.04
N ALA A 14 33.52 -11.70 -4.07
CA ALA A 14 32.53 -12.00 -5.09
C ALA A 14 31.06 -12.09 -4.68
N ILE A 15 30.80 -12.25 -3.40
CA ILE A 15 29.43 -12.43 -2.94
C ILE A 15 29.02 -11.35 -1.95
N PRO A 16 27.75 -10.91 -2.02
CA PRO A 16 27.27 -9.87 -1.10
C PRO A 16 27.33 -10.31 0.36
N ARG A 17 27.66 -9.37 1.24
CA ARG A 17 27.73 -9.66 2.66
C ARG A 17 26.33 -9.91 3.19
N GLY A 18 25.32 -9.50 2.41
CA GLY A 18 23.92 -9.68 2.78
C GLY A 18 23.61 -11.15 3.00
N VAL A 19 24.34 -12.00 2.27
CA VAL A 19 24.18 -13.44 2.41
C VAL A 19 25.02 -13.78 3.67
N GLY A 20 24.34 -13.98 4.79
CA GLY A 20 25.05 -14.31 6.02
C GLY A 20 25.77 -15.63 5.90
N GLN A 21 26.74 -15.87 6.76
CA GLN A 21 27.48 -17.13 6.76
C GLN A 21 27.55 -17.62 8.19
N ILE A 22 26.64 -18.50 8.58
CA ILE A 22 26.65 -18.98 9.95
C ILE A 22 27.98 -19.60 10.33
N HIS A 23 28.44 -20.54 9.51
CA HIS A 23 29.71 -21.24 9.74
C HIS A 23 30.65 -20.93 8.58
N PRO A 24 31.84 -20.40 8.87
CA PRO A 24 32.82 -20.05 7.83
C PRO A 24 33.52 -21.31 7.35
N ILE A 25 32.73 -22.23 6.82
CA ILE A 25 33.25 -23.51 6.35
C ILE A 25 32.72 -23.83 4.97
N PHE A 26 33.60 -24.32 4.11
CA PHE A 26 33.18 -24.70 2.76
C PHE A 26 33.07 -26.22 2.69
N ALA A 27 31.82 -26.70 2.68
CA ALA A 27 31.56 -28.12 2.61
C ALA A 27 32.02 -28.65 1.26
N ASP A 28 32.57 -29.86 1.26
CA ASP A 28 33.03 -30.49 0.01
C ASP A 28 32.12 -31.66 -0.38
N ARG A 29 31.90 -32.57 0.58
CA ARG A 29 31.04 -33.70 0.34
C ARG A 29 30.27 -34.02 1.60
N ALA A 30 29.25 -34.86 1.47
CA ALA A 30 28.43 -35.21 2.60
C ALA A 30 27.78 -36.56 2.39
N GLU A 31 27.35 -37.16 3.50
CA GLU A 31 26.70 -38.46 3.46
C GLU A 31 25.90 -38.62 4.74
N ASN A 32 24.58 -38.68 4.58
CA ASN A 32 23.62 -38.82 5.69
C ASN A 32 23.78 -37.70 6.73
N CYS A 33 24.48 -37.95 7.83
CA CYS A 33 24.67 -36.93 8.86
C CYS A 33 26.08 -36.36 8.92
N ARG A 34 26.95 -36.84 8.05
CA ARG A 34 28.34 -36.37 8.00
C ARG A 34 28.57 -35.42 6.85
N VAL A 35 29.44 -34.45 7.08
CA VAL A 35 29.83 -33.49 6.06
C VAL A 35 31.33 -33.28 6.22
N TRP A 36 32.04 -33.24 5.10
CA TRP A 36 33.49 -33.03 5.11
C TRP A 36 33.76 -31.68 4.45
N ASP A 37 34.63 -30.86 5.04
CA ASP A 37 34.93 -29.58 4.43
C ASP A 37 36.06 -29.69 3.42
N VAL A 38 36.45 -28.59 2.79
CA VAL A 38 37.48 -28.60 1.77
C VAL A 38 38.86 -28.96 2.30
N GLU A 39 39.00 -28.98 3.62
CA GLU A 39 40.29 -29.32 4.24
C GLU A 39 40.27 -30.79 4.71
N GLY A 40 39.13 -31.45 4.53
CA GLY A 40 39.00 -32.85 4.92
C GLY A 40 38.44 -33.05 6.31
N ARG A 41 38.14 -31.98 7.01
CA ARG A 41 37.61 -32.14 8.35
C ARG A 41 36.17 -32.66 8.29
N GLU A 42 35.85 -33.55 9.21
CA GLU A 42 34.51 -34.15 9.28
C GLU A 42 33.62 -33.48 10.32
N TYR A 43 32.35 -33.28 9.99
CA TYR A 43 31.42 -32.67 10.92
C TYR A 43 30.14 -33.48 11.03
N LEU A 44 29.50 -33.38 12.19
CA LEU A 44 28.23 -34.03 12.42
C LEU A 44 27.22 -32.91 12.12
N ASP A 45 26.29 -33.16 11.21
CA ASP A 45 25.33 -32.13 10.82
C ASP A 45 24.00 -32.14 11.57
N PHE A 46 23.88 -31.26 12.57
CA PHE A 46 22.65 -31.16 13.35
C PHE A 46 21.74 -30.02 12.87
N ALA A 47 22.11 -29.41 11.75
CA ALA A 47 21.32 -28.31 11.19
C ALA A 47 20.48 -28.85 10.01
N GLY A 48 21.06 -29.79 9.26
CA GLY A 48 20.40 -30.43 8.13
C GLY A 48 20.05 -29.55 6.94
N GLY A 49 20.86 -28.54 6.66
CA GLY A 49 20.58 -27.65 5.55
C GLY A 49 19.32 -26.85 5.87
N ILE A 50 19.06 -26.75 7.17
CA ILE A 50 17.89 -26.08 7.73
C ILE A 50 16.63 -26.89 7.48
N ALA A 51 16.57 -28.06 8.11
CA ALA A 51 15.40 -28.94 8.03
C ALA A 51 15.06 -29.43 6.63
N VAL A 52 16.05 -29.44 5.74
CA VAL A 52 15.88 -29.88 4.37
C VAL A 52 16.28 -31.33 4.16
N LEU A 53 17.05 -31.88 5.09
CA LEU A 53 17.55 -33.24 4.93
C LEU A 53 17.06 -34.29 5.94
N ASN A 54 15.74 -34.40 6.11
CA ASN A 54 15.24 -35.37 7.05
C ASN A 54 15.60 -36.81 6.67
N THR A 55 15.94 -37.02 5.41
CA THR A 55 16.34 -38.34 4.93
C THR A 55 17.86 -38.37 4.75
N GLY A 56 18.51 -37.32 5.24
CA GLY A 56 19.96 -37.22 5.17
C GLY A 56 20.59 -36.74 3.86
N HIS A 57 21.88 -36.45 3.91
CA HIS A 57 22.61 -36.02 2.75
C HIS A 57 22.72 -37.18 1.76
N LEU A 58 22.34 -36.93 0.51
CA LEU A 58 22.41 -37.93 -0.54
C LEU A 58 21.92 -39.33 -0.15
N HIS A 59 20.65 -39.46 0.21
CA HIS A 59 20.12 -40.77 0.54
C HIS A 59 20.20 -41.62 -0.75
N PRO A 60 20.77 -42.82 -0.65
CA PRO A 60 20.96 -43.75 -1.77
C PRO A 60 19.73 -43.98 -2.65
N LYS A 61 18.59 -44.22 -2.02
CA LYS A 61 17.37 -44.45 -2.78
C LYS A 61 16.99 -43.20 -3.57
N VAL A 62 17.11 -42.04 -2.93
CA VAL A 62 16.77 -40.76 -3.54
C VAL A 62 17.74 -40.48 -4.68
N VAL A 63 19.03 -40.59 -4.37
CA VAL A 63 20.08 -40.37 -5.36
C VAL A 63 19.93 -41.30 -6.57
N ALA A 64 19.61 -42.56 -6.34
CA ALA A 64 19.43 -43.51 -7.45
C ALA A 64 18.24 -43.09 -8.33
N ALA A 65 17.18 -42.63 -7.70
CA ALA A 65 16.00 -42.20 -8.47
C ALA A 65 16.41 -41.00 -9.33
N VAL A 66 17.07 -40.03 -8.71
CA VAL A 66 17.52 -38.86 -9.45
C VAL A 66 18.45 -39.22 -10.62
N GLU A 67 19.35 -40.18 -10.43
CA GLU A 67 20.27 -40.57 -11.49
C GLU A 67 19.53 -41.18 -12.66
N ALA A 68 18.51 -41.98 -12.34
CA ALA A 68 17.69 -42.60 -13.37
C ALA A 68 16.99 -41.51 -14.20
N GLN A 69 16.38 -40.53 -13.53
CA GLN A 69 15.68 -39.46 -14.21
C GLN A 69 16.60 -38.58 -15.09
N LEU A 70 17.89 -38.49 -14.73
CA LEU A 70 18.86 -37.70 -15.50
C LEU A 70 19.13 -38.31 -16.88
N LYS A 71 18.63 -39.51 -17.11
CA LYS A 71 18.80 -40.19 -18.39
C LYS A 71 17.58 -39.89 -19.27
N LYS A 72 16.56 -39.30 -18.67
CA LYS A 72 15.31 -39.00 -19.37
C LYS A 72 15.13 -37.53 -19.77
N LEU A 73 15.05 -36.65 -18.77
CA LEU A 73 14.90 -35.22 -19.02
C LEU A 73 15.00 -34.47 -17.70
N SER A 74 15.44 -33.21 -17.73
CA SER A 74 15.55 -32.45 -16.50
C SER A 74 14.57 -31.27 -16.44
N HIS A 75 14.09 -30.81 -17.60
CA HIS A 75 13.18 -29.67 -17.65
C HIS A 75 12.42 -29.52 -18.97
N THR A 76 11.15 -29.15 -18.90
CA THR A 76 10.32 -28.90 -20.08
C THR A 76 9.39 -27.74 -19.74
N CYS A 77 9.22 -27.52 -18.45
CA CYS A 77 8.30 -26.54 -17.86
C CYS A 77 6.91 -27.19 -17.98
N PHE A 78 6.45 -27.73 -16.87
CA PHE A 78 5.20 -28.44 -16.81
C PHE A 78 4.03 -27.79 -17.53
N GLN A 79 3.84 -26.48 -17.35
CA GLN A 79 2.71 -25.80 -17.97
C GLN A 79 2.76 -25.75 -19.51
N VAL A 80 3.90 -26.15 -20.08
CA VAL A 80 4.06 -26.19 -21.52
C VAL A 80 3.93 -27.64 -22.00
N LEU A 81 4.78 -28.52 -21.44
CA LEU A 81 4.75 -29.95 -21.74
C LEU A 81 4.77 -30.65 -20.39
N ALA A 82 3.67 -31.28 -19.99
CA ALA A 82 3.62 -31.96 -18.70
C ALA A 82 4.50 -33.21 -18.64
N TYR A 83 4.66 -33.74 -17.42
CA TYR A 83 5.42 -34.97 -17.20
C TYR A 83 4.86 -35.64 -15.96
N GLU A 84 4.92 -36.96 -15.95
CA GLU A 84 4.34 -37.74 -14.89
C GLU A 84 4.82 -37.58 -13.44
N PRO A 85 6.12 -37.34 -13.21
CA PRO A 85 6.52 -37.19 -11.80
C PRO A 85 5.79 -36.05 -11.07
N TYR A 86 5.57 -34.95 -11.77
CA TYR A 86 4.85 -33.80 -11.21
C TYR A 86 3.45 -34.29 -10.82
N LEU A 87 2.74 -34.88 -11.78
CA LEU A 87 1.39 -35.39 -11.58
C LEU A 87 1.28 -36.36 -10.42
N GLU A 88 2.17 -37.34 -10.39
CA GLU A 88 2.16 -38.36 -9.35
C GLU A 88 2.29 -37.75 -7.97
N LEU A 89 3.23 -36.82 -7.82
CA LEU A 89 3.46 -36.20 -6.53
C LEU A 89 2.22 -35.46 -6.06
N CYS A 90 1.55 -34.79 -7.00
CA CYS A 90 0.34 -34.06 -6.67
C CYS A 90 -0.75 -35.03 -6.15
N GLU A 91 -0.89 -36.16 -6.82
CA GLU A 91 -1.89 -37.13 -6.40
C GLU A 91 -1.59 -37.60 -5.00
N ILE A 92 -0.32 -37.95 -4.75
CA ILE A 92 0.08 -38.41 -3.44
C ILE A 92 -0.10 -37.34 -2.38
N MET A 93 0.28 -36.09 -2.67
CA MET A 93 0.11 -35.05 -1.67
C MET A 93 -1.37 -34.79 -1.33
N ASN A 94 -2.26 -34.94 -2.31
CA ASN A 94 -3.69 -34.71 -2.05
C ASN A 94 -4.20 -35.68 -0.97
N GLN A 95 -3.62 -36.89 -0.95
CA GLN A 95 -3.96 -37.91 0.03
C GLN A 95 -3.24 -37.69 1.36
N LYS A 96 -1.92 -37.49 1.29
CA LYS A 96 -1.10 -37.31 2.48
C LYS A 96 -1.40 -36.08 3.35
N VAL A 97 -1.68 -34.94 2.72
CA VAL A 97 -1.97 -33.72 3.48
C VAL A 97 -3.29 -33.91 4.24
N PRO A 98 -3.30 -33.55 5.53
CA PRO A 98 -4.54 -33.71 6.30
C PRO A 98 -5.75 -32.99 5.72
N GLY A 99 -6.91 -33.59 5.92
CA GLY A 99 -8.16 -33.04 5.42
C GLY A 99 -8.98 -34.12 4.74
N ASP A 100 -10.10 -34.48 5.36
CA ASP A 100 -10.93 -35.54 4.79
C ASP A 100 -11.96 -34.99 3.80
N PHE A 101 -11.45 -34.54 2.65
CA PHE A 101 -12.24 -33.99 1.56
C PHE A 101 -11.34 -33.96 0.33
N ALA A 102 -11.93 -33.75 -0.84
CA ALA A 102 -11.17 -33.71 -2.07
C ALA A 102 -10.15 -32.57 -2.03
N LYS A 103 -8.98 -32.81 -2.59
CA LYS A 103 -7.93 -31.79 -2.61
C LYS A 103 -7.17 -31.77 -3.93
N LYS A 104 -6.49 -30.66 -4.17
CA LYS A 104 -5.65 -30.52 -5.36
C LYS A 104 -4.31 -29.87 -4.98
N THR A 105 -3.29 -30.17 -5.77
CA THR A 105 -1.94 -29.69 -5.54
C THR A 105 -1.28 -28.99 -6.72
N LEU A 106 -0.54 -27.94 -6.37
CA LEU A 106 0.23 -27.15 -7.31
C LEU A 106 1.67 -27.30 -6.84
N LEU A 107 2.59 -27.39 -7.77
CA LEU A 107 3.99 -27.48 -7.40
C LEU A 107 4.68 -26.22 -7.87
N VAL A 108 5.55 -25.70 -7.02
CA VAL A 108 6.34 -24.53 -7.38
C VAL A 108 7.79 -24.95 -7.12
N THR A 109 8.66 -24.03 -6.72
CA THR A 109 10.06 -24.39 -6.51
C THR A 109 10.59 -24.13 -5.08
N THR A 110 10.26 -22.98 -4.50
CA THR A 110 10.73 -22.66 -3.14
C THR A 110 9.57 -22.46 -2.14
N GLY A 111 9.87 -22.55 -0.85
CA GLY A 111 8.87 -22.35 0.19
C GLY A 111 8.24 -20.97 0.08
N SER A 112 9.07 -19.97 -0.22
N SER A 112 9.06 -19.97 -0.23
CA SER A 112 8.56 -18.61 -0.36
CA SER A 112 8.56 -18.61 -0.36
C SER A 112 7.50 -18.58 -1.45
C SER A 112 7.51 -18.55 -1.46
N GLU A 113 7.80 -19.18 -2.60
CA GLU A 113 6.85 -19.20 -3.71
C GLU A 113 5.59 -19.94 -3.26
N ALA A 114 5.78 -21.00 -2.49
CA ALA A 114 4.64 -21.76 -2.02
C ALA A 114 3.72 -20.89 -1.19
N VAL A 115 4.28 -20.15 -0.24
CA VAL A 115 3.44 -19.29 0.59
C VAL A 115 2.81 -18.21 -0.27
N GLU A 116 3.56 -17.70 -1.24
CA GLU A 116 3.03 -16.67 -2.13
C GLU A 116 1.77 -17.18 -2.83
N ASN A 117 1.87 -18.36 -3.44
CA ASN A 117 0.77 -18.96 -4.16
C ASN A 117 -0.45 -19.30 -3.29
N ALA A 118 -0.21 -19.86 -2.12
CA ALA A 118 -1.31 -20.18 -1.21
C ALA A 118 -2.14 -18.92 -0.91
N VAL A 119 -1.47 -17.79 -0.72
CA VAL A 119 -2.17 -16.54 -0.46
C VAL A 119 -2.92 -16.09 -1.72
N LYS A 120 -2.27 -16.15 -2.87
CA LYS A 120 -2.95 -15.75 -4.11
C LYS A 120 -4.23 -16.59 -4.23
N ILE A 121 -4.11 -17.88 -3.97
CA ILE A 121 -5.25 -18.79 -4.05
C ILE A 121 -6.31 -18.42 -3.01
N ALA A 122 -5.86 -18.16 -1.79
CA ALA A 122 -6.79 -17.78 -0.73
C ALA A 122 -7.52 -16.49 -1.14
N ARG A 123 -6.79 -15.54 -1.73
CA ARG A 123 -7.40 -14.28 -2.15
C ARG A 123 -8.43 -14.49 -3.25
N ALA A 124 -8.10 -15.29 -4.25
CA ALA A 124 -9.00 -15.55 -5.35
C ALA A 124 -10.26 -16.29 -4.90
N ALA A 125 -10.11 -17.18 -3.93
CA ALA A 125 -11.23 -17.96 -3.43
C ALA A 125 -12.18 -17.15 -2.57
N THR A 126 -11.64 -16.17 -1.87
CA THR A 126 -12.48 -15.39 -0.98
C THR A 126 -12.89 -14.01 -1.49
N LYS A 127 -12.19 -13.54 -2.53
CA LYS A 127 -12.44 -12.21 -3.09
C LYS A 127 -12.08 -11.17 -2.02
N ARG A 128 -11.00 -11.45 -1.28
CA ARG A 128 -10.51 -10.54 -0.22
C ARG A 128 -9.01 -10.34 -0.41
N SER A 129 -8.49 -9.25 0.14
CA SER A 129 -7.08 -8.91 -0.02
C SER A 129 -6.17 -9.01 1.18
N GLY A 130 -6.71 -8.87 2.38
CA GLY A 130 -5.85 -8.90 3.54
C GLY A 130 -5.46 -10.26 4.05
N THR A 131 -4.39 -10.29 4.85
CA THR A 131 -3.94 -11.54 5.45
C THR A 131 -3.43 -11.26 6.86
N ILE A 132 -3.53 -12.26 7.72
CA ILE A 132 -3.07 -12.15 9.09
C ILE A 132 -1.98 -13.19 9.34
N ALA A 133 -0.83 -12.75 9.86
CA ALA A 133 0.28 -13.64 10.20
C ALA A 133 0.61 -13.41 11.68
N PHE A 134 1.45 -14.26 12.27
CA PHE A 134 1.77 -14.11 13.68
C PHE A 134 3.15 -13.55 14.01
N SER A 135 3.31 -13.12 15.26
CA SER A 135 4.57 -12.59 15.73
C SER A 135 5.59 -13.73 15.71
N GLY A 136 6.82 -13.41 15.32
CA GLY A 136 7.84 -14.44 15.28
C GLY A 136 7.73 -15.42 14.12
N ALA A 137 6.76 -15.20 13.23
CA ALA A 137 6.59 -16.08 12.08
C ALA A 137 7.68 -15.90 11.02
N TYR A 138 7.88 -16.93 10.22
CA TYR A 138 8.84 -16.84 9.12
C TYR A 138 8.20 -17.49 7.90
N HIS A 139 8.08 -16.74 6.81
CA HIS A 139 7.42 -17.29 5.64
C HIS A 139 8.18 -17.10 4.32
N GLY A 140 9.37 -16.54 4.39
CA GLY A 140 10.12 -16.33 3.15
C GLY A 140 10.67 -14.92 2.99
N ARG A 141 11.49 -14.77 1.96
CA ARG A 141 12.17 -13.52 1.69
C ARG A 141 11.73 -12.71 0.48
N THR A 142 10.55 -12.99 -0.05
CA THR A 142 10.04 -12.19 -1.16
C THR A 142 9.36 -11.01 -0.48
N HIS A 143 9.16 -9.90 -1.21
CA HIS A 143 8.53 -8.74 -0.58
C HIS A 143 7.32 -9.08 0.27
N TYR A 144 6.37 -9.81 -0.31
CA TYR A 144 5.17 -10.16 0.41
C TYR A 144 5.39 -11.08 1.61
N THR A 145 6.23 -12.11 1.46
CA THR A 145 6.46 -13.02 2.58
C THR A 145 7.33 -12.40 3.66
N LEU A 146 8.06 -11.34 3.32
CA LEU A 146 8.85 -10.63 4.32
C LEU A 146 7.83 -9.88 5.21
N ALA A 147 6.77 -9.38 4.60
CA ALA A 147 5.71 -8.69 5.35
C ALA A 147 5.01 -9.71 6.26
N LEU A 148 4.75 -10.91 5.73
CA LEU A 148 4.11 -11.96 6.53
C LEU A 148 5.04 -12.37 7.67
N THR A 149 6.33 -12.40 7.36
CA THR A 149 7.36 -12.75 8.33
C THR A 149 7.36 -11.78 9.51
N GLY A 150 7.16 -12.31 10.71
CA GLY A 150 7.13 -11.47 11.90
C GLY A 150 8.52 -11.19 12.45
N LYS A 151 9.33 -10.50 11.64
CA LYS A 151 10.69 -10.15 12.01
C LYS A 151 11.24 -9.22 10.93
N VAL A 152 11.54 -7.98 11.31
CA VAL A 152 12.03 -7.03 10.34
C VAL A 152 13.53 -7.14 10.11
N ASN A 153 14.27 -7.30 11.21
CA ASN A 153 15.71 -7.39 11.16
C ASN A 153 16.24 -8.81 11.31
N PRO A 154 17.15 -9.22 10.40
CA PRO A 154 17.73 -8.47 9.29
C PRO A 154 16.94 -8.63 7.97
N TYR A 155 16.15 -9.69 7.90
CA TYR A 155 15.32 -10.07 6.76
C TYR A 155 14.88 -8.97 5.79
N SER A 156 14.44 -7.83 6.31
CA SER A 156 14.01 -6.74 5.45
C SER A 156 14.45 -5.40 5.98
N ALA A 157 15.67 -5.36 6.50
CA ALA A 157 16.24 -4.14 7.06
C ALA A 157 16.88 -3.25 5.99
N GLY A 158 16.76 -1.93 6.18
CA GLY A 158 17.31 -0.98 5.25
C GLY A 158 16.52 -0.81 3.97
N MET A 159 15.58 -1.72 3.75
CA MET A 159 14.77 -1.71 2.52
C MET A 159 13.51 -0.86 2.50
N GLY A 160 13.13 -0.29 3.64
CA GLY A 160 11.91 0.50 3.71
C GLY A 160 10.79 -0.44 4.12
N LEU A 161 9.56 0.05 4.18
CA LEU A 161 8.42 -0.79 4.59
C LEU A 161 7.97 -1.81 3.52
N MET A 162 7.66 -3.03 3.95
CA MET A 162 7.20 -4.07 3.03
C MET A 162 5.69 -3.91 2.80
N PRO A 163 5.15 -4.59 1.78
CA PRO A 163 3.71 -4.51 1.45
C PRO A 163 2.77 -4.48 2.64
N GLY A 164 1.83 -3.52 2.60
CA GLY A 164 0.85 -3.41 3.66
C GLY A 164 -0.27 -4.42 3.54
N HIS A 165 -1.30 -4.23 4.35
CA HIS A 165 -2.44 -5.12 4.35
C HIS A 165 -2.09 -6.55 4.80
N VAL A 166 -1.20 -6.60 5.78
CA VAL A 166 -0.76 -7.82 6.44
C VAL A 166 -0.81 -7.37 7.88
N TYR A 167 -1.65 -8.02 8.69
CA TYR A 167 -1.80 -7.65 10.09
C TYR A 167 -1.16 -8.67 11.02
N ARG A 168 -0.77 -8.21 12.20
CA ARG A 168 -0.05 -9.05 13.13
C ARG A 168 -0.81 -9.56 14.33
N ALA A 169 -0.80 -10.88 14.51
CA ALA A 169 -1.46 -11.51 15.64
C ALA A 169 -0.36 -12.08 16.52
N LEU A 170 -0.69 -12.39 17.76
CA LEU A 170 0.29 -12.96 18.70
C LEU A 170 0.26 -14.47 18.65
N TYR A 171 1.42 -15.09 18.48
CA TYR A 171 1.45 -16.55 18.46
C TYR A 171 1.38 -17.02 19.93
N PRO A 172 0.51 -17.99 20.23
CA PRO A 172 0.41 -18.46 21.61
C PRO A 172 1.77 -19.00 22.13
N CYS A 173 2.20 -18.54 23.30
CA CYS A 173 3.48 -18.97 23.87
C CYS A 173 3.49 -18.72 25.37
N PRO A 174 2.92 -19.65 26.15
CA PRO A 174 2.85 -19.53 27.61
C PRO A 174 4.21 -19.33 28.28
N LEU A 175 5.25 -19.97 27.76
CA LEU A 175 6.58 -19.82 28.35
C LEU A 175 6.94 -18.33 28.44
N HIS A 176 6.32 -17.53 27.58
CA HIS A 176 6.59 -16.09 27.58
C HIS A 176 5.35 -15.23 27.88
N GLY A 177 4.40 -15.80 28.63
CA GLY A 177 3.21 -15.06 29.02
C GLY A 177 2.21 -14.64 27.96
N ILE A 178 2.07 -15.44 26.90
CA ILE A 178 1.10 -15.13 25.88
C ILE A 178 0.19 -16.34 25.83
N SER A 179 -0.98 -16.22 26.44
CA SER A 179 -1.91 -17.34 26.48
C SER A 179 -2.62 -17.51 25.15
N GLU A 180 -3.30 -18.64 25.00
CA GLU A 180 -4.05 -18.90 23.79
C GLU A 180 -5.18 -17.88 23.71
N ASP A 181 -5.66 -17.43 24.87
CA ASP A 181 -6.72 -16.42 24.91
C ASP A 181 -6.19 -15.13 24.32
N ASP A 182 -4.95 -14.77 24.68
CA ASP A 182 -4.32 -13.56 24.17
C ASP A 182 -4.18 -13.68 22.64
N ALA A 183 -3.71 -14.84 22.18
CA ALA A 183 -3.52 -15.05 20.77
C ALA A 183 -4.84 -14.91 20.02
N ILE A 184 -5.87 -15.63 20.47
CA ILE A 184 -7.17 -15.52 19.82
C ILE A 184 -7.68 -14.08 19.93
N ALA A 185 -7.47 -13.47 21.09
CA ALA A 185 -7.90 -12.08 21.32
C ALA A 185 -7.19 -11.09 20.39
N SER A 186 -5.93 -11.34 20.07
CA SER A 186 -5.20 -10.44 19.18
C SER A 186 -5.75 -10.50 17.75
N ILE A 187 -6.42 -11.61 17.41
CA ILE A 187 -6.98 -11.71 16.08
C ILE A 187 -8.26 -10.86 16.00
N HIS A 188 -9.05 -10.90 17.07
CA HIS A 188 -10.28 -10.11 17.12
C HIS A 188 -9.91 -8.64 17.13
N ARG A 189 -8.81 -8.31 17.79
CA ARG A 189 -8.34 -6.93 17.87
C ARG A 189 -8.13 -6.37 16.46
N ILE A 190 -7.55 -7.20 15.60
CA ILE A 190 -7.32 -6.79 14.22
C ILE A 190 -8.69 -6.53 13.58
N PHE A 191 -9.61 -7.46 13.80
CA PHE A 191 -10.96 -7.35 13.24
C PHE A 191 -11.63 -6.03 13.60
N LYS A 192 -11.50 -5.63 14.87
CA LYS A 192 -12.12 -4.40 15.29
C LYS A 192 -11.30 -3.14 14.99
N ASN A 193 -9.98 -3.25 14.98
CA ASN A 193 -9.16 -2.05 14.76
C ASN A 193 -8.64 -1.75 13.38
N ASP A 194 -8.27 -2.78 12.61
CA ASP A 194 -7.70 -2.51 11.31
C ASP A 194 -8.24 -3.20 10.07
N ALA A 195 -8.86 -4.36 10.22
CA ALA A 195 -9.35 -5.05 9.04
C ALA A 195 -10.46 -6.01 9.40
N ALA A 196 -11.64 -5.72 8.88
CA ALA A 196 -12.79 -6.57 9.16
C ALA A 196 -12.64 -7.96 8.53
N PRO A 197 -13.25 -8.98 9.15
CA PRO A 197 -13.18 -10.36 8.64
C PRO A 197 -13.43 -10.44 7.14
N GLU A 198 -14.41 -9.68 6.64
CA GLU A 198 -14.73 -9.71 5.22
C GLU A 198 -13.62 -9.21 4.31
N ASP A 199 -12.53 -8.69 4.89
CA ASP A 199 -11.41 -8.21 4.09
C ASP A 199 -10.17 -9.09 4.27
N ILE A 200 -10.32 -10.12 5.07
CA ILE A 200 -9.23 -11.05 5.33
C ILE A 200 -9.41 -12.36 4.58
N ALA A 201 -8.57 -12.58 3.59
CA ALA A 201 -8.61 -13.80 2.79
C ALA A 201 -8.10 -14.98 3.58
N ALA A 202 -7.10 -14.76 4.45
CA ALA A 202 -6.54 -15.87 5.19
C ALA A 202 -5.68 -15.52 6.39
N ILE A 203 -5.54 -16.53 7.24
CA ILE A 203 -4.70 -16.46 8.42
C ILE A 203 -3.61 -17.51 8.17
N VAL A 204 -2.37 -17.06 8.08
CA VAL A 204 -1.23 -17.93 7.83
C VAL A 204 -0.52 -18.25 9.15
N ILE A 205 -0.32 -19.52 9.43
CA ILE A 205 0.34 -19.92 10.67
C ILE A 205 1.21 -21.16 10.53
N GLU A 206 2.29 -21.22 11.29
CA GLU A 206 3.17 -22.37 11.30
C GLU A 206 2.66 -23.26 12.44
N PRO A 207 2.26 -24.52 12.16
CA PRO A 207 1.75 -25.40 13.23
C PRO A 207 2.78 -25.42 14.37
N VAL A 208 4.06 -25.37 13.99
CA VAL A 208 5.17 -25.26 14.92
C VAL A 208 6.09 -24.22 14.26
N GLN A 209 6.34 -23.09 14.94
CA GLN A 209 7.21 -22.04 14.39
C GLN A 209 8.65 -22.51 14.28
N GLY A 210 9.27 -22.25 13.14
CA GLY A 210 10.64 -22.69 12.91
C GLY A 210 11.67 -21.69 13.37
N GLU A 211 11.90 -20.67 12.55
CA GLU A 211 12.86 -19.61 12.86
C GLU A 211 12.36 -18.85 14.07
N GLY A 212 11.06 -18.92 14.27
CA GLY A 212 10.43 -18.25 15.39
C GLY A 212 10.80 -18.81 16.75
N GLY A 213 11.41 -19.99 16.81
CA GLY A 213 11.82 -20.55 18.09
C GLY A 213 11.36 -21.97 18.44
N PHE A 214 10.84 -22.68 17.46
CA PHE A 214 10.35 -24.04 17.67
C PHE A 214 9.24 -24.06 18.73
N TYR A 215 8.29 -23.14 18.60
CA TYR A 215 7.17 -23.08 19.52
C TYR A 215 6.02 -23.75 18.80
N ALA A 216 5.36 -24.68 19.48
CA ALA A 216 4.26 -25.40 18.87
C ALA A 216 2.89 -24.93 19.33
N SER A 217 1.94 -24.99 18.41
CA SER A 217 0.58 -24.63 18.71
C SER A 217 -0.08 -25.87 19.31
N SER A 218 -0.95 -25.66 20.30
CA SER A 218 -1.64 -26.80 20.90
C SER A 218 -2.80 -27.16 20.01
N PRO A 219 -3.30 -28.40 20.11
CA PRO A 219 -4.44 -28.83 19.29
C PRO A 219 -5.64 -27.94 19.61
N ALA A 220 -5.81 -27.62 20.90
CA ALA A 220 -6.91 -26.79 21.35
C ALA A 220 -6.88 -25.45 20.63
N PHE A 221 -5.73 -24.80 20.67
CA PHE A 221 -5.58 -23.51 20.02
C PHE A 221 -5.92 -23.60 18.53
N MET A 222 -5.26 -24.52 17.85
CA MET A 222 -5.47 -24.70 16.42
C MET A 222 -6.96 -24.91 16.11
N GLN A 223 -7.64 -25.61 17.02
CA GLN A 223 -9.06 -25.87 16.86
C GLN A 223 -9.91 -24.58 16.99
N ARG A 224 -9.53 -23.71 17.91
CA ARG A 224 -10.26 -22.44 18.08
C ARG A 224 -10.06 -21.60 16.81
N LEU A 225 -8.84 -21.69 16.25
CA LEU A 225 -8.48 -20.96 15.04
C LEU A 225 -9.29 -21.46 13.83
N ARG A 226 -9.49 -22.77 13.76
CA ARG A 226 -10.25 -23.39 12.69
C ARG A 226 -11.70 -22.91 12.77
N ALA A 227 -12.23 -22.82 13.98
CA ALA A 227 -13.62 -22.37 14.20
C ALA A 227 -13.77 -20.90 13.81
N LEU A 228 -12.77 -20.10 14.17
CA LEU A 228 -12.77 -18.69 13.87
C LEU A 228 -12.75 -18.47 12.36
N CYS A 229 -11.91 -19.19 11.63
CA CYS A 229 -11.85 -19.04 10.18
C CYS A 229 -13.16 -19.48 9.55
N ASP A 230 -13.74 -20.56 10.08
CA ASP A 230 -15.00 -21.10 9.58
C ASP A 230 -16.11 -20.07 9.70
N GLU A 231 -16.24 -19.49 10.89
CA GLU A 231 -17.27 -18.50 11.13
C GLU A 231 -17.18 -17.32 10.16
N HIS A 232 -15.96 -16.95 9.77
CA HIS A 232 -15.78 -15.82 8.89
C HIS A 232 -15.42 -16.10 7.45
N GLY A 233 -15.42 -17.37 7.05
CA GLY A 233 -15.07 -17.70 5.67
C GLY A 233 -13.63 -17.36 5.32
N ILE A 234 -12.77 -17.39 6.33
CA ILE A 234 -11.36 -17.11 6.13
C ILE A 234 -10.64 -18.43 5.87
N MET A 235 -9.66 -18.42 4.96
CA MET A 235 -8.90 -19.63 4.66
C MET A 235 -7.81 -19.78 5.69
N LEU A 236 -7.67 -20.98 6.24
CA LEU A 236 -6.62 -21.26 7.21
C LEU A 236 -5.44 -21.83 6.42
N ILE A 237 -4.34 -21.07 6.34
CA ILE A 237 -3.16 -21.52 5.62
C ILE A 237 -2.12 -22.05 6.61
N ALA A 238 -1.80 -23.33 6.51
CA ALA A 238 -0.80 -23.91 7.40
C ALA A 238 0.54 -23.91 6.67
N ASP A 239 1.50 -23.14 7.16
CA ASP A 239 2.80 -23.11 6.52
C ASP A 239 3.63 -24.23 7.14
N GLU A 240 3.75 -25.34 6.41
CA GLU A 240 4.50 -26.50 6.88
C GLU A 240 5.81 -26.74 6.12
N VAL A 241 6.38 -25.66 5.58
CA VAL A 241 7.64 -25.77 4.86
C VAL A 241 8.72 -26.39 5.75
N GLN A 242 8.71 -26.05 7.04
CA GLN A 242 9.71 -26.59 7.95
C GLN A 242 9.16 -27.64 8.90
N SER A 243 7.93 -27.47 9.34
CA SER A 243 7.33 -28.44 10.27
C SER A 243 6.92 -29.70 9.52
N GLY A 244 6.74 -29.58 8.22
CA GLY A 244 6.30 -30.70 7.41
C GLY A 244 7.35 -31.72 7.07
N ALA A 245 7.00 -32.60 6.14
CA ALA A 245 7.90 -33.66 5.70
C ALA A 245 8.39 -34.49 6.89
N GLY A 246 7.44 -34.88 7.74
CA GLY A 246 7.71 -35.72 8.90
C GLY A 246 8.52 -35.26 10.10
N ARG A 247 8.95 -34.00 10.16
CA ARG A 247 9.77 -33.56 11.29
C ARG A 247 9.13 -33.69 12.68
N THR A 248 7.82 -33.62 12.76
CA THR A 248 7.14 -33.71 14.06
C THR A 248 6.59 -35.07 14.46
N GLY A 249 6.87 -36.11 13.67
CA GLY A 249 6.35 -37.41 14.02
C GLY A 249 5.18 -37.85 13.17
N THR A 250 4.59 -36.91 12.43
CA THR A 250 3.51 -37.23 11.49
C THR A 250 4.02 -36.49 10.26
N LEU A 251 3.62 -36.94 9.07
CA LEU A 251 4.10 -36.28 7.86
C LEU A 251 3.92 -34.75 7.96
N PHE A 252 2.75 -34.34 8.44
CA PHE A 252 2.45 -32.91 8.62
C PHE A 252 2.00 -32.69 10.05
N ALA A 253 2.48 -31.61 10.65
CA ALA A 253 2.13 -31.31 12.03
C ALA A 253 0.63 -31.15 12.20
N MET A 254 -0.06 -30.64 11.18
CA MET A 254 -1.50 -30.44 11.30
C MET A 254 -2.25 -31.71 11.68
N GLU A 255 -1.69 -32.87 11.34
CA GLU A 255 -2.34 -34.14 11.66
C GLU A 255 -2.50 -34.32 13.16
N GLN A 256 -1.62 -33.68 13.92
CA GLN A 256 -1.65 -33.78 15.37
C GLN A 256 -2.53 -32.72 16.00
N MET A 257 -3.11 -31.85 15.17
CA MET A 257 -3.93 -30.75 15.68
C MET A 257 -5.42 -31.04 15.80
N GLY A 258 -5.90 -32.07 15.12
CA GLY A 258 -7.32 -32.41 15.20
C GLY A 258 -8.18 -31.63 14.21
N VAL A 259 -7.55 -30.79 13.40
CA VAL A 259 -8.27 -30.02 12.40
C VAL A 259 -7.45 -29.86 11.13
N ALA A 260 -8.12 -29.69 10.01
CA ALA A 260 -7.45 -29.55 8.73
C ALA A 260 -7.47 -28.11 8.22
N PRO A 261 -6.35 -27.69 7.61
CA PRO A 261 -6.27 -26.33 7.08
C PRO A 261 -6.96 -26.38 5.73
N ASP A 262 -7.15 -25.22 5.10
CA ASP A 262 -7.77 -25.17 3.79
C ASP A 262 -6.60 -25.31 2.79
N LEU A 263 -5.45 -24.80 3.20
CA LEU A 263 -4.27 -24.83 2.35
C LEU A 263 -3.05 -25.18 3.17
N THR A 264 -2.09 -25.84 2.52
CA THR A 264 -0.86 -26.23 3.19
C THR A 264 0.31 -26.05 2.24
N THR A 265 1.36 -25.45 2.75
CA THR A 265 2.58 -25.20 1.99
C THR A 265 3.64 -26.17 2.46
N PHE A 266 4.40 -26.71 1.52
CA PHE A 266 5.47 -27.65 1.86
C PHE A 266 6.71 -27.39 1.01
N ALA A 267 7.87 -27.80 1.51
CA ALA A 267 9.14 -27.62 0.82
C ALA A 267 10.25 -28.26 1.63
N LYS A 268 11.44 -27.68 1.60
CA LYS A 268 12.60 -28.20 2.32
C LYS A 268 12.75 -29.73 2.27
N SER A 269 12.45 -30.43 3.36
CA SER A 269 12.61 -31.89 3.39
C SER A 269 11.77 -32.72 2.41
N ILE A 270 10.73 -32.12 1.84
CA ILE A 270 9.87 -32.85 0.91
C ILE A 270 10.66 -33.58 -0.19
N ALA A 271 11.77 -33.00 -0.64
CA ALA A 271 12.57 -33.63 -1.69
C ALA A 271 14.01 -33.96 -1.26
N GLY A 272 14.25 -34.00 0.04
CA GLY A 272 15.55 -34.33 0.59
C GLY A 272 16.83 -33.79 -0.06
N GLY A 273 16.86 -32.50 -0.41
CA GLY A 273 18.07 -31.96 -1.01
C GLY A 273 17.93 -31.44 -2.43
N PHE A 274 16.71 -31.32 -2.92
CA PHE A 274 16.47 -30.82 -4.27
C PHE A 274 15.39 -29.74 -4.23
N PRO A 275 15.50 -28.72 -5.10
CA PRO A 275 14.56 -27.60 -5.16
C PRO A 275 13.14 -27.91 -5.58
N LEU A 276 12.25 -27.99 -4.60
CA LEU A 276 10.84 -28.25 -4.86
C LEU A 276 10.00 -27.76 -3.71
N ALA A 277 8.77 -27.37 -4.02
CA ALA A 277 7.81 -26.89 -3.01
C ALA A 277 6.41 -27.03 -3.62
N GLY A 278 5.37 -26.81 -2.81
CA GLY A 278 4.03 -26.91 -3.34
C GLY A 278 2.92 -26.47 -2.40
N VAL A 279 1.71 -26.46 -2.94
CA VAL A 279 0.55 -26.08 -2.17
C VAL A 279 -0.53 -27.09 -2.41
N THR A 280 -1.05 -27.64 -1.31
CA THR A 280 -2.12 -28.63 -1.36
C THR A 280 -3.27 -28.08 -0.52
N GLY A 281 -4.47 -28.07 -1.09
CA GLY A 281 -5.63 -27.58 -0.36
C GLY A 281 -6.96 -28.07 -0.86
N ARG A 282 -8.02 -27.67 -0.15
CA ARG A 282 -9.39 -28.02 -0.48
C ARG A 282 -9.55 -27.73 -1.97
N ALA A 283 -9.97 -28.74 -2.72
CA ALA A 283 -10.09 -28.59 -4.16
C ALA A 283 -10.79 -27.33 -4.64
N GLU A 284 -11.93 -27.01 -4.03
CA GLU A 284 -12.69 -25.83 -4.44
C GLU A 284 -11.93 -24.54 -4.24
N VAL A 285 -11.09 -24.49 -3.22
CA VAL A 285 -10.30 -23.30 -2.97
C VAL A 285 -9.19 -23.22 -4.03
N MET A 286 -8.51 -24.35 -4.26
CA MET A 286 -7.44 -24.39 -5.23
C MET A 286 -7.91 -23.99 -6.62
N ASP A 287 -9.09 -24.46 -7.01
CA ASP A 287 -9.64 -24.18 -8.33
C ASP A 287 -10.12 -22.74 -8.55
N ALA A 288 -10.16 -21.94 -7.49
CA ALA A 288 -10.62 -20.56 -7.60
C ALA A 288 -9.80 -19.69 -8.55
N VAL A 289 -8.51 -19.98 -8.68
CA VAL A 289 -7.67 -19.19 -9.58
C VAL A 289 -8.02 -19.55 -11.02
N ALA A 290 -8.11 -18.55 -11.88
CA ALA A 290 -8.45 -18.76 -13.29
C ALA A 290 -7.33 -19.46 -14.06
N PRO A 291 -7.69 -20.17 -15.14
CA PRO A 291 -6.71 -20.90 -15.96
C PRO A 291 -5.58 -20.00 -16.44
N GLY A 292 -4.36 -20.42 -16.17
CA GLY A 292 -3.20 -19.64 -16.58
C GLY A 292 -2.68 -18.69 -15.51
N GLY A 293 -3.41 -18.60 -14.40
CA GLY A 293 -3.00 -17.70 -13.33
C GLY A 293 -1.90 -18.23 -12.44
N LEU A 294 -1.64 -19.53 -12.49
CA LEU A 294 -0.60 -20.14 -11.67
C LEU A 294 0.50 -20.65 -12.57
N GLY A 295 1.74 -20.41 -12.19
CA GLY A 295 2.83 -20.88 -13.01
C GLY A 295 4.19 -20.27 -12.73
N GLY A 296 5.22 -21.08 -12.99
CA GLY A 296 6.59 -20.69 -12.80
C GLY A 296 7.46 -21.59 -13.67
N THR A 297 8.52 -21.02 -14.23
CA THR A 297 9.41 -21.75 -15.09
C THR A 297 9.88 -23.10 -14.58
N TYR A 298 10.57 -23.11 -13.43
CA TYR A 298 11.13 -24.34 -12.88
C TYR A 298 10.16 -25.19 -12.04
N ALA A 299 8.99 -24.65 -11.74
CA ALA A 299 8.00 -25.34 -10.91
C ALA A 299 7.90 -26.85 -11.09
N GLY A 300 7.98 -27.56 -9.97
CA GLY A 300 7.89 -29.01 -10.02
C GLY A 300 8.89 -29.58 -11.00
N ASN A 301 10.15 -29.20 -10.81
CA ASN A 301 11.23 -29.68 -11.65
C ASN A 301 11.25 -31.23 -11.64
N PRO A 302 11.43 -31.85 -12.81
CA PRO A 302 11.46 -33.31 -12.95
C PRO A 302 12.33 -34.07 -11.93
N ILE A 303 13.61 -33.71 -11.86
CA ILE A 303 14.55 -34.33 -10.92
C ILE A 303 14.06 -34.21 -9.46
N ALA A 304 13.65 -33.01 -9.08
CA ALA A 304 13.17 -32.78 -7.74
C ALA A 304 11.96 -33.66 -7.42
N CYS A 305 11.05 -33.79 -8.39
CA CYS A 305 9.85 -34.60 -8.19
C CYS A 305 10.18 -36.05 -7.92
N VAL A 306 10.95 -36.69 -8.79
CA VAL A 306 11.25 -38.10 -8.56
C VAL A 306 11.95 -38.23 -7.21
N ALA A 307 12.72 -37.20 -6.85
CA ALA A 307 13.42 -37.19 -5.56
C ALA A 307 12.37 -37.18 -4.44
N ALA A 308 11.40 -36.29 -4.55
CA ALA A 308 10.34 -36.19 -3.55
C ALA A 308 9.56 -37.51 -3.41
N LEU A 309 9.25 -38.13 -4.54
CA LEU A 309 8.52 -39.39 -4.53
C LEU A 309 9.30 -40.45 -3.76
N GLU A 310 10.62 -40.45 -3.95
CA GLU A 310 11.49 -41.42 -3.31
C GLU A 310 11.58 -41.15 -1.79
N VAL A 311 11.62 -39.88 -1.41
CA VAL A 311 11.67 -39.50 0.00
C VAL A 311 10.43 -40.08 0.68
N LEU A 312 9.29 -39.93 0.02
CA LEU A 312 8.02 -40.42 0.57
C LEU A 312 8.10 -41.93 0.71
N LYS A 313 8.68 -42.61 -0.29
CA LYS A 313 8.83 -44.06 -0.20
C LYS A 313 9.74 -44.42 0.97
N VAL A 314 10.83 -43.66 1.15
CA VAL A 314 11.78 -43.90 2.23
C VAL A 314 11.12 -43.75 3.59
N PHE A 315 10.33 -42.70 3.77
CA PHE A 315 9.68 -42.51 5.06
C PHE A 315 8.91 -43.76 5.43
N GLU A 316 8.26 -44.34 4.43
CA GLU A 316 7.46 -45.53 4.58
C GLU A 316 8.31 -46.76 4.89
N GLN A 317 9.22 -47.07 3.96
CA GLN A 317 10.09 -48.22 4.09
C GLN A 317 10.99 -48.23 5.31
N GLU A 318 11.54 -47.07 5.66
CA GLU A 318 12.44 -46.99 6.80
C GLU A 318 11.81 -46.51 8.11
N ASN A 319 10.49 -46.46 8.17
CA ASN A 319 9.80 -46.00 9.38
C ASN A 319 10.39 -44.71 9.96
N LEU A 320 10.57 -43.71 9.12
CA LEU A 320 11.15 -42.46 9.60
C LEU A 320 10.27 -41.69 10.59
N LEU A 321 8.95 -41.81 10.47
CA LEU A 321 8.07 -41.09 11.37
C LEU A 321 8.23 -41.63 12.79
N GLN A 322 8.25 -42.95 12.91
CA GLN A 322 8.41 -43.57 14.22
C GLN A 322 9.80 -43.20 14.75
N LYS A 323 10.80 -43.27 13.88
CA LYS A 323 12.16 -42.92 14.28
C LYS A 323 12.25 -41.46 14.72
N ALA A 324 11.51 -40.59 14.04
CA ALA A 324 11.50 -39.18 14.40
C ALA A 324 11.07 -39.06 15.86
N ASN A 325 9.98 -39.73 16.22
CA ASN A 325 9.51 -39.68 17.60
C ASN A 325 10.52 -40.30 18.57
N ASP A 326 11.06 -41.46 18.22
CA ASP A 326 12.03 -42.08 19.12
C ASP A 326 13.24 -41.16 19.28
N LEU A 327 13.70 -40.60 18.16
CA LEU A 327 14.85 -39.69 18.17
C LEU A 327 14.58 -38.48 19.05
N GLY A 328 13.37 -37.95 18.96
CA GLY A 328 13.01 -36.79 19.74
C GLY A 328 13.06 -37.04 21.23
N GLN A 329 12.54 -38.19 21.65
CA GLN A 329 12.53 -38.54 23.06
C GLN A 329 13.96 -38.72 23.58
N LYS A 330 14.79 -39.42 22.81
CA LYS A 330 16.18 -39.62 23.20
C LYS A 330 16.87 -38.28 23.34
N LEU A 331 16.60 -37.38 22.40
CA LEU A 331 17.22 -36.07 22.43
C LEU A 331 16.79 -35.26 23.65
N LYS A 332 15.49 -35.16 23.87
CA LYS A 332 15.00 -34.39 24.99
C LYS A 332 15.54 -34.92 26.33
N ASP A 333 15.58 -36.25 26.48
CA ASP A 333 16.08 -36.85 27.70
C ASP A 333 17.53 -36.48 27.95
N GLY A 334 18.35 -36.56 26.91
CA GLY A 334 19.74 -36.22 27.06
C GLY A 334 19.89 -34.73 27.33
N LEU A 335 18.99 -33.93 26.74
CA LEU A 335 19.06 -32.49 26.95
C LEU A 335 18.62 -32.16 28.37
N LEU A 336 17.61 -32.88 28.85
CA LEU A 336 17.12 -32.68 30.21
C LEU A 336 18.21 -33.07 31.23
N ALA A 337 19.01 -34.07 30.88
CA ALA A 337 20.10 -34.51 31.77
C ALA A 337 21.16 -33.41 31.84
N ILE A 338 21.41 -32.75 30.73
CA ILE A 338 22.37 -31.67 30.69
C ILE A 338 21.81 -30.48 31.46
N ALA A 339 20.49 -30.30 31.40
CA ALA A 339 19.86 -29.19 32.08
C ALA A 339 19.94 -29.30 33.61
N GLU A 340 20.08 -30.52 34.11
CA GLU A 340 20.19 -30.74 35.55
C GLU A 340 21.46 -30.06 36.07
N LYS A 341 22.45 -29.89 35.20
CA LYS A 341 23.71 -29.26 35.56
C LYS A 341 23.87 -27.86 35.00
N HIS A 342 22.83 -27.33 34.34
CA HIS A 342 22.93 -26.00 33.77
C HIS A 342 21.59 -25.27 33.79
N PRO A 343 21.38 -24.41 34.79
CA PRO A 343 20.14 -23.64 34.96
C PRO A 343 19.83 -22.77 33.75
N GLU A 344 20.86 -22.25 33.09
CA GLU A 344 20.69 -21.39 31.92
C GLU A 344 19.70 -22.00 30.91
N ILE A 345 19.54 -23.31 30.95
CA ILE A 345 18.61 -23.99 30.06
C ILE A 345 17.26 -23.94 30.75
N GLY A 346 16.39 -23.05 30.28
CA GLY A 346 15.07 -22.91 30.88
C GLY A 346 13.94 -23.72 30.29
N ASP A 347 14.19 -24.38 29.16
CA ASP A 347 13.16 -25.19 28.53
C ASP A 347 13.73 -26.17 27.51
N VAL A 348 13.11 -27.34 27.43
CA VAL A 348 13.48 -28.42 26.51
C VAL A 348 12.14 -28.78 25.88
N ARG A 349 12.05 -28.78 24.55
CA ARG A 349 10.74 -29.04 23.92
C ARG A 349 10.78 -29.52 22.48
N GLY A 350 9.61 -29.89 21.97
CA GLY A 350 9.51 -30.31 20.59
C GLY A 350 8.60 -31.49 20.30
N LEU A 351 7.94 -31.45 19.15
CA LEU A 351 7.09 -32.53 18.70
C LEU A 351 8.00 -33.37 17.82
N GLY A 352 7.84 -34.69 17.87
CA GLY A 352 8.70 -35.55 17.05
C GLY A 352 10.18 -35.23 17.20
N ALA A 353 10.83 -34.94 16.08
CA ALA A 353 12.25 -34.63 16.06
C ALA A 353 12.52 -33.12 15.89
N MET A 354 11.50 -32.30 16.13
CA MET A 354 11.66 -30.86 15.99
C MET A 354 12.02 -30.33 17.39
N ILE A 355 13.23 -30.69 17.81
CA ILE A 355 13.72 -30.35 19.13
C ILE A 355 14.52 -29.07 19.30
N ALA A 356 14.31 -28.41 20.43
CA ALA A 356 15.00 -27.17 20.77
C ALA A 356 15.10 -26.98 22.29
N ILE A 357 16.08 -26.21 22.72
CA ILE A 357 16.23 -25.87 24.12
C ILE A 357 16.40 -24.35 24.11
N GLU A 358 15.92 -23.69 25.16
CA GLU A 358 16.00 -22.24 25.22
C GLU A 358 16.82 -21.76 26.43
N LEU A 359 17.77 -20.86 26.18
CA LEU A 359 18.64 -20.38 27.25
C LEU A 359 18.24 -19.05 27.87
N PHE A 360 18.43 -18.95 29.19
CA PHE A 360 18.10 -17.75 29.96
C PHE A 360 19.25 -17.41 30.91
N GLU A 361 19.51 -16.13 31.09
CA GLU A 361 20.57 -15.71 32.01
C GLU A 361 20.08 -15.99 33.43
N ASP A 362 20.83 -16.81 34.17
CA ASP A 362 20.42 -17.13 35.53
C ASP A 362 18.99 -17.65 35.50
N GLY A 363 18.71 -18.53 34.56
CA GLY A 363 17.38 -19.10 34.44
C GLY A 363 16.23 -18.11 34.56
N ASP A 364 16.50 -16.85 34.25
CA ASP A 364 15.43 -15.85 34.33
C ASP A 364 14.68 -15.82 32.99
N HIS A 365 13.51 -16.45 32.98
CA HIS A 365 12.67 -16.56 31.79
C HIS A 365 12.35 -15.30 31.01
N ASN A 366 12.92 -14.16 31.42
CA ASN A 366 12.69 -12.92 30.69
C ASN A 366 14.04 -12.31 30.30
N LYS A 367 15.11 -13.04 30.55
CA LYS A 367 16.45 -12.60 30.20
C LYS A 367 17.04 -13.51 29.12
N PRO A 368 16.64 -13.33 27.86
CA PRO A 368 17.15 -14.16 26.77
C PRO A 368 18.68 -14.14 26.76
N ASP A 369 19.30 -15.32 26.82
CA ASP A 369 20.75 -15.40 26.83
C ASP A 369 21.31 -15.69 25.44
N ALA A 370 21.34 -14.66 24.59
CA ALA A 370 21.82 -14.84 23.25
C ALA A 370 23.33 -15.03 23.17
N LYS A 371 24.06 -14.45 24.13
CA LYS A 371 25.51 -14.57 24.12
C LYS A 371 25.94 -16.01 24.36
N LEU A 372 25.30 -16.67 25.30
CA LEU A 372 25.61 -18.06 25.60
C LEU A 372 25.25 -18.94 24.40
N THR A 373 24.04 -18.74 23.87
CA THR A 373 23.57 -19.49 22.72
C THR A 373 24.59 -19.43 21.60
N ALA A 374 25.07 -18.22 21.31
CA ALA A 374 26.07 -18.05 20.28
C ALA A 374 27.37 -18.77 20.69
N GLU A 375 27.68 -18.75 21.98
CA GLU A 375 28.90 -19.40 22.45
C GLU A 375 28.82 -20.92 22.25
N ILE A 376 27.65 -21.48 22.50
CA ILE A 376 27.47 -22.92 22.35
C ILE A 376 27.62 -23.34 20.88
N VAL A 377 27.05 -22.55 19.99
CA VAL A 377 27.16 -22.84 18.56
C VAL A 377 28.63 -22.80 18.14
N ALA A 378 29.37 -21.81 18.63
CA ALA A 378 30.79 -21.67 18.28
C ALA A 378 31.60 -22.84 18.84
N ARG A 379 31.39 -23.14 20.11
CA ARG A 379 32.08 -24.25 20.76
C ARG A 379 31.75 -25.57 20.04
N ALA A 380 30.46 -25.77 19.74
CA ALA A 380 30.03 -26.98 19.06
C ALA A 380 30.79 -27.14 17.73
N ARG A 381 30.93 -26.05 16.98
CA ARG A 381 31.63 -26.10 15.70
C ARG A 381 33.10 -26.52 15.89
N ASP A 382 33.73 -26.05 16.96
CA ASP A 382 35.12 -26.41 17.20
C ASP A 382 35.23 -27.88 17.57
N LYS A 383 34.14 -28.45 18.07
CA LYS A 383 34.10 -29.86 18.42
C LYS A 383 33.58 -30.71 17.27
N GLY A 384 33.38 -30.09 16.11
CA GLY A 384 32.89 -30.82 14.94
C GLY A 384 31.37 -30.95 14.80
N LEU A 385 30.60 -30.18 15.58
CA LEU A 385 29.14 -30.25 15.51
C LEU A 385 28.54 -28.99 14.91
N ILE A 386 27.78 -29.13 13.83
CA ILE A 386 27.15 -28.00 13.18
C ILE A 386 25.75 -27.78 13.78
N LEU A 387 25.54 -26.61 14.38
CA LEU A 387 24.25 -26.28 14.98
C LEU A 387 23.72 -24.96 14.47
N LEU A 388 22.44 -24.71 14.73
CA LEU A 388 21.77 -23.48 14.37
C LEU A 388 20.95 -23.02 15.57
N SER A 389 20.85 -21.70 15.73
CA SER A 389 20.05 -21.14 16.81
C SER A 389 18.85 -20.55 16.08
N CYS A 390 17.92 -19.99 16.83
CA CYS A 390 16.72 -19.40 16.25
C CYS A 390 15.96 -18.71 17.37
N GLY A 391 14.81 -18.14 17.04
CA GLY A 391 14.02 -17.42 18.03
C GLY A 391 14.19 -15.92 17.82
N PRO A 392 13.16 -15.12 18.16
CA PRO A 392 13.29 -13.67 17.99
C PRO A 392 14.45 -13.08 18.78
N TYR A 393 14.81 -13.71 19.90
CA TYR A 393 15.90 -13.21 20.73
C TYR A 393 17.19 -13.99 20.60
N TYR A 394 17.28 -14.84 19.58
CA TYR A 394 18.48 -15.61 19.33
C TYR A 394 18.98 -16.40 20.53
N ASN A 395 18.05 -16.93 21.31
CA ASN A 395 18.41 -17.68 22.49
C ASN A 395 17.84 -19.11 22.45
N VAL A 396 17.52 -19.58 21.25
CA VAL A 396 16.99 -20.93 21.10
C VAL A 396 17.91 -21.76 20.25
N LEU A 397 18.25 -22.95 20.74
CA LEU A 397 19.10 -23.87 20.03
C LEU A 397 18.17 -24.97 19.55
N ARG A 398 18.22 -25.26 18.25
CA ARG A 398 17.37 -26.30 17.68
C ARG A 398 18.21 -27.43 17.10
N ILE A 399 17.57 -28.59 16.95
CA ILE A 399 18.23 -29.75 16.37
C ILE A 399 17.42 -30.21 15.16
N LEU A 400 18.04 -30.16 13.99
CA LEU A 400 17.36 -30.57 12.78
C LEU A 400 18.16 -31.65 12.06
N VAL A 401 18.89 -32.43 12.84
CA VAL A 401 19.71 -33.53 12.29
C VAL A 401 18.80 -34.51 11.51
N PRO A 402 19.32 -35.09 10.42
CA PRO A 402 18.52 -36.05 9.63
C PRO A 402 17.87 -37.10 10.52
N LEU A 403 16.70 -37.56 10.13
CA LEU A 403 15.99 -38.57 10.92
C LEU A 403 16.67 -39.92 10.75
N THR A 404 17.50 -40.00 9.70
CA THR A 404 18.23 -41.22 9.40
C THR A 404 19.52 -41.31 10.23
N ILE A 405 19.63 -40.45 11.24
CA ILE A 405 20.81 -40.42 12.09
C ILE A 405 21.16 -41.80 12.69
N GLU A 406 22.46 -42.05 12.88
CA GLU A 406 22.94 -43.30 13.48
C GLU A 406 22.82 -43.23 15.01
N ASP A 407 22.63 -44.37 15.67
CA ASP A 407 22.54 -44.44 17.13
C ASP A 407 23.75 -43.71 17.75
N ALA A 408 24.94 -44.00 17.23
CA ALA A 408 26.18 -43.42 17.73
C ALA A 408 26.20 -41.91 17.61
N GLN A 409 25.66 -41.39 16.53
CA GLN A 409 25.66 -39.95 16.34
C GLN A 409 24.70 -39.27 17.32
N ILE A 410 23.71 -40.01 17.81
CA ILE A 410 22.80 -39.44 18.79
C ILE A 410 23.63 -39.21 20.07
N ARG A 411 24.46 -40.20 20.41
CA ARG A 411 25.31 -40.11 21.59
C ARG A 411 26.33 -39.01 21.42
N GLN A 412 26.96 -38.99 20.26
CA GLN A 412 28.00 -38.03 19.94
C GLN A 412 27.54 -36.54 19.99
N GLY A 413 26.41 -36.24 19.36
CA GLY A 413 25.90 -34.88 19.35
C GLY A 413 25.56 -34.40 20.73
N LEU A 414 24.86 -35.23 21.50
CA LEU A 414 24.48 -34.88 22.86
C LEU A 414 25.74 -34.71 23.73
N GLU A 415 26.69 -35.64 23.60
CA GLU A 415 27.92 -35.56 24.38
C GLU A 415 28.64 -34.27 24.08
N ILE A 416 28.75 -33.92 22.80
CA ILE A 416 29.41 -32.69 22.42
C ILE A 416 28.71 -31.49 23.06
N ILE A 417 27.39 -31.44 22.92
CA ILE A 417 26.62 -30.35 23.49
C ILE A 417 26.93 -30.23 24.98
N SER A 418 26.87 -31.37 25.67
CA SER A 418 27.17 -31.43 27.09
C SER A 418 28.53 -30.79 27.36
N GLN A 419 29.54 -31.19 26.60
CA GLN A 419 30.86 -30.61 26.79
C GLN A 419 30.80 -29.10 26.58
N CYS A 420 30.03 -28.67 25.58
CA CYS A 420 29.92 -27.23 25.30
C CYS A 420 29.42 -26.45 26.50
N PHE A 421 28.36 -26.92 27.15
CA PHE A 421 27.87 -26.22 28.32
C PHE A 421 28.89 -26.32 29.46
N ASP A 422 29.50 -27.49 29.64
CA ASP A 422 30.48 -27.67 30.70
C ASP A 422 31.68 -26.74 30.49
N GLU A 423 32.21 -26.72 29.28
CA GLU A 423 33.36 -25.89 29.01
C GLU A 423 33.06 -24.39 28.93
N ALA A 424 31.79 -24.05 28.88
CA ALA A 424 31.39 -22.66 28.83
C ALA A 424 31.21 -22.18 30.26
N LYS A 425 30.69 -23.07 31.12
CA LYS A 425 30.46 -22.73 32.52
C LYS A 425 31.76 -22.50 33.28
N GLN A 426 32.88 -22.93 32.71
CA GLN A 426 34.16 -22.73 33.36
C GLN A 426 34.53 -21.25 33.27
N ASN B 2 0.47 -43.96 -19.61
CA ASN B 2 0.86 -44.58 -20.92
C ASN B 2 0.32 -43.78 -22.10
N SER B 3 -0.80 -43.10 -21.90
CA SER B 3 -1.35 -42.27 -22.98
C SER B 3 -1.41 -40.83 -22.48
N ASN B 4 -1.29 -39.87 -23.39
CA ASN B 4 -1.34 -38.46 -23.04
C ASN B 4 -2.68 -38.10 -22.42
N LYS B 5 -3.77 -38.54 -23.05
CA LYS B 5 -5.11 -38.21 -22.57
C LYS B 5 -5.39 -38.80 -21.20
N GLU B 6 -4.90 -40.01 -20.95
CA GLU B 6 -5.13 -40.65 -19.66
C GLU B 6 -4.50 -39.77 -18.58
N LEU B 7 -3.28 -39.30 -18.84
CA LEU B 7 -2.55 -38.47 -17.91
C LEU B 7 -3.21 -37.10 -17.77
N MET B 8 -3.73 -36.57 -18.86
CA MET B 8 -4.43 -35.26 -18.81
C MET B 8 -5.66 -35.37 -17.89
N GLN B 9 -6.33 -36.52 -17.94
CA GLN B 9 -7.50 -36.76 -17.11
C GLN B 9 -7.03 -36.78 -15.65
N ARG B 10 -5.97 -37.52 -15.36
CA ARG B 10 -5.47 -37.55 -13.99
C ARG B 10 -5.03 -36.15 -13.56
N ARG B 11 -4.52 -35.36 -14.50
CA ARG B 11 -4.11 -33.98 -14.22
C ARG B 11 -5.31 -33.13 -13.83
N SER B 12 -6.44 -33.32 -14.51
CA SER B 12 -7.65 -32.54 -14.24
C SER B 12 -8.26 -32.81 -12.88
N GLN B 13 -7.98 -33.97 -12.32
CA GLN B 13 -8.53 -34.31 -11.01
C GLN B 13 -7.59 -33.99 -9.86
N ALA B 14 -6.29 -33.97 -10.13
CA ALA B 14 -5.30 -33.74 -9.09
C ALA B 14 -4.67 -32.35 -9.04
N ILE B 15 -4.71 -31.62 -10.15
CA ILE B 15 -4.09 -30.31 -10.22
C ILE B 15 -5.09 -29.24 -10.61
N PRO B 16 -5.03 -28.08 -9.94
CA PRO B 16 -5.93 -26.95 -10.19
C PRO B 16 -5.88 -26.43 -11.63
N ARG B 17 -7.01 -25.91 -12.08
CA ARG B 17 -7.12 -25.38 -13.42
C ARG B 17 -6.27 -24.12 -13.57
N GLY B 18 -5.90 -23.51 -12.46
CA GLY B 18 -5.08 -22.31 -12.51
C GLY B 18 -3.81 -22.56 -13.31
N VAL B 19 -3.28 -23.76 -13.17
CA VAL B 19 -2.09 -24.16 -13.90
C VAL B 19 -2.51 -24.56 -15.32
N GLY B 20 -2.24 -23.67 -16.27
CA GLY B 20 -2.59 -23.95 -17.66
C GLY B 20 -1.72 -25.03 -18.28
N GLN B 21 -2.16 -25.53 -19.44
CA GLN B 21 -1.41 -26.55 -20.15
C GLN B 21 -1.43 -26.16 -21.62
N ILE B 22 -0.31 -25.64 -22.10
CA ILE B 22 -0.22 -25.21 -23.49
C ILE B 22 -0.41 -26.41 -24.42
N HIS B 23 0.40 -27.44 -24.20
CA HIS B 23 0.34 -28.64 -25.01
C HIS B 23 -0.11 -29.79 -24.11
N PRO B 24 -1.25 -30.42 -24.42
CA PRO B 24 -1.79 -31.53 -23.61
C PRO B 24 -1.02 -32.81 -23.89
N ILE B 25 0.29 -32.71 -23.71
CA ILE B 25 1.22 -33.81 -23.97
C ILE B 25 2.14 -34.04 -22.78
N PHE B 26 2.36 -35.30 -22.45
CA PHE B 26 3.26 -35.65 -21.35
C PHE B 26 4.60 -36.16 -21.91
N ALA B 27 5.66 -35.38 -21.73
CA ALA B 27 6.98 -35.76 -22.22
C ALA B 27 7.56 -36.84 -21.32
N ASP B 28 8.26 -37.79 -21.93
CA ASP B 28 8.87 -38.87 -21.16
C ASP B 28 10.38 -38.73 -21.06
N ARG B 29 11.00 -38.35 -22.17
CA ARG B 29 12.43 -38.18 -22.22
C ARG B 29 12.75 -37.23 -23.37
N ALA B 30 13.98 -36.75 -23.38
CA ALA B 30 14.39 -35.81 -24.40
C ALA B 30 15.91 -35.77 -24.57
N GLU B 31 16.33 -35.23 -25.69
CA GLU B 31 17.75 -35.11 -25.97
C GLU B 31 17.95 -33.97 -26.95
N ASN B 32 18.76 -32.99 -26.54
CA ASN B 32 19.05 -31.82 -27.36
C ASN B 32 17.74 -31.13 -27.80
N CYS B 33 17.36 -31.28 -29.08
CA CYS B 33 16.13 -30.67 -29.58
C CYS B 33 14.97 -31.65 -29.78
N ARG B 34 15.14 -32.88 -29.31
CA ARG B 34 14.10 -33.89 -29.45
C ARG B 34 13.40 -34.24 -28.14
N VAL B 35 12.09 -34.44 -28.22
CA VAL B 35 11.31 -34.81 -27.06
C VAL B 35 10.36 -35.93 -27.48
N TRP B 36 10.25 -36.96 -26.64
CA TRP B 36 9.35 -38.09 -26.88
C TRP B 36 8.31 -38.12 -25.78
N ASP B 37 7.03 -38.29 -26.12
CA ASP B 37 6.03 -38.33 -25.07
C ASP B 37 5.84 -39.74 -24.52
N VAL B 38 4.89 -39.90 -23.62
CA VAL B 38 4.67 -41.22 -23.02
C VAL B 38 4.18 -42.22 -24.04
N GLU B 39 3.83 -41.76 -25.23
CA GLU B 39 3.35 -42.66 -26.27
C GLU B 39 4.44 -42.97 -27.30
N GLY B 40 5.62 -42.40 -27.08
CA GLY B 40 6.71 -42.64 -28.01
C GLY B 40 6.75 -41.68 -29.19
N ARG B 41 5.79 -40.77 -29.28
CA ARG B 41 5.78 -39.83 -30.38
C ARG B 41 6.92 -38.81 -30.23
N GLU B 42 7.64 -38.55 -31.31
CA GLU B 42 8.76 -37.61 -31.29
C GLU B 42 8.40 -36.20 -31.73
N TYR B 43 8.89 -35.20 -31.01
CA TYR B 43 8.61 -33.82 -31.36
C TYR B 43 9.90 -33.02 -31.46
N LEU B 44 9.85 -31.95 -32.23
CA LEU B 44 10.98 -31.06 -32.39
C LEU B 44 10.64 -29.89 -31.44
N ASP B 45 11.52 -29.64 -30.48
CA ASP B 45 11.28 -28.59 -29.49
C ASP B 45 11.72 -27.20 -29.89
N PHE B 46 10.76 -26.33 -30.18
CA PHE B 46 11.07 -24.95 -30.56
C PHE B 46 10.67 -24.01 -29.42
N ALA B 47 10.36 -24.57 -28.25
CA ALA B 47 9.98 -23.74 -27.10
C ALA B 47 11.10 -23.75 -26.06
N GLY B 48 11.83 -24.87 -26.00
CA GLY B 48 12.93 -25.01 -25.06
C GLY B 48 12.56 -24.80 -23.59
N GLY B 49 11.45 -25.37 -23.15
CA GLY B 49 11.02 -25.21 -21.77
C GLY B 49 10.94 -23.73 -21.41
N ILE B 50 10.64 -22.93 -22.43
CA ILE B 50 10.55 -21.47 -22.35
C ILE B 50 11.92 -20.80 -22.15
N ALA B 51 12.76 -20.89 -23.17
CA ALA B 51 14.09 -20.28 -23.17
C ALA B 51 15.04 -20.77 -22.09
N VAL B 52 14.79 -21.98 -21.57
CA VAL B 52 15.62 -22.57 -20.53
C VAL B 52 16.67 -23.52 -21.09
N LEU B 53 16.49 -23.96 -22.32
CA LEU B 53 17.39 -24.95 -22.92
C LEU B 53 18.22 -24.51 -24.12
N ASN B 54 18.95 -23.42 -23.96
CA ASN B 54 19.78 -22.95 -25.06
C ASN B 54 20.87 -23.99 -25.39
N THR B 55 21.25 -24.80 -24.39
CA THR B 55 22.26 -25.84 -24.59
C THR B 55 21.60 -27.18 -24.90
N GLY B 56 20.29 -27.17 -25.12
CA GLY B 56 19.57 -28.40 -25.42
C GLY B 56 19.18 -29.25 -24.21
N HIS B 57 18.26 -30.18 -24.42
CA HIS B 57 17.84 -31.07 -23.34
C HIS B 57 19.00 -31.97 -22.99
N LEU B 58 19.27 -32.10 -21.69
CA LEU B 58 20.33 -32.97 -21.22
C LEU B 58 21.67 -32.92 -21.96
N HIS B 59 22.23 -31.72 -22.14
CA HIS B 59 23.53 -31.61 -22.80
C HIS B 59 24.50 -32.52 -22.04
N PRO B 60 25.12 -33.47 -22.73
CA PRO B 60 26.06 -34.41 -22.13
C PRO B 60 27.15 -33.84 -21.21
N LYS B 61 27.75 -32.71 -21.58
CA LYS B 61 28.77 -32.10 -20.72
C LYS B 61 28.08 -31.65 -19.43
N VAL B 62 26.93 -31.02 -19.58
CA VAL B 62 26.16 -30.52 -18.45
C VAL B 62 25.73 -31.66 -17.52
N VAL B 63 25.23 -32.75 -18.10
CA VAL B 63 24.80 -33.88 -17.30
C VAL B 63 25.97 -34.51 -16.54
N ALA B 64 27.11 -34.68 -17.22
CA ALA B 64 28.29 -35.25 -16.58
C ALA B 64 28.70 -34.41 -15.36
N ALA B 65 28.65 -33.09 -15.50
CA ALA B 65 29.00 -32.20 -14.39
C ALA B 65 28.03 -32.47 -13.23
N VAL B 66 26.75 -32.49 -13.56
CA VAL B 66 25.70 -32.75 -12.57
C VAL B 66 25.89 -34.10 -11.85
N GLU B 67 26.25 -35.13 -12.59
CA GLU B 67 26.45 -36.44 -11.96
C GLU B 67 27.62 -36.45 -10.96
N ALA B 68 28.70 -35.75 -11.31
CA ALA B 68 29.87 -35.66 -10.42
C ALA B 68 29.50 -35.00 -9.09
N GLN B 69 28.77 -33.89 -9.15
CA GLN B 69 28.36 -33.17 -7.96
C GLN B 69 27.38 -34.00 -7.17
N LEU B 70 26.56 -34.76 -7.88
CA LEU B 70 25.58 -35.61 -7.22
C LEU B 70 26.30 -36.64 -6.33
N LYS B 71 27.56 -36.91 -6.64
CA LYS B 71 28.34 -37.84 -5.85
C LYS B 71 28.89 -37.15 -4.58
N LYS B 72 28.91 -35.83 -4.56
CA LYS B 72 29.45 -35.10 -3.42
C LYS B 72 28.40 -34.60 -2.42
N LEU B 73 27.48 -33.79 -2.92
CA LEU B 73 26.39 -33.26 -2.10
C LEU B 73 25.43 -32.46 -2.98
N SER B 74 24.17 -32.40 -2.56
CA SER B 74 23.16 -31.70 -3.34
C SER B 74 22.64 -30.49 -2.59
N HIS B 75 22.89 -30.43 -1.29
CA HIS B 75 22.39 -29.32 -0.53
C HIS B 75 22.98 -29.15 0.88
N THR B 76 23.11 -27.91 1.31
CA THR B 76 23.58 -27.61 2.67
C THR B 76 22.99 -26.27 3.06
N CYS B 77 22.57 -25.51 2.05
CA CYS B 77 22.08 -24.14 2.20
C CYS B 77 23.35 -23.32 2.42
N PHE B 78 23.79 -22.65 1.35
CA PHE B 78 25.00 -21.86 1.38
C PHE B 78 25.18 -21.02 2.65
N GLN B 79 24.11 -20.37 3.10
CA GLN B 79 24.17 -19.52 4.30
C GLN B 79 24.64 -20.25 5.55
N VAL B 80 24.40 -21.54 5.62
CA VAL B 80 24.80 -22.34 6.76
C VAL B 80 26.24 -22.85 6.54
N LEU B 81 26.42 -23.67 5.52
CA LEU B 81 27.74 -24.19 5.15
C LEU B 81 27.92 -23.80 3.69
N ALA B 82 29.00 -23.10 3.37
CA ALA B 82 29.22 -22.70 1.99
C ALA B 82 29.77 -23.86 1.19
N TYR B 83 29.98 -23.64 -0.11
CA TYR B 83 30.53 -24.65 -1.00
C TYR B 83 31.01 -23.95 -2.25
N GLU B 84 32.03 -24.53 -2.89
CA GLU B 84 32.67 -23.95 -4.06
C GLU B 84 31.90 -23.66 -5.34
N PRO B 85 30.99 -24.56 -5.77
CA PRO B 85 30.27 -24.25 -7.02
C PRO B 85 29.53 -22.91 -6.95
N TYR B 86 28.97 -22.60 -5.79
CA TYR B 86 28.27 -21.34 -5.60
C TYR B 86 29.28 -20.21 -5.84
N LEU B 87 30.32 -20.18 -5.02
CA LEU B 87 31.38 -19.17 -5.10
C LEU B 87 31.93 -18.99 -6.50
N GLU B 88 32.30 -20.11 -7.10
CA GLU B 88 32.88 -20.10 -8.42
C GLU B 88 31.97 -19.48 -9.47
N LEU B 89 30.69 -19.83 -9.45
CA LEU B 89 29.76 -19.29 -10.43
C LEU B 89 29.60 -17.78 -10.22
N CYS B 90 29.54 -17.36 -8.97
CA CYS B 90 29.42 -15.94 -8.67
C CYS B 90 30.58 -15.15 -9.28
N GLU B 91 31.81 -15.67 -9.13
CA GLU B 91 32.99 -15.00 -9.70
C GLU B 91 32.87 -14.94 -11.21
N ILE B 92 32.45 -16.04 -11.82
CA ILE B 92 32.30 -16.05 -13.26
C ILE B 92 31.22 -15.06 -13.69
N MET B 93 30.11 -15.01 -12.95
CA MET B 93 29.04 -14.08 -13.33
C MET B 93 29.52 -12.64 -13.20
N ASN B 94 30.35 -12.38 -12.19
CA ASN B 94 30.86 -11.03 -11.97
C ASN B 94 31.67 -10.56 -13.19
N GLN B 95 32.31 -11.52 -13.86
CA GLN B 95 33.11 -11.22 -15.05
C GLN B 95 32.31 -11.13 -16.34
N LYS B 96 31.31 -11.99 -16.49
CA LYS B 96 30.51 -12.06 -17.72
C LYS B 96 29.43 -10.99 -17.92
N VAL B 97 28.82 -10.55 -16.82
CA VAL B 97 27.76 -9.56 -16.90
C VAL B 97 28.43 -8.23 -17.22
N PRO B 98 27.95 -7.52 -18.25
CA PRO B 98 28.55 -6.23 -18.62
C PRO B 98 28.71 -5.22 -17.49
N GLY B 99 29.86 -4.55 -17.48
CA GLY B 99 30.14 -3.54 -16.47
C GLY B 99 31.63 -3.48 -16.18
N ASP B 100 32.23 -2.30 -16.26
CA ASP B 100 33.67 -2.24 -16.01
C ASP B 100 34.02 -2.11 -14.53
N PHE B 101 33.01 -1.98 -13.69
CA PHE B 101 33.22 -1.86 -12.25
C PHE B 101 33.16 -3.25 -11.63
N ALA B 102 33.52 -3.37 -10.36
CA ALA B 102 33.46 -4.65 -9.68
C ALA B 102 32.00 -5.03 -9.38
N LYS B 103 31.66 -6.29 -9.59
CA LYS B 103 30.30 -6.73 -9.33
C LYS B 103 30.31 -7.84 -8.30
N LYS B 104 29.14 -8.06 -7.71
CA LYS B 104 28.97 -9.15 -6.76
C LYS B 104 27.71 -9.87 -7.23
N THR B 105 27.65 -11.17 -6.98
CA THR B 105 26.51 -11.96 -7.40
C THR B 105 25.85 -12.68 -6.24
N LEU B 106 24.52 -12.65 -6.26
CA LEU B 106 23.73 -13.34 -5.26
C LEU B 106 23.05 -14.46 -6.04
N LEU B 107 23.01 -15.66 -5.47
CA LEU B 107 22.33 -16.74 -6.17
C LEU B 107 21.08 -17.10 -5.42
N VAL B 108 19.97 -17.22 -6.15
CA VAL B 108 18.70 -17.62 -5.56
C VAL B 108 18.29 -18.85 -6.38
N THR B 109 16.99 -19.06 -6.60
CA THR B 109 16.57 -20.24 -7.33
C THR B 109 15.69 -20.00 -8.55
N THR B 110 14.73 -19.08 -8.46
CA THR B 110 13.84 -18.81 -9.59
C THR B 110 13.94 -17.36 -10.08
N GLY B 111 13.57 -17.15 -11.36
CA GLY B 111 13.60 -15.82 -11.94
C GLY B 111 12.82 -14.81 -11.10
N SER B 112 11.70 -15.26 -10.55
CA SER B 112 10.88 -14.38 -9.69
C SER B 112 11.69 -13.91 -8.49
N GLU B 113 12.41 -14.83 -7.88
CA GLU B 113 13.25 -14.51 -6.73
C GLU B 113 14.31 -13.51 -7.10
N ALA B 114 14.93 -13.70 -8.25
CA ALA B 114 15.99 -12.79 -8.68
C ALA B 114 15.45 -11.37 -8.79
N VAL B 115 14.31 -11.20 -9.46
CA VAL B 115 13.76 -9.86 -9.59
C VAL B 115 13.40 -9.33 -8.21
N GLU B 116 12.75 -10.16 -7.41
CA GLU B 116 12.40 -9.75 -6.05
C GLU B 116 13.64 -9.22 -5.32
N ASN B 117 14.73 -9.98 -5.37
CA ASN B 117 15.95 -9.59 -4.69
C ASN B 117 16.67 -8.41 -5.30
N ALA B 118 16.60 -8.27 -6.62
CA ALA B 118 17.24 -7.15 -7.28
C ALA B 118 16.62 -5.87 -6.73
N VAL B 119 15.29 -5.86 -6.62
CA VAL B 119 14.56 -4.70 -6.12
C VAL B 119 14.91 -4.44 -4.65
N LYS B 120 14.90 -5.48 -3.82
CA LYS B 120 15.23 -5.32 -2.40
C LYS B 120 16.57 -4.59 -2.29
N ILE B 121 17.53 -5.07 -3.08
CA ILE B 121 18.88 -4.50 -3.11
C ILE B 121 18.90 -3.03 -3.56
N ALA B 122 18.20 -2.70 -4.64
CA ALA B 122 18.18 -1.32 -5.09
C ALA B 122 17.54 -0.42 -4.00
N ARG B 123 16.60 -0.97 -3.24
CA ARG B 123 15.93 -0.20 -2.21
C ARG B 123 16.87 0.07 -1.04
N ALA B 124 17.61 -0.95 -0.64
CA ALA B 124 18.56 -0.81 0.45
C ALA B 124 19.69 0.15 0.06
N ALA B 125 20.11 0.09 -1.20
CA ALA B 125 21.21 0.92 -1.71
C ALA B 125 20.84 2.39 -1.87
N THR B 126 19.62 2.66 -2.34
CA THR B 126 19.20 4.02 -2.57
C THR B 126 18.38 4.56 -1.41
N LYS B 127 17.93 3.65 -0.56
CA LYS B 127 17.09 4.05 0.55
C LYS B 127 15.83 4.74 0.03
N ARG B 128 15.23 4.12 -0.97
CA ARG B 128 13.99 4.58 -1.59
C ARG B 128 13.08 3.35 -1.73
N SER B 129 11.79 3.56 -1.86
CA SER B 129 10.84 2.45 -1.92
C SER B 129 10.17 2.14 -3.27
N GLY B 130 10.04 3.15 -4.14
CA GLY B 130 9.37 2.92 -5.40
C GLY B 130 10.17 2.33 -6.53
N THR B 131 9.48 1.74 -7.51
CA THR B 131 10.14 1.18 -8.68
C THR B 131 9.31 1.48 -9.91
N ILE B 132 9.94 1.49 -11.07
CA ILE B 132 9.23 1.74 -12.32
C ILE B 132 9.45 0.54 -13.22
N ALA B 133 8.37 0.09 -13.87
CA ALA B 133 8.41 -1.06 -14.80
C ALA B 133 7.67 -0.70 -16.09
N PHE B 134 7.81 -1.49 -17.14
CA PHE B 134 7.17 -1.15 -18.42
C PHE B 134 5.94 -1.94 -18.84
N SER B 135 5.18 -1.32 -19.74
CA SER B 135 3.97 -1.90 -20.27
C SER B 135 4.34 -3.19 -21.00
N GLY B 136 3.53 -4.22 -20.80
CA GLY B 136 3.76 -5.50 -21.45
C GLY B 136 4.91 -6.29 -20.85
N ALA B 137 5.43 -5.81 -19.73
CA ALA B 137 6.56 -6.48 -19.10
C ALA B 137 6.17 -7.74 -18.33
N TYR B 138 7.13 -8.64 -18.15
CA TYR B 138 6.88 -9.85 -17.39
C TYR B 138 8.06 -10.11 -16.43
N HIS B 139 7.78 -10.24 -15.14
CA HIS B 139 8.85 -10.43 -14.16
C HIS B 139 8.66 -11.53 -13.13
N GLY B 140 7.57 -12.29 -13.21
CA GLY B 140 7.37 -13.35 -12.23
C GLY B 140 5.99 -13.33 -11.61
N ARG B 141 5.67 -14.39 -10.86
CA ARG B 141 4.35 -14.52 -10.27
C ARG B 141 4.23 -14.41 -8.76
N THR B 142 5.15 -13.70 -8.12
CA THR B 142 5.07 -13.47 -6.69
C THR B 142 4.26 -12.17 -6.65
N HIS B 143 3.63 -11.86 -5.52
CA HIS B 143 2.85 -10.62 -5.45
C HIS B 143 3.62 -9.45 -6.04
N TYR B 144 4.82 -9.19 -5.54
CA TYR B 144 5.57 -8.04 -6.04
C TYR B 144 5.94 -8.08 -7.51
N THR B 145 6.33 -9.26 -8.00
CA THR B 145 6.70 -9.34 -9.42
C THR B 145 5.46 -9.26 -10.29
N LEU B 146 4.29 -9.63 -9.73
CA LEU B 146 3.05 -9.54 -10.50
C LEU B 146 2.74 -8.07 -10.67
N ALA B 147 3.06 -7.29 -9.65
CA ALA B 147 2.83 -5.84 -9.71
C ALA B 147 3.78 -5.23 -10.76
N LEU B 148 5.00 -5.75 -10.84
CA LEU B 148 6.00 -5.26 -11.80
C LEU B 148 5.61 -5.70 -13.20
N THR B 149 5.05 -6.90 -13.28
CA THR B 149 4.58 -7.47 -14.53
C THR B 149 3.45 -6.57 -15.08
N GLY B 150 3.57 -6.20 -16.36
CA GLY B 150 2.56 -5.35 -16.97
C GLY B 150 1.51 -6.19 -17.68
N LYS B 151 0.67 -6.84 -16.89
CA LYS B 151 -0.39 -7.71 -17.40
C LYS B 151 -1.15 -8.21 -16.19
N VAL B 152 -2.42 -7.85 -16.08
CA VAL B 152 -3.20 -8.26 -14.93
C VAL B 152 -3.84 -9.63 -15.08
N ASN B 153 -4.61 -9.81 -16.14
CA ASN B 153 -5.30 -11.07 -16.40
C ASN B 153 -4.38 -12.04 -17.16
N PRO B 154 -4.36 -13.34 -16.76
CA PRO B 154 -5.09 -13.99 -15.68
C PRO B 154 -4.36 -14.10 -14.33
N TYR B 155 -3.10 -13.71 -14.30
CA TYR B 155 -2.28 -13.77 -13.08
C TYR B 155 -2.92 -13.25 -11.79
N SER B 156 -3.69 -12.17 -11.84
CA SER B 156 -4.30 -11.61 -10.64
C SER B 156 -5.82 -11.68 -10.54
N ALA B 157 -6.49 -12.25 -11.54
CA ALA B 157 -7.96 -12.31 -11.52
C ALA B 157 -8.58 -12.77 -10.21
N GLY B 158 -9.55 -12.00 -9.73
CA GLY B 158 -10.25 -12.33 -8.49
C GLY B 158 -9.45 -12.12 -7.22
N MET B 159 -8.16 -11.88 -7.37
CA MET B 159 -7.26 -11.69 -6.23
C MET B 159 -7.30 -10.27 -5.63
N GLY B 160 -7.62 -9.29 -6.47
CA GLY B 160 -7.64 -7.93 -6.00
C GLY B 160 -6.34 -7.27 -6.45
N LEU B 161 -6.11 -6.03 -6.01
CA LEU B 161 -4.92 -5.30 -6.42
C LEU B 161 -3.62 -5.77 -5.77
N MET B 162 -2.60 -5.86 -6.61
CA MET B 162 -1.26 -6.28 -6.18
C MET B 162 -0.57 -5.09 -5.46
N PRO B 163 0.62 -5.31 -4.86
CA PRO B 163 1.36 -4.26 -4.15
C PRO B 163 1.53 -2.95 -4.90
N GLY B 164 1.27 -1.84 -4.19
CA GLY B 164 1.41 -0.54 -4.80
C GLY B 164 2.86 -0.08 -4.97
N HIS B 165 3.01 1.21 -5.25
CA HIS B 165 4.31 1.84 -5.44
C HIS B 165 5.18 1.20 -6.51
N VAL B 166 4.50 0.86 -7.59
CA VAL B 166 5.11 0.32 -8.79
C VAL B 166 4.45 1.20 -9.83
N TYR B 167 5.24 1.92 -10.61
CA TYR B 167 4.68 2.81 -11.60
C TYR B 167 4.97 2.32 -13.01
N ARG B 168 4.01 2.53 -13.91
CA ARG B 168 4.10 2.02 -15.28
C ARG B 168 4.60 2.99 -16.34
N ALA B 169 5.68 2.61 -17.01
CA ALA B 169 6.25 3.43 -18.07
C ALA B 169 5.97 2.66 -19.36
N LEU B 170 6.04 3.35 -20.49
CA LEU B 170 5.77 2.73 -21.78
C LEU B 170 7.00 2.13 -22.44
N TYR B 171 6.94 0.86 -22.81
CA TYR B 171 8.08 0.24 -23.46
C TYR B 171 8.10 0.76 -24.91
N PRO B 172 9.27 1.18 -25.39
CA PRO B 172 9.40 1.69 -26.76
C PRO B 172 9.05 0.63 -27.80
N CYS B 173 8.20 0.98 -28.76
CA CYS B 173 7.81 0.01 -29.78
C CYS B 173 7.17 0.68 -30.98
N PRO B 174 8.00 1.18 -31.90
CA PRO B 174 7.54 1.88 -33.12
C PRO B 174 6.50 1.10 -33.92
N LEU B 175 6.75 -0.19 -34.13
CA LEU B 175 5.80 -1.02 -34.86
C LEU B 175 4.37 -0.78 -34.39
N HIS B 176 4.22 -0.37 -33.13
CA HIS B 176 2.89 -0.14 -32.58
C HIS B 176 2.69 1.29 -32.08
N GLY B 177 3.34 2.23 -32.75
CA GLY B 177 3.18 3.63 -32.40
C GLY B 177 3.77 4.19 -31.13
N ILE B 178 4.55 3.42 -30.39
CA ILE B 178 5.15 3.97 -29.18
C ILE B 178 6.61 4.30 -29.49
N SER B 179 6.93 5.59 -29.59
CA SER B 179 8.28 6.04 -29.89
C SER B 179 9.20 6.03 -28.67
N GLU B 180 10.49 6.23 -28.93
CA GLU B 180 11.45 6.28 -27.86
C GLU B 180 11.19 7.54 -27.04
N ASP B 181 10.78 8.61 -27.72
CA ASP B 181 10.48 9.85 -27.02
C ASP B 181 9.28 9.63 -26.10
N ASP B 182 8.31 8.85 -26.55
CA ASP B 182 7.13 8.57 -25.75
C ASP B 182 7.52 7.81 -24.50
N ALA B 183 8.33 6.77 -24.68
CA ALA B 183 8.77 5.96 -23.56
C ALA B 183 9.48 6.83 -22.54
N ILE B 184 10.44 7.61 -23.00
CA ILE B 184 11.18 8.47 -22.09
C ILE B 184 10.24 9.49 -21.46
N ALA B 185 9.34 10.05 -22.26
CA ALA B 185 8.39 11.02 -21.75
C ALA B 185 7.51 10.40 -20.66
N SER B 186 7.17 9.12 -20.84
CA SER B 186 6.33 8.41 -19.88
C SER B 186 6.98 8.24 -18.51
N ILE B 187 8.31 8.35 -18.44
CA ILE B 187 9.00 8.23 -17.17
C ILE B 187 8.98 9.57 -16.44
N HIS B 188 9.25 10.64 -17.17
CA HIS B 188 9.22 11.98 -16.59
C HIS B 188 7.82 12.23 -16.06
N ARG B 189 6.82 11.71 -16.77
CA ARG B 189 5.42 11.86 -16.38
C ARG B 189 5.23 11.27 -14.98
N ILE B 190 5.84 10.12 -14.75
CA ILE B 190 5.75 9.48 -13.45
C ILE B 190 6.42 10.37 -12.42
N PHE B 191 7.61 10.88 -12.74
CA PHE B 191 8.35 11.73 -11.82
C PHE B 191 7.54 12.96 -11.45
N LYS B 192 6.82 13.48 -12.42
CA LYS B 192 6.01 14.66 -12.23
C LYS B 192 4.64 14.44 -11.58
N ASN B 193 4.01 13.31 -11.88
CA ASN B 193 2.67 13.06 -11.35
C ASN B 193 2.49 12.17 -10.15
N ASP B 194 3.27 11.10 -10.04
CA ASP B 194 3.05 10.18 -8.94
C ASP B 194 4.20 9.88 -7.99
N ALA B 195 5.43 9.94 -8.49
CA ALA B 195 6.56 9.62 -7.65
C ALA B 195 7.84 10.30 -8.12
N ALA B 196 8.34 11.22 -7.30
CA ALA B 196 9.56 11.95 -7.63
C ALA B 196 10.74 11.00 -7.70
N PRO B 197 11.80 11.39 -8.42
CA PRO B 197 13.01 10.57 -8.56
C PRO B 197 13.54 10.11 -7.21
N GLU B 198 13.58 11.02 -6.24
CA GLU B 198 14.08 10.70 -4.90
C GLU B 198 13.33 9.57 -4.20
N ASP B 199 12.25 9.09 -4.81
CA ASP B 199 11.48 7.99 -4.24
C ASP B 199 11.49 6.74 -5.11
N ILE B 200 12.27 6.78 -6.21
CA ILE B 200 12.36 5.67 -7.12
C ILE B 200 13.72 4.99 -6.96
N ALA B 201 13.68 3.77 -6.43
CA ALA B 201 14.87 2.97 -6.20
C ALA B 201 15.39 2.39 -7.51
N ALA B 202 14.49 1.96 -8.38
CA ALA B 202 14.93 1.37 -9.63
C ALA B 202 13.91 1.44 -10.76
N ILE B 203 14.44 1.25 -11.96
CA ILE B 203 13.67 1.19 -13.18
C ILE B 203 14.05 -0.21 -13.68
N VAL B 204 13.06 -1.11 -13.75
CA VAL B 204 13.28 -2.49 -14.17
C VAL B 204 12.88 -2.66 -15.63
N ILE B 205 13.77 -3.25 -16.42
CA ILE B 205 13.50 -3.40 -17.85
C ILE B 205 14.14 -4.61 -18.49
N GLU B 206 13.38 -5.21 -19.39
CA GLU B 206 13.85 -6.34 -20.15
C GLU B 206 14.52 -5.73 -21.40
N PRO B 207 15.80 -6.03 -21.64
CA PRO B 207 16.44 -5.47 -22.83
C PRO B 207 15.66 -5.87 -24.08
N VAL B 208 15.05 -7.04 -24.01
CA VAL B 208 14.21 -7.62 -25.06
C VAL B 208 13.08 -8.27 -24.30
N GLN B 209 11.86 -7.71 -24.40
CA GLN B 209 10.73 -8.31 -23.68
C GLN B 209 10.43 -9.71 -24.19
N GLY B 210 10.24 -10.64 -23.26
CA GLY B 210 9.94 -12.02 -23.61
C GLY B 210 8.46 -12.25 -23.78
N GLU B 211 7.74 -12.44 -22.67
CA GLU B 211 6.31 -12.66 -22.76
C GLU B 211 5.64 -11.48 -23.48
N GLY B 212 6.22 -10.30 -23.31
CA GLY B 212 5.68 -9.10 -23.93
C GLY B 212 5.71 -9.06 -25.44
N GLY B 213 6.26 -10.10 -26.08
CA GLY B 213 6.29 -10.15 -27.54
C GLY B 213 7.62 -10.07 -28.27
N PHE B 214 8.74 -10.27 -27.59
CA PHE B 214 10.05 -10.21 -28.25
C PHE B 214 10.29 -8.86 -28.93
N TYR B 215 10.14 -7.80 -28.16
CA TYR B 215 10.38 -6.45 -28.64
C TYR B 215 11.71 -6.01 -28.04
N ALA B 216 12.62 -5.53 -28.88
CA ALA B 216 13.92 -5.10 -28.40
C ALA B 216 14.08 -3.61 -28.24
N SER B 217 14.77 -3.24 -27.17
CA SER B 217 15.07 -1.86 -26.89
C SER B 217 16.25 -1.54 -27.83
N SER B 218 16.38 -0.30 -28.24
CA SER B 218 17.49 0.06 -29.12
C SER B 218 18.61 0.57 -28.23
N PRO B 219 19.86 0.50 -28.70
CA PRO B 219 20.99 0.99 -27.90
C PRO B 219 20.71 2.45 -27.55
N ALA B 220 20.28 3.22 -28.55
CA ALA B 220 19.98 4.63 -28.32
C ALA B 220 19.04 4.81 -27.13
N PHE B 221 17.94 4.07 -27.13
CA PHE B 221 16.99 4.17 -26.04
C PHE B 221 17.62 3.80 -24.70
N MET B 222 18.33 2.68 -24.67
CA MET B 222 18.92 2.21 -23.44
C MET B 222 19.94 3.23 -22.91
N GLN B 223 20.61 3.92 -23.83
CA GLN B 223 21.59 4.93 -23.45
C GLN B 223 20.85 6.09 -22.78
N ARG B 224 19.69 6.46 -23.32
CA ARG B 224 18.91 7.55 -22.75
C ARG B 224 18.44 7.14 -21.36
N LEU B 225 18.02 5.89 -21.24
CA LEU B 225 17.56 5.35 -19.98
C LEU B 225 18.68 5.37 -18.94
N ARG B 226 19.87 4.94 -19.37
CA ARG B 226 21.05 4.92 -18.50
C ARG B 226 21.36 6.34 -17.98
N ALA B 227 21.37 7.33 -18.88
CA ALA B 227 21.65 8.72 -18.48
C ALA B 227 20.60 9.20 -17.51
N LEU B 228 19.34 8.86 -17.79
CA LEU B 228 18.25 9.28 -16.93
C LEU B 228 18.43 8.72 -15.52
N CYS B 229 18.74 7.43 -15.41
CA CYS B 229 18.96 6.84 -14.08
C CYS B 229 20.19 7.49 -13.41
N ASP B 230 21.27 7.67 -14.17
CA ASP B 230 22.49 8.27 -13.61
C ASP B 230 22.19 9.61 -12.96
N GLU B 231 21.41 10.41 -13.67
CA GLU B 231 21.05 11.73 -13.23
C GLU B 231 20.26 11.73 -11.92
N HIS B 232 19.50 10.68 -11.67
CA HIS B 232 18.68 10.65 -10.46
C HIS B 232 19.06 9.63 -9.38
N GLY B 233 20.24 9.04 -9.53
CA GLY B 233 20.69 8.06 -8.56
C GLY B 233 19.77 6.85 -8.55
N ILE B 234 19.10 6.61 -9.67
CA ILE B 234 18.19 5.49 -9.81
C ILE B 234 18.93 4.25 -10.32
N MET B 235 18.65 3.09 -9.74
CA MET B 235 19.28 1.86 -10.19
C MET B 235 18.59 1.30 -11.42
N LEU B 236 19.38 1.01 -12.46
CA LEU B 236 18.85 0.43 -13.69
C LEU B 236 18.95 -1.08 -13.53
N ILE B 237 17.80 -1.74 -13.46
CA ILE B 237 17.77 -3.19 -13.34
C ILE B 237 17.44 -3.81 -14.69
N ALA B 238 18.35 -4.63 -15.20
CA ALA B 238 18.14 -5.29 -16.47
C ALA B 238 17.70 -6.71 -16.20
N ASP B 239 16.43 -7.01 -16.46
CA ASP B 239 15.91 -8.35 -16.24
C ASP B 239 16.24 -9.19 -17.46
N GLU B 240 17.27 -10.02 -17.34
CA GLU B 240 17.70 -10.87 -18.44
C GLU B 240 17.40 -12.35 -18.18
N VAL B 241 16.37 -12.60 -17.40
CA VAL B 241 15.98 -13.97 -17.10
C VAL B 241 15.74 -14.73 -18.42
N GLN B 242 15.04 -14.09 -19.35
CA GLN B 242 14.76 -14.74 -20.63
C GLN B 242 15.73 -14.33 -21.75
N SER B 243 16.04 -13.04 -21.85
CA SER B 243 16.96 -12.56 -22.88
C SER B 243 18.39 -13.00 -22.60
N GLY B 244 18.70 -13.24 -21.34
CA GLY B 244 20.07 -13.63 -20.99
C GLY B 244 20.52 -15.01 -21.40
N ALA B 245 21.71 -15.39 -20.93
CA ALA B 245 22.30 -16.69 -21.21
C ALA B 245 22.45 -16.99 -22.70
N GLY B 246 22.82 -15.97 -23.49
CA GLY B 246 23.08 -16.16 -24.90
C GLY B 246 22.02 -16.07 -25.98
N ARG B 247 20.75 -15.95 -25.60
CA ARG B 247 19.71 -15.91 -26.61
C ARG B 247 19.90 -14.88 -27.71
N THR B 248 20.32 -13.67 -27.35
CA THR B 248 20.50 -12.59 -28.32
C THR B 248 21.81 -12.50 -29.09
N GLY B 249 22.67 -13.51 -28.97
CA GLY B 249 23.92 -13.45 -29.73
C GLY B 249 25.13 -13.03 -28.91
N THR B 250 24.86 -12.48 -27.74
CA THR B 250 25.90 -12.09 -26.78
C THR B 250 25.39 -12.76 -25.51
N LEU B 251 26.26 -13.03 -24.54
CA LEU B 251 25.76 -13.70 -23.34
C LEU B 251 24.60 -12.93 -22.72
N PHE B 252 24.73 -11.60 -22.67
CA PHE B 252 23.66 -10.76 -22.14
C PHE B 252 23.33 -9.68 -23.15
N ALA B 253 22.04 -9.45 -23.34
CA ALA B 253 21.58 -8.46 -24.30
C ALA B 253 22.13 -7.06 -24.06
N MET B 254 22.34 -6.69 -22.79
CA MET B 254 22.88 -5.36 -22.48
C MET B 254 24.23 -5.11 -23.16
N GLU B 255 25.00 -6.16 -23.44
CA GLU B 255 26.29 -6.00 -24.11
C GLU B 255 26.13 -5.34 -25.47
N GLN B 256 24.93 -5.43 -26.04
CA GLN B 256 24.65 -4.86 -27.35
C GLN B 256 23.97 -3.50 -27.25
N MET B 257 23.81 -2.99 -26.04
CA MET B 257 23.14 -1.72 -25.84
C MET B 257 24.13 -0.56 -25.67
N GLY B 258 25.38 -0.88 -25.38
CA GLY B 258 26.40 0.14 -25.23
C GLY B 258 26.43 0.73 -23.84
N VAL B 259 25.67 0.14 -22.92
CA VAL B 259 25.65 0.63 -21.56
C VAL B 259 25.49 -0.52 -20.58
N ALA B 260 25.91 -0.30 -19.33
CA ALA B 260 25.80 -1.34 -18.34
C ALA B 260 24.72 -1.00 -17.33
N PRO B 261 24.00 -2.01 -16.84
CA PRO B 261 22.93 -1.78 -15.86
C PRO B 261 23.61 -1.81 -14.49
N ASP B 262 22.89 -1.40 -13.46
CA ASP B 262 23.46 -1.45 -12.12
C ASP B 262 23.27 -2.85 -11.55
N LEU B 263 22.19 -3.52 -11.99
CA LEU B 263 21.85 -4.85 -11.51
C LEU B 263 21.29 -5.65 -12.67
N THR B 264 21.54 -6.96 -12.65
CA THR B 264 21.05 -7.85 -13.71
C THR B 264 20.50 -9.13 -13.10
N THR B 265 19.31 -9.54 -13.50
CA THR B 265 18.72 -10.79 -13.01
C THR B 265 18.83 -11.85 -14.12
N PHE B 266 19.15 -13.08 -13.75
CA PHE B 266 19.30 -14.14 -14.72
C PHE B 266 18.74 -15.46 -14.19
N ALA B 267 18.43 -16.35 -15.10
CA ALA B 267 17.88 -17.66 -14.74
C ALA B 267 17.70 -18.48 -16.01
N LYS B 268 16.57 -19.18 -16.09
CA LYS B 268 16.24 -20.02 -17.23
C LYS B 268 17.46 -20.72 -17.84
N SER B 269 17.90 -20.32 -19.03
CA SER B 269 19.05 -20.98 -19.67
C SER B 269 20.41 -20.92 -18.98
N ILE B 270 20.51 -20.18 -17.88
CA ILE B 270 21.80 -20.11 -17.19
C ILE B 270 22.30 -21.48 -16.71
N ALA B 271 21.38 -22.38 -16.37
CA ALA B 271 21.76 -23.70 -15.88
C ALA B 271 21.32 -24.84 -16.79
N GLY B 272 20.85 -24.48 -17.97
CA GLY B 272 20.44 -25.47 -18.95
C GLY B 272 19.48 -26.57 -18.55
N GLY B 273 18.51 -26.27 -17.69
CA GLY B 273 17.55 -27.28 -17.30
C GLY B 273 17.54 -27.66 -15.84
N PHE B 274 18.13 -26.79 -15.00
CA PHE B 274 18.18 -27.00 -13.56
C PHE B 274 17.82 -25.69 -12.85
N PRO B 275 17.14 -25.79 -11.72
CA PRO B 275 16.70 -24.64 -10.92
C PRO B 275 17.78 -23.74 -10.32
N LEU B 276 18.00 -22.59 -10.95
CA LEU B 276 18.99 -21.62 -10.47
C LEU B 276 18.67 -20.24 -11.06
N ALA B 277 18.92 -19.20 -10.28
CA ALA B 277 18.68 -17.84 -10.71
C ALA B 277 19.67 -16.98 -9.92
N GLY B 278 19.74 -15.70 -10.26
CA GLY B 278 20.67 -14.84 -9.54
C GLY B 278 20.61 -13.39 -9.91
N VAL B 279 21.39 -12.59 -9.17
CA VAL B 279 21.50 -11.15 -9.38
C VAL B 279 22.98 -10.79 -9.35
N THR B 280 23.40 -10.04 -10.37
CA THR B 280 24.78 -9.57 -10.51
C THR B 280 24.77 -8.04 -10.72
N GLY B 281 25.46 -7.32 -9.84
CA GLY B 281 25.49 -5.88 -9.99
C GLY B 281 26.63 -5.19 -9.26
N ARG B 282 26.65 -3.86 -9.34
CA ARG B 282 27.66 -3.04 -8.68
C ARG B 282 27.90 -3.61 -7.32
N ALA B 283 29.18 -3.88 -7.03
CA ALA B 283 29.53 -4.46 -5.75
C ALA B 283 28.97 -3.69 -4.54
N GLU B 284 29.12 -2.36 -4.53
CA GLU B 284 28.65 -1.57 -3.40
C GLU B 284 27.13 -1.53 -3.31
N VAL B 285 26.44 -1.63 -4.43
CA VAL B 285 24.98 -1.66 -4.39
C VAL B 285 24.56 -3.00 -3.80
N MET B 286 25.21 -4.06 -4.27
CA MET B 286 24.92 -5.42 -3.78
C MET B 286 25.13 -5.54 -2.28
N ASP B 287 26.18 -4.90 -1.78
CA ASP B 287 26.51 -4.94 -0.35
C ASP B 287 25.71 -4.00 0.53
N ALA B 288 24.74 -3.28 -0.04
CA ALA B 288 23.95 -2.37 0.78
C ALA B 288 23.08 -3.11 1.78
N VAL B 289 22.71 -4.34 1.46
CA VAL B 289 21.87 -5.13 2.35
C VAL B 289 22.76 -5.66 3.46
N ALA B 290 22.30 -5.51 4.70
CA ALA B 290 23.07 -5.95 5.86
C ALA B 290 23.13 -7.48 5.92
N PRO B 291 24.21 -8.00 6.50
CA PRO B 291 24.33 -9.46 6.60
C PRO B 291 23.11 -10.10 7.24
N GLY B 292 22.60 -11.14 6.59
CA GLY B 292 21.43 -11.84 7.08
C GLY B 292 20.16 -11.42 6.35
N GLY B 293 20.27 -10.41 5.50
CA GLY B 293 19.11 -9.94 4.76
C GLY B 293 18.93 -10.57 3.40
N LEU B 294 19.82 -11.47 3.01
CA LEU B 294 19.70 -12.14 1.72
C LEU B 294 19.80 -13.63 1.96
N GLY B 295 18.80 -14.38 1.53
CA GLY B 295 18.83 -15.81 1.75
C GLY B 295 17.89 -16.62 0.88
N GLY B 296 17.64 -17.84 1.32
CA GLY B 296 16.77 -18.75 0.59
C GLY B 296 17.31 -20.13 0.81
N THR B 297 16.44 -21.03 1.23
CA THR B 297 16.85 -22.39 1.49
C THR B 297 17.64 -23.03 0.35
N TYR B 298 17.00 -23.18 -0.80
CA TYR B 298 17.62 -23.82 -1.96
C TYR B 298 18.58 -22.93 -2.76
N ALA B 299 18.64 -21.65 -2.41
CA ALA B 299 19.48 -20.69 -3.12
C ALA B 299 20.84 -21.23 -3.59
N GLY B 300 21.09 -21.13 -4.89
CA GLY B 300 22.34 -21.61 -5.43
C GLY B 300 22.56 -23.09 -5.18
N ASN B 301 21.57 -23.91 -5.52
CA ASN B 301 21.66 -25.35 -5.35
C ASN B 301 22.95 -25.85 -5.98
N PRO B 302 23.75 -26.64 -5.24
CA PRO B 302 25.03 -27.20 -5.70
C PRO B 302 24.97 -27.81 -7.10
N ILE B 303 24.01 -28.70 -7.31
CA ILE B 303 23.85 -29.35 -8.60
C ILE B 303 23.63 -28.33 -9.73
N ALA B 304 22.68 -27.39 -9.53
CA ALA B 304 22.40 -26.38 -10.54
C ALA B 304 23.61 -25.50 -10.82
N CYS B 305 24.37 -25.19 -9.76
CA CYS B 305 25.59 -24.38 -9.90
C CYS B 305 26.57 -25.05 -10.86
N VAL B 306 26.93 -26.30 -10.62
CA VAL B 306 27.88 -26.94 -11.52
C VAL B 306 27.30 -27.01 -12.93
N ALA B 307 25.97 -27.12 -13.02
CA ALA B 307 25.29 -27.18 -14.32
C ALA B 307 25.52 -25.85 -15.06
N ALA B 308 25.30 -24.75 -14.35
CA ALA B 308 25.50 -23.42 -14.94
C ALA B 308 26.96 -23.27 -15.37
N LEU B 309 27.89 -23.59 -14.46
CA LEU B 309 29.32 -23.50 -14.76
C LEU B 309 29.65 -24.27 -16.03
N GLU B 310 29.07 -25.45 -16.18
CA GLU B 310 29.33 -26.26 -17.36
C GLU B 310 28.65 -25.63 -18.59
N VAL B 311 27.47 -25.04 -18.40
CA VAL B 311 26.77 -24.40 -19.51
C VAL B 311 27.66 -23.32 -20.09
N LEU B 312 28.25 -22.51 -19.21
CA LEU B 312 29.11 -21.42 -19.64
C LEU B 312 30.35 -21.94 -20.38
N LYS B 313 30.88 -23.09 -19.93
CA LYS B 313 32.04 -23.65 -20.62
C LYS B 313 31.59 -24.11 -22.00
N VAL B 314 30.43 -24.74 -22.07
CA VAL B 314 29.90 -25.23 -23.34
C VAL B 314 29.70 -24.10 -24.33
N PHE B 315 29.21 -22.96 -23.87
CA PHE B 315 29.01 -21.81 -24.76
C PHE B 315 30.34 -21.42 -25.42
N GLU B 316 31.40 -21.43 -24.62
CA GLU B 316 32.73 -21.07 -25.09
C GLU B 316 33.29 -22.11 -26.06
N GLN B 317 33.33 -23.37 -25.66
CA GLN B 317 33.90 -24.41 -26.49
C GLN B 317 33.09 -24.77 -27.72
N GLU B 318 31.77 -24.68 -27.64
CA GLU B 318 30.95 -25.03 -28.81
C GLU B 318 30.49 -23.80 -29.60
N ASN B 319 31.06 -22.65 -29.28
CA ASN B 319 30.73 -21.41 -29.98
C ASN B 319 29.25 -21.16 -30.14
N LEU B 320 28.49 -21.27 -29.06
CA LEU B 320 27.06 -21.08 -29.13
C LEU B 320 26.59 -19.65 -29.49
N LEU B 321 27.30 -18.61 -29.06
CA LEU B 321 26.88 -17.26 -29.40
C LEU B 321 26.90 -17.07 -30.92
N GLN B 322 27.97 -17.55 -31.55
CA GLN B 322 28.10 -17.44 -33.01
C GLN B 322 26.98 -18.23 -33.69
N LYS B 323 26.71 -19.42 -33.19
CA LYS B 323 25.66 -20.26 -33.72
C LYS B 323 24.31 -19.59 -33.51
N ALA B 324 24.13 -18.99 -32.32
CA ALA B 324 22.88 -18.30 -32.01
C ALA B 324 22.60 -17.27 -33.10
N ASN B 325 23.63 -16.52 -33.49
CA ASN B 325 23.48 -15.51 -34.51
C ASN B 325 23.25 -16.16 -35.88
N ASP B 326 23.94 -17.25 -36.17
CA ASP B 326 23.74 -17.91 -37.46
C ASP B 326 22.30 -18.44 -37.56
N LEU B 327 21.86 -19.11 -36.50
CA LEU B 327 20.52 -19.68 -36.42
C LEU B 327 19.44 -18.62 -36.60
N GLY B 328 19.65 -17.48 -35.95
CA GLY B 328 18.70 -16.38 -36.05
C GLY B 328 18.54 -15.89 -37.47
N GLN B 329 19.65 -15.84 -38.19
CA GLN B 329 19.63 -15.39 -39.59
C GLN B 329 18.89 -16.41 -40.42
N LYS B 330 19.29 -17.67 -40.28
CA LYS B 330 18.65 -18.75 -41.02
C LYS B 330 17.15 -18.74 -40.76
N LEU B 331 16.77 -18.59 -39.49
CA LEU B 331 15.36 -18.57 -39.13
C LEU B 331 14.68 -17.37 -39.75
N LYS B 332 15.27 -16.20 -39.61
CA LYS B 332 14.65 -15.01 -40.17
C LYS B 332 14.51 -15.07 -41.69
N ASP B 333 15.50 -15.63 -42.37
CA ASP B 333 15.41 -15.74 -43.82
C ASP B 333 14.29 -16.69 -44.20
N GLY B 334 14.19 -17.80 -43.47
CA GLY B 334 13.14 -18.75 -43.76
C GLY B 334 11.77 -18.16 -43.53
N LEU B 335 11.60 -17.45 -42.43
CA LEU B 335 10.32 -16.85 -42.11
C LEU B 335 9.90 -15.73 -43.08
N LEU B 336 10.87 -14.92 -43.52
CA LEU B 336 10.56 -13.84 -44.47
C LEU B 336 10.09 -14.50 -45.77
N ALA B 337 10.60 -15.70 -46.04
CA ALA B 337 10.22 -16.43 -47.24
C ALA B 337 8.76 -16.84 -47.14
N ILE B 338 8.38 -17.35 -45.99
CA ILE B 338 7.00 -17.77 -45.77
C ILE B 338 6.12 -16.53 -45.81
N ALA B 339 6.65 -15.44 -45.26
CA ALA B 339 5.93 -14.17 -45.20
C ALA B 339 5.46 -13.69 -46.57
N GLU B 340 6.27 -13.96 -47.60
CA GLU B 340 5.93 -13.54 -48.96
C GLU B 340 4.58 -14.07 -49.44
N LYS B 341 4.25 -15.29 -49.03
CA LYS B 341 2.98 -15.93 -49.43
C LYS B 341 1.86 -15.76 -48.41
N HIS B 342 2.14 -15.10 -47.30
CA HIS B 342 1.15 -14.90 -46.26
C HIS B 342 1.24 -13.50 -45.66
N PRO B 343 0.40 -12.57 -46.14
CA PRO B 343 0.38 -11.19 -45.65
C PRO B 343 0.17 -11.05 -44.14
N GLU B 344 -0.47 -12.04 -43.52
CA GLU B 344 -0.73 -12.02 -42.07
C GLU B 344 0.55 -11.90 -41.27
N ILE B 345 1.67 -12.28 -41.88
CA ILE B 345 2.97 -12.15 -41.22
C ILE B 345 3.42 -10.71 -41.49
N GLY B 346 3.11 -9.82 -40.54
CA GLY B 346 3.46 -8.42 -40.68
C GLY B 346 4.80 -7.99 -40.08
N ASP B 347 5.56 -8.95 -39.56
CA ASP B 347 6.85 -8.62 -39.00
C ASP B 347 7.68 -9.85 -38.60
N VAL B 348 8.94 -9.83 -39.00
CA VAL B 348 9.89 -10.90 -38.70
C VAL B 348 11.03 -10.13 -38.02
N ARG B 349 11.26 -10.40 -36.74
CA ARG B 349 12.29 -9.68 -35.99
C ARG B 349 13.11 -10.53 -35.02
N GLY B 350 14.14 -9.90 -34.44
CA GLY B 350 14.94 -10.59 -33.45
C GLY B 350 16.44 -10.39 -33.41
N LEU B 351 16.97 -10.23 -32.20
CA LEU B 351 18.41 -10.13 -32.00
C LEU B 351 18.89 -11.56 -31.77
N GLY B 352 19.98 -11.95 -32.42
CA GLY B 352 20.47 -13.30 -32.23
C GLY B 352 19.42 -14.36 -32.53
N ALA B 353 19.21 -15.29 -31.59
CA ALA B 353 18.24 -16.35 -31.82
C ALA B 353 16.92 -16.12 -31.08
N MET B 354 16.68 -14.89 -30.64
CA MET B 354 15.44 -14.57 -29.95
C MET B 354 14.54 -14.04 -31.06
N ILE B 355 14.08 -14.96 -31.89
CA ILE B 355 13.28 -14.66 -33.06
C ILE B 355 11.77 -14.78 -32.92
N ALA B 356 11.05 -13.87 -33.57
CA ALA B 356 9.60 -13.90 -33.53
C ALA B 356 8.93 -13.29 -34.76
N ILE B 357 7.68 -13.64 -34.97
CA ILE B 357 6.90 -13.10 -36.07
C ILE B 357 5.58 -12.73 -35.44
N GLU B 358 5.01 -11.62 -35.89
CA GLU B 358 3.74 -11.12 -35.37
C GLU B 358 2.67 -11.21 -36.46
N LEU B 359 1.54 -11.81 -36.11
CA LEU B 359 0.47 -11.99 -37.06
C LEU B 359 -0.62 -10.92 -36.97
N PHE B 360 -1.01 -10.40 -38.12
CA PHE B 360 -2.04 -9.36 -38.20
C PHE B 360 -3.17 -9.72 -39.16
N GLU B 361 -4.40 -9.46 -38.75
CA GLU B 361 -5.55 -9.72 -39.61
C GLU B 361 -5.42 -8.81 -40.82
N ASP B 362 -5.22 -9.42 -41.99
CA ASP B 362 -5.06 -8.68 -43.23
C ASP B 362 -4.05 -7.54 -43.09
N GLY B 363 -2.82 -7.91 -42.74
CA GLY B 363 -1.75 -6.93 -42.60
C GLY B 363 -2.02 -5.62 -41.89
N ASP B 364 -3.12 -5.52 -41.15
CA ASP B 364 -3.40 -4.28 -40.45
C ASP B 364 -2.71 -4.31 -39.08
N HIS B 365 -1.70 -3.45 -38.92
CA HIS B 365 -0.93 -3.37 -37.68
C HIS B 365 -1.78 -2.97 -36.48
N ASN B 366 -3.09 -2.93 -36.67
CA ASN B 366 -4.04 -2.59 -35.62
C ASN B 366 -4.92 -3.79 -35.28
N LYS B 367 -4.86 -4.80 -36.14
CA LYS B 367 -5.66 -6.01 -35.93
C LYS B 367 -4.84 -7.24 -35.60
N PRO B 368 -4.50 -7.42 -34.31
CA PRO B 368 -3.71 -8.61 -33.95
C PRO B 368 -4.55 -9.87 -34.19
N ASP B 369 -3.98 -10.84 -34.90
CA ASP B 369 -4.68 -12.08 -35.19
C ASP B 369 -4.34 -13.21 -34.21
N ALA B 370 -4.98 -13.18 -33.05
CA ALA B 370 -4.72 -14.21 -32.06
C ALA B 370 -5.29 -15.55 -32.55
N LYS B 371 -6.34 -15.51 -33.36
CA LYS B 371 -6.95 -16.75 -33.87
C LYS B 371 -5.97 -17.49 -34.77
N LEU B 372 -5.38 -16.77 -35.71
CA LEU B 372 -4.42 -17.40 -36.62
C LEU B 372 -3.21 -17.93 -35.84
N THR B 373 -2.72 -17.10 -34.93
CA THR B 373 -1.59 -17.44 -34.09
C THR B 373 -1.80 -18.77 -33.35
N ALA B 374 -2.95 -18.88 -32.69
CA ALA B 374 -3.28 -20.08 -31.94
C ALA B 374 -3.45 -21.29 -32.86
N GLU B 375 -3.96 -21.04 -34.06
CA GLU B 375 -4.17 -22.11 -35.03
C GLU B 375 -2.83 -22.69 -35.50
N ILE B 376 -1.90 -21.79 -35.79
CA ILE B 376 -0.57 -22.20 -36.23
C ILE B 376 0.13 -23.05 -35.16
N VAL B 377 -0.03 -22.65 -33.90
CA VAL B 377 0.56 -23.40 -32.79
C VAL B 377 -0.01 -24.82 -32.77
N ALA B 378 -1.33 -24.94 -32.97
CA ALA B 378 -2.03 -26.22 -32.98
C ALA B 378 -1.63 -27.14 -34.15
N ARG B 379 -1.58 -26.58 -35.35
CA ARG B 379 -1.19 -27.34 -36.54
C ARG B 379 0.26 -27.78 -36.41
N ALA B 380 1.10 -26.89 -35.86
CA ALA B 380 2.51 -27.20 -35.67
C ALA B 380 2.62 -28.44 -34.75
N ARG B 381 1.81 -28.46 -33.71
CA ARG B 381 1.84 -29.58 -32.77
C ARG B 381 1.40 -30.85 -33.47
N ASP B 382 0.38 -30.74 -34.30
CA ASP B 382 -0.10 -31.89 -35.05
C ASP B 382 1.00 -32.41 -35.95
N LYS B 383 1.94 -31.55 -36.35
CA LYS B 383 3.04 -31.96 -37.21
C LYS B 383 4.34 -32.28 -36.46
N GLY B 384 4.25 -32.45 -35.15
CA GLY B 384 5.44 -32.78 -34.37
C GLY B 384 6.36 -31.62 -33.99
N LEU B 385 5.85 -30.39 -34.04
CA LEU B 385 6.65 -29.24 -33.69
C LEU B 385 6.02 -28.47 -32.51
N ILE B 386 6.81 -28.24 -31.46
CA ILE B 386 6.35 -27.53 -30.27
C ILE B 386 6.65 -26.05 -30.35
N LEU B 387 5.60 -25.22 -30.35
CA LEU B 387 5.74 -23.77 -30.40
C LEU B 387 5.05 -23.10 -29.26
N LEU B 388 5.42 -21.85 -29.04
CA LEU B 388 4.83 -21.01 -28.01
C LEU B 388 4.50 -19.67 -28.66
N SER B 389 3.49 -18.99 -28.12
CA SER B 389 3.12 -17.68 -28.63
C SER B 389 3.38 -16.73 -27.46
N CYS B 390 3.25 -15.43 -27.70
CA CYS B 390 3.46 -14.42 -26.65
C CYS B 390 2.87 -13.09 -27.12
N GLY B 391 3.19 -12.01 -26.42
CA GLY B 391 2.69 -10.70 -26.77
C GLY B 391 1.44 -10.38 -25.98
N PRO B 392 1.23 -9.12 -25.57
CA PRO B 392 0.03 -8.79 -24.80
C PRO B 392 -1.26 -9.13 -25.55
N TYR B 393 -1.17 -9.36 -26.85
CA TYR B 393 -2.36 -9.70 -27.63
C TYR B 393 -2.37 -11.11 -28.18
N TYR B 394 -1.41 -11.92 -27.76
CA TYR B 394 -1.34 -13.31 -28.18
C TYR B 394 -1.25 -13.52 -29.67
N ASN B 395 -0.52 -12.66 -30.35
CA ASN B 395 -0.40 -12.78 -31.79
C ASN B 395 1.06 -12.80 -32.22
N VAL B 396 1.95 -13.15 -31.31
CA VAL B 396 3.36 -13.23 -31.67
C VAL B 396 3.84 -14.66 -31.51
N LEU B 397 4.47 -15.18 -32.54
CA LEU B 397 5.02 -16.53 -32.53
C LEU B 397 6.51 -16.39 -32.31
N ARG B 398 7.01 -17.03 -31.25
CA ARG B 398 8.42 -16.96 -30.91
C ARG B 398 9.10 -18.31 -31.10
N ILE B 399 10.41 -18.27 -31.24
CA ILE B 399 11.16 -19.49 -31.43
C ILE B 399 12.26 -19.48 -30.40
N LEU B 400 12.21 -20.47 -29.51
CA LEU B 400 13.18 -20.59 -28.43
C LEU B 400 13.83 -21.96 -28.47
N VAL B 401 13.99 -22.48 -29.69
CA VAL B 401 14.61 -23.78 -29.92
C VAL B 401 16.07 -23.71 -29.46
N PRO B 402 16.61 -24.83 -28.93
CA PRO B 402 18.01 -24.90 -28.46
C PRO B 402 19.01 -24.39 -29.50
N LEU B 403 20.05 -23.69 -29.04
CA LEU B 403 21.07 -23.16 -29.93
C LEU B 403 21.92 -24.29 -30.49
N THR B 404 21.76 -25.47 -29.92
CA THR B 404 22.52 -26.64 -30.30
C THR B 404 21.82 -27.41 -31.42
N ILE B 405 20.72 -26.83 -31.92
CA ILE B 405 19.95 -27.45 -32.98
C ILE B 405 20.82 -27.75 -34.20
N GLU B 406 20.54 -28.87 -34.85
CA GLU B 406 21.27 -29.29 -36.04
C GLU B 406 20.69 -28.61 -37.27
N ASP B 407 21.50 -28.45 -38.31
CA ASP B 407 21.06 -27.79 -39.53
C ASP B 407 19.81 -28.38 -40.16
N ALA B 408 19.74 -29.70 -40.25
CA ALA B 408 18.59 -30.35 -40.84
C ALA B 408 17.33 -30.06 -40.03
N GLN B 409 17.48 -29.92 -38.71
CA GLN B 409 16.33 -29.62 -37.87
C GLN B 409 15.86 -28.18 -38.08
N ILE B 410 16.77 -27.31 -38.49
CA ILE B 410 16.37 -25.93 -38.74
C ILE B 410 15.42 -25.93 -39.94
N ARG B 411 15.82 -26.62 -41.00
CA ARG B 411 14.98 -26.68 -42.20
C ARG B 411 13.66 -27.37 -41.86
N GLN B 412 13.75 -28.46 -41.13
CA GLN B 412 12.55 -29.20 -40.76
C GLN B 412 11.53 -28.32 -40.07
N GLY B 413 11.97 -27.56 -39.07
CA GLY B 413 11.06 -26.68 -38.35
C GLY B 413 10.40 -25.62 -39.21
N LEU B 414 11.18 -24.98 -40.08
CA LEU B 414 10.65 -23.94 -40.95
C LEU B 414 9.67 -24.55 -41.94
N GLU B 415 10.03 -25.70 -42.52
CA GLU B 415 9.16 -26.36 -43.49
C GLU B 415 7.81 -26.68 -42.83
N ILE B 416 7.84 -27.08 -41.56
CA ILE B 416 6.62 -27.37 -40.84
C ILE B 416 5.83 -26.08 -40.65
N ILE B 417 6.51 -25.02 -40.22
CA ILE B 417 5.86 -23.74 -40.00
C ILE B 417 5.23 -23.30 -41.30
N SER B 418 5.97 -23.51 -42.39
CA SER B 418 5.51 -23.14 -43.71
C SER B 418 4.23 -23.90 -44.03
N GLN B 419 4.23 -25.19 -43.79
CA GLN B 419 3.05 -26.02 -44.06
C GLN B 419 1.85 -25.57 -43.23
N CYS B 420 2.11 -25.14 -42.00
CA CYS B 420 1.02 -24.72 -41.14
C CYS B 420 0.29 -23.52 -41.70
N PHE B 421 1.03 -22.52 -42.16
CA PHE B 421 0.38 -21.34 -42.72
C PHE B 421 -0.40 -21.71 -43.98
N ASP B 422 0.23 -22.49 -44.84
CA ASP B 422 -0.39 -22.93 -46.08
C ASP B 422 -1.71 -23.61 -45.81
N GLU B 423 -1.70 -24.64 -44.97
CA GLU B 423 -2.90 -25.38 -44.65
C GLU B 423 -3.94 -24.57 -43.91
N ALA B 424 -3.52 -23.45 -43.32
CA ALA B 424 -4.44 -22.59 -42.59
C ALA B 424 -5.25 -21.69 -43.54
N LYS B 425 -4.93 -21.71 -44.82
CA LYS B 425 -5.64 -20.89 -45.80
C LYS B 425 -7.01 -21.44 -46.21
N GLN B 426 -7.01 -22.65 -46.79
CA GLN B 426 -8.25 -23.29 -47.24
C GLN B 426 -9.10 -23.82 -46.08
N ASN C 2 -42.31 21.11 9.37
CA ASN C 2 -41.94 21.82 10.64
C ASN C 2 -42.08 20.95 11.90
N SER C 3 -42.09 19.63 11.71
CA SER C 3 -42.13 18.70 12.84
C SER C 3 -40.88 17.86 12.65
N ASN C 4 -40.30 17.35 13.74
CA ASN C 4 -39.09 16.54 13.62
C ASN C 4 -39.30 15.36 12.70
N LYS C 5 -40.47 14.74 12.82
CA LYS C 5 -40.82 13.56 12.04
C LYS C 5 -40.81 13.83 10.53
N GLU C 6 -41.45 14.90 10.09
CA GLU C 6 -41.46 15.21 8.66
C GLU C 6 -40.08 15.55 8.13
N LEU C 7 -39.27 16.24 8.93
CA LEU C 7 -37.93 16.61 8.51
C LEU C 7 -37.07 15.34 8.38
N MET C 8 -37.25 14.39 9.29
CA MET C 8 -36.50 13.14 9.21
C MET C 8 -36.90 12.37 7.95
N GLN C 9 -38.18 12.46 7.57
CA GLN C 9 -38.63 11.77 6.37
C GLN C 9 -37.97 12.43 5.17
N ARG C 10 -37.90 13.76 5.20
CA ARG C 10 -37.27 14.48 4.11
C ARG C 10 -35.80 14.11 4.05
N ARG C 11 -35.19 13.99 5.24
CA ARG C 11 -33.79 13.64 5.36
C ARG C 11 -33.50 12.30 4.68
N SER C 12 -34.39 11.32 4.91
CA SER C 12 -34.22 9.98 4.35
C SER C 12 -34.22 9.96 2.83
N GLN C 13 -34.78 10.99 2.20
CA GLN C 13 -34.84 11.06 0.74
C GLN C 13 -33.76 11.95 0.10
N ALA C 14 -33.11 12.77 0.92
CA ALA C 14 -32.14 13.71 0.40
C ALA C 14 -30.70 13.47 0.83
N ILE C 15 -30.55 12.88 2.00
CA ILE C 15 -29.26 12.65 2.60
C ILE C 15 -28.96 11.16 2.75
N PRO C 16 -27.69 10.77 2.54
CA PRO C 16 -27.34 9.36 2.66
C PRO C 16 -27.50 8.81 4.06
N ARG C 17 -27.89 7.53 4.13
CA ARG C 17 -28.06 6.84 5.40
C ARG C 17 -26.71 6.67 6.09
N GLY C 18 -25.63 6.77 5.32
CA GLY C 18 -24.31 6.67 5.91
C GLY C 18 -24.10 7.73 6.99
N VAL C 19 -24.82 8.85 6.89
CA VAL C 19 -24.72 9.91 7.89
C VAL C 19 -25.77 9.55 8.93
N GLY C 20 -25.30 9.02 10.06
CA GLY C 20 -26.21 8.62 11.12
C GLY C 20 -26.83 9.79 11.83
N GLN C 21 -27.89 9.51 12.59
CA GLN C 21 -28.61 10.54 13.34
C GLN C 21 -28.76 10.03 14.76
N ILE C 22 -27.92 10.50 15.68
CA ILE C 22 -28.00 10.06 17.08
C ILE C 22 -29.39 10.38 17.65
N HIS C 23 -29.86 11.59 17.41
CA HIS C 23 -31.16 12.04 17.88
C HIS C 23 -31.95 12.54 16.68
N PRO C 24 -33.16 11.99 16.46
CA PRO C 24 -34.03 12.37 15.34
C PRO C 24 -34.73 13.70 15.60
N ILE C 25 -33.94 14.69 15.99
CA ILE C 25 -34.42 16.01 16.34
C ILE C 25 -33.74 17.07 15.47
N PHE C 26 -34.51 18.05 15.02
CA PHE C 26 -33.94 19.14 14.23
C PHE C 26 -33.88 20.38 15.11
N ALA C 27 -32.66 20.83 15.40
CA ALA C 27 -32.45 22.02 16.22
C ALA C 27 -32.72 23.28 15.42
N ASP C 28 -33.42 24.23 16.04
CA ASP C 28 -33.73 25.49 15.38
C ASP C 28 -32.84 26.64 15.83
N ARG C 29 -32.66 26.77 17.13
CA ARG C 29 -31.85 27.83 17.71
C ARG C 29 -31.31 27.31 19.03
N ALA C 30 -30.35 28.03 19.60
CA ALA C 30 -29.74 27.59 20.85
C ALA C 30 -29.08 28.75 21.56
N GLU C 31 -28.79 28.55 22.84
CA GLU C 31 -28.16 29.58 23.64
C GLU C 31 -27.42 28.95 24.80
N ASN C 32 -26.10 29.08 24.79
CA ASN C 32 -25.26 28.52 25.85
C ASN C 32 -25.48 27.00 25.95
N CYS C 33 -26.22 26.55 26.96
CA CYS C 33 -26.47 25.12 27.12
C CYS C 33 -27.89 24.71 26.75
N ARG C 34 -28.66 25.65 26.22
CA ARG C 34 -30.03 25.38 25.84
C ARG C 34 -30.22 25.24 24.33
N VAL C 35 -31.06 24.29 23.92
CA VAL C 35 -31.36 24.09 22.50
C VAL C 35 -32.87 23.90 22.31
N TRP C 36 -33.42 24.54 21.27
CA TRP C 36 -34.84 24.42 20.96
C TRP C 36 -35.02 23.79 19.58
N ASP C 37 -35.89 22.77 19.47
CA ASP C 37 -36.07 22.16 18.15
C ASP C 37 -37.14 22.92 17.39
N VAL C 38 -37.39 22.50 16.14
CA VAL C 38 -38.37 23.18 15.30
C VAL C 38 -39.77 23.15 15.88
N GLU C 39 -40.00 22.28 16.86
CA GLU C 39 -41.31 22.17 17.49
C GLU C 39 -41.35 23.01 18.76
N GLY C 40 -40.30 23.79 18.99
CA GLY C 40 -40.27 24.63 20.16
C GLY C 40 -39.92 23.94 21.46
N ARG C 41 -39.62 22.64 21.42
CA ARG C 41 -39.26 21.94 22.63
C ARG C 41 -37.85 22.37 23.03
N GLU C 42 -37.58 22.41 24.33
CA GLU C 42 -36.27 22.84 24.81
C GLU C 42 -35.47 21.69 25.37
N TYR C 43 -34.16 21.70 25.12
CA TYR C 43 -33.29 20.64 25.62
C TYR C 43 -32.06 21.20 26.34
N LEU C 44 -31.47 20.37 27.19
CA LEU C 44 -30.26 20.72 27.91
C LEU C 44 -29.17 19.92 27.16
N ASP C 45 -28.21 20.63 26.59
CA ASP C 45 -27.15 20.03 25.79
C ASP C 45 -25.92 19.55 26.55
N PHE C 46 -25.83 18.24 26.75
CA PHE C 46 -24.69 17.67 27.45
C PHE C 46 -23.72 17.05 26.45
N ALA C 47 -23.96 17.32 25.16
CA ALA C 47 -23.12 16.80 24.09
C ALA C 47 -22.26 17.90 23.44
N GLY C 48 -22.72 19.15 23.54
CA GLY C 48 -21.98 20.27 22.97
C GLY C 48 -21.49 20.11 21.53
N GLY C 49 -22.33 19.59 20.64
CA GLY C 49 -21.92 19.41 19.26
C GLY C 49 -20.67 18.54 19.17
N ILE C 50 -20.51 17.72 20.20
CA ILE C 50 -19.38 16.80 20.36
C ILE C 50 -18.08 17.51 20.74
N ALA C 51 -18.10 18.11 21.92
CA ALA C 51 -16.94 18.80 22.48
C ALA C 51 -16.50 20.03 21.70
N VAL C 52 -17.41 20.60 20.93
CA VAL C 52 -17.13 21.78 20.12
C VAL C 52 -17.56 23.07 20.83
N LEU C 53 -18.47 22.95 21.79
CA LEU C 53 -18.98 24.16 22.46
C LEU C 53 -18.58 24.30 23.93
N ASN C 54 -17.29 24.27 24.19
CA ASN C 54 -16.82 24.41 25.56
C ASN C 54 -17.19 25.78 26.10
N THR C 55 -17.37 26.76 25.22
CA THR C 55 -17.76 28.10 25.61
C THR C 55 -19.26 28.29 25.36
N GLY C 56 -19.98 27.18 25.18
CA GLY C 56 -21.42 27.24 24.95
C GLY C 56 -21.89 27.69 23.58
N HIS C 57 -23.17 27.50 23.29
CA HIS C 57 -23.76 27.91 22.01
C HIS C 57 -23.79 29.43 21.89
N LEU C 58 -23.27 29.96 20.78
CA LEU C 58 -23.26 31.39 20.54
C LEU C 58 -22.85 32.27 21.72
N HIS C 59 -21.66 32.04 22.26
CA HIS C 59 -21.19 32.87 23.35
C HIS C 59 -21.18 34.32 22.82
N PRO C 60 -21.89 35.22 23.51
CA PRO C 60 -21.97 36.63 23.08
C PRO C 60 -20.66 37.34 22.69
N LYS C 61 -19.61 37.15 23.48
CA LYS C 61 -18.32 37.76 23.14
C LYS C 61 -17.78 37.19 21.83
N VAL C 62 -18.00 35.90 21.61
CA VAL C 62 -17.55 35.24 20.40
C VAL C 62 -18.38 35.76 19.22
N VAL C 63 -19.70 35.77 19.40
CA VAL C 63 -20.60 36.25 18.37
C VAL C 63 -20.26 37.69 17.98
N ALA C 64 -20.03 38.54 18.96
CA ALA C 64 -19.72 39.95 18.66
C ALA C 64 -18.49 40.05 17.76
N ALA C 65 -17.50 39.20 18.04
CA ALA C 65 -16.26 39.16 17.27
C ALA C 65 -16.56 38.67 15.86
N VAL C 66 -17.34 37.59 15.76
CA VAL C 66 -17.70 37.08 14.45
C VAL C 66 -18.39 38.20 13.66
N GLU C 67 -19.33 38.88 14.30
CA GLU C 67 -20.04 39.98 13.65
C GLU C 67 -19.12 41.10 13.16
N ALA C 68 -18.13 41.46 13.97
CA ALA C 68 -17.21 42.52 13.59
C ALA C 68 -16.40 42.11 12.34
N GLN C 69 -15.96 40.86 12.29
CA GLN C 69 -15.19 40.39 11.14
C GLN C 69 -16.07 40.25 9.90
N LEU C 70 -17.33 39.87 10.11
CA LEU C 70 -18.27 39.69 9.00
C LEU C 70 -18.47 40.97 8.20
N LYS C 71 -18.11 42.12 8.78
CA LYS C 71 -18.24 43.41 8.11
C LYS C 71 -16.99 43.69 7.29
N LYS C 72 -15.91 42.99 7.60
CA LYS C 72 -14.64 43.21 6.91
C LYS C 72 -14.41 42.26 5.74
N LEU C 73 -14.41 40.96 6.02
CA LEU C 73 -14.23 39.94 4.99
C LEU C 73 -14.37 38.54 5.55
N SER C 74 -14.74 37.59 4.70
CA SER C 74 -14.90 36.21 5.14
C SER C 74 -13.90 35.24 4.52
N HIS C 75 -13.31 35.60 3.38
CA HIS C 75 -12.35 34.71 2.73
C HIS C 75 -11.49 35.32 1.63
N THR C 76 -10.21 34.97 1.65
CA THR C 76 -9.25 35.42 0.62
C THR C 76 -8.35 34.23 0.29
N CYS C 77 -8.33 33.25 1.20
CA CYS C 77 -7.45 32.07 1.14
C CYS C 77 -6.08 32.61 1.57
N PHE C 78 -5.71 32.34 2.83
CA PHE C 78 -4.47 32.82 3.40
C PHE C 78 -3.20 32.70 2.54
N GLN C 79 -2.98 31.52 1.97
CA GLN C 79 -1.80 31.28 1.16
C GLN C 79 -1.72 32.14 -0.09
N VAL C 80 -2.82 32.83 -0.42
CA VAL C 80 -2.88 33.71 -1.58
C VAL C 80 -2.70 35.16 -1.14
N LEU C 81 -3.56 35.59 -0.22
CA LEU C 81 -3.54 36.92 0.32
C LEU C 81 -3.78 36.67 1.80
N ALA C 82 -2.83 37.08 2.65
CA ALA C 82 -2.96 36.83 4.08
C ALA C 82 -3.84 37.83 4.84
N TYR C 83 -4.03 37.55 6.12
CA TYR C 83 -4.82 38.42 6.98
C TYR C 83 -4.38 38.17 8.42
N GLU C 84 -4.48 39.20 9.24
CA GLU C 84 -4.03 39.14 10.62
C GLU C 84 -4.61 38.11 11.60
N PRO C 85 -5.94 37.91 11.61
CA PRO C 85 -6.49 36.93 12.54
C PRO C 85 -5.81 35.57 12.47
N TYR C 86 -5.42 35.17 11.27
CA TYR C 86 -4.75 33.90 11.08
C TYR C 86 -3.37 33.95 11.78
N LEU C 87 -2.58 34.95 11.41
CA LEU C 87 -1.25 35.16 11.99
C LEU C 87 -1.28 35.25 13.51
N GLU C 88 -2.15 36.11 14.03
CA GLU C 88 -2.24 36.29 15.47
C GLU C 88 -2.56 35.02 16.25
N LEU C 89 -3.46 34.21 15.71
CA LEU C 89 -3.85 32.98 16.37
C LEU C 89 -2.68 32.02 16.40
N CYS C 90 -1.91 31.96 15.32
CA CYS C 90 -0.76 31.06 15.28
C CYS C 90 0.21 31.49 16.38
N GLU C 91 0.45 32.80 16.46
CA GLU C 91 1.36 33.31 17.49
C GLU C 91 0.90 32.92 18.89
N ILE C 92 -0.39 33.05 19.15
CA ILE C 92 -0.89 32.69 20.46
C ILE C 92 -0.76 31.19 20.70
N MET C 93 -1.08 30.38 19.70
CA MET C 93 -0.98 28.92 19.88
C MET C 93 0.47 28.48 20.13
N ASN C 94 1.42 29.16 19.47
CA ASN C 94 2.83 28.84 19.64
C ASN C 94 3.20 28.97 21.12
N GLN C 95 2.53 29.89 21.82
CA GLN C 95 2.79 30.10 23.23
C GLN C 95 1.98 29.17 24.13
N LYS C 96 0.71 28.97 23.77
CA LYS C 96 -0.21 28.15 24.53
C LYS C 96 0.01 26.64 24.49
N VAL C 97 0.41 26.09 23.35
CA VAL C 97 0.63 24.65 23.25
C VAL C 97 1.86 24.28 24.10
N PRO C 98 1.74 23.23 24.93
CA PRO C 98 2.86 22.81 25.77
C PRO C 98 4.15 22.49 25.01
N GLY C 99 5.26 22.93 25.59
CA GLY C 99 6.56 22.70 24.99
C GLY C 99 7.44 23.92 25.23
N ASP C 100 8.38 23.80 26.15
CA ASP C 100 9.30 24.89 26.48
C ASP C 100 10.38 25.09 25.40
N PHE C 101 9.96 25.47 24.20
CA PHE C 101 10.86 25.69 23.07
C PHE C 101 10.11 26.37 21.93
N ALA C 102 10.83 26.98 20.98
CA ALA C 102 10.19 27.67 19.86
C ALA C 102 9.27 26.77 19.06
N LYS C 103 8.13 27.32 18.66
CA LYS C 103 7.16 26.56 17.88
C LYS C 103 6.55 27.38 16.76
N LYS C 104 5.96 26.69 15.79
CA LYS C 104 5.29 27.32 14.67
C LYS C 104 3.94 26.64 14.51
N THR C 105 2.99 27.38 13.95
CA THR C 105 1.66 26.86 13.78
C THR C 105 1.10 26.99 12.38
N LEU C 106 0.29 25.98 12.02
CA LEU C 106 -0.38 25.90 10.74
C LEU C 106 -1.88 25.79 11.03
N LEU C 107 -2.69 26.51 10.28
CA LEU C 107 -4.13 26.42 10.46
C LEU C 107 -4.74 25.74 9.24
N VAL C 108 -5.62 24.77 9.48
CA VAL C 108 -6.31 24.09 8.40
C VAL C 108 -7.78 24.33 8.74
N THR C 109 -8.70 23.44 8.34
CA THR C 109 -10.11 23.67 8.64
C THR C 109 -10.78 22.64 9.55
N THR C 110 -10.44 21.35 9.37
CA THR C 110 -11.05 20.29 10.19
C THR C 110 -10.02 19.45 10.97
N GLY C 111 -10.49 18.84 12.06
CA GLY C 111 -9.61 18.01 12.86
C GLY C 111 -8.95 16.92 12.02
N SER C 112 -9.69 16.40 11.03
CA SER C 112 -9.12 15.39 10.17
C SER C 112 -7.91 15.94 9.42
N GLU C 113 -8.08 17.14 8.86
CA GLU C 113 -6.99 17.77 8.11
C GLU C 113 -5.82 18.04 9.04
N ALA C 114 -6.12 18.36 10.29
CA ALA C 114 -5.07 18.63 11.27
C ALA C 114 -4.19 17.39 11.42
N VAL C 115 -4.81 16.23 11.68
CA VAL C 115 -4.02 15.03 11.82
C VAL C 115 -3.28 14.73 10.53
N GLU C 116 -3.97 14.85 9.41
CA GLU C 116 -3.35 14.61 8.11
C GLU C 116 -2.03 15.41 7.96
N ASN C 117 -2.11 16.70 8.27
CA ASN C 117 -0.96 17.58 8.14
C ASN C 117 0.13 17.32 9.16
N ALA C 118 -0.26 17.02 10.39
CA ALA C 118 0.72 16.73 11.43
C ALA C 118 1.56 15.54 10.95
N VAL C 119 0.91 14.52 10.41
CA VAL C 119 1.64 13.33 9.91
C VAL C 119 2.52 13.70 8.71
N LYS C 120 1.98 14.46 7.77
CA LYS C 120 2.76 14.87 6.61
C LYS C 120 4.01 15.61 7.11
N ILE C 121 3.81 16.50 8.07
CA ILE C 121 4.90 17.27 8.64
C ILE C 121 5.95 16.37 9.28
N ALA C 122 5.48 15.41 10.07
CA ALA C 122 6.38 14.48 10.77
C ALA C 122 7.19 13.66 9.76
N ARG C 123 6.55 13.27 8.65
CA ARG C 123 7.23 12.47 7.62
C ARG C 123 8.32 13.27 6.90
N ALA C 124 8.04 14.53 6.61
CA ALA C 124 9.03 15.38 5.94
C ALA C 124 10.20 15.62 6.91
N ALA C 125 9.87 15.73 8.20
CA ALA C 125 10.86 15.98 9.25
C ALA C 125 11.78 14.80 9.55
N THR C 126 11.28 13.59 9.41
CA THR C 126 12.10 12.43 9.73
C THR C 126 12.53 11.66 8.51
N LYS C 127 11.91 11.94 7.37
CA LYS C 127 12.26 11.21 6.15
C LYS C 127 11.80 9.76 6.31
N ARG C 128 10.65 9.56 6.94
CA ARG C 128 10.10 8.22 7.15
C ARG C 128 8.64 8.20 6.72
N SER C 129 8.12 7.01 6.45
CA SER C 129 6.74 6.88 5.99
C SER C 129 5.71 6.24 6.93
N GLY C 130 6.16 5.45 7.89
CA GLY C 130 5.22 4.78 8.77
C GLY C 130 4.76 5.54 10.00
N THR C 131 3.62 5.10 10.53
CA THR C 131 3.07 5.70 11.74
C THR C 131 2.44 4.62 12.62
N ILE C 132 2.33 4.92 13.92
CA ILE C 132 1.74 4.03 14.89
C ILE C 132 0.61 4.79 15.59
N ALA C 133 -0.56 4.15 15.70
CA ALA C 133 -1.72 4.74 16.37
C ALA C 133 -2.22 3.67 17.33
N PHE C 134 -3.11 4.04 18.25
CA PHE C 134 -3.60 3.07 19.24
C PHE C 134 -4.98 2.49 19.05
N SER C 135 -5.21 1.37 19.74
CA SER C 135 -6.49 0.68 19.67
C SER C 135 -7.55 1.60 20.23
N GLY C 136 -8.71 1.61 19.59
CA GLY C 136 -9.80 2.46 20.06
C GLY C 136 -9.61 3.92 19.73
N ALA C 137 -8.49 4.25 19.08
CA ALA C 137 -8.24 5.64 18.73
C ALA C 137 -9.21 6.12 17.66
N TYR C 138 -9.34 7.44 17.57
CA TYR C 138 -10.19 8.09 16.58
C TYR C 138 -9.45 9.33 16.10
N HIS C 139 -9.19 9.43 14.82
CA HIS C 139 -8.46 10.56 14.28
C HIS C 139 -9.05 11.24 13.05
N GLY C 140 -10.23 10.80 12.61
CA GLY C 140 -10.83 11.41 11.43
C GLY C 140 -11.35 10.42 10.40
N ARG C 141 -12.08 10.93 9.41
CA ARG C 141 -12.67 10.06 8.42
C ARG C 141 -12.14 10.18 6.99
N THR C 142 -10.87 10.58 6.86
CA THR C 142 -10.27 10.64 5.53
C THR C 142 -9.64 9.25 5.43
N HIS C 143 -9.24 8.84 4.24
CA HIS C 143 -8.65 7.53 4.09
C HIS C 143 -7.55 7.30 5.12
N TYR C 144 -6.58 8.21 5.16
CA TYR C 144 -5.47 8.06 6.08
C TYR C 144 -5.87 8.13 7.54
N THR C 145 -6.74 9.06 7.91
CA THR C 145 -7.14 9.13 9.32
C THR C 145 -8.06 7.97 9.69
N LEU C 146 -8.59 7.26 8.70
CA LEU C 146 -9.43 6.08 8.99
C LEU C 146 -8.48 4.92 9.29
N ALA C 147 -7.33 4.92 8.61
CA ALA C 147 -6.34 3.87 8.86
C ALA C 147 -5.82 4.09 10.29
N LEU C 148 -5.60 5.34 10.66
CA LEU C 148 -5.11 5.68 12.00
C LEU C 148 -6.15 5.38 13.08
N THR C 149 -7.43 5.51 12.73
CA THR C 149 -8.50 5.27 13.69
C THR C 149 -8.56 3.77 14.02
N GLY C 150 -8.62 3.45 15.31
CA GLY C 150 -8.67 2.06 15.74
C GLY C 150 -10.09 1.52 15.83
N LYS C 151 -10.78 1.52 14.70
CA LYS C 151 -12.15 1.05 14.59
C LYS C 151 -12.50 0.99 13.12
N VAL C 152 -12.82 -0.21 12.63
CA VAL C 152 -13.14 -0.39 11.23
C VAL C 152 -14.59 -0.07 10.91
N ASN C 153 -15.51 -0.79 11.55
CA ASN C 153 -16.93 -0.61 11.34
C ASN C 153 -17.48 0.47 12.27
N PRO C 154 -18.36 1.36 11.76
CA PRO C 154 -18.89 1.42 10.39
C PRO C 154 -18.09 2.37 9.48
N TYR C 155 -17.12 3.05 10.08
CA TYR C 155 -16.26 3.99 9.38
C TYR C 155 -15.70 3.50 8.03
N SER C 156 -15.38 2.20 7.92
CA SER C 156 -14.79 1.69 6.67
C SER C 156 -15.54 0.52 6.05
N ALA C 157 -16.60 0.07 6.70
CA ALA C 157 -17.38 -1.07 6.23
C ALA C 157 -17.66 -1.06 4.73
N GLY C 158 -17.40 -2.18 4.08
CA GLY C 158 -17.67 -2.27 2.65
C GLY C 158 -16.73 -1.52 1.73
N MET C 159 -15.89 -0.66 2.30
CA MET C 159 -14.95 0.15 1.53
C MET C 159 -13.63 -0.55 1.14
N GLY C 160 -13.34 -1.67 1.79
CA GLY C 160 -12.09 -2.36 1.51
C GLY C 160 -11.05 -1.90 2.50
N LEU C 161 -9.79 -2.29 2.30
CA LEU C 161 -8.74 -1.91 3.24
C LEU C 161 -8.17 -0.51 3.04
N MET C 162 -8.09 0.22 4.16
CA MET C 162 -7.55 1.57 4.16
C MET C 162 -6.02 1.57 4.02
N PRO C 163 -5.42 2.73 3.69
CA PRO C 163 -3.98 2.90 3.53
C PRO C 163 -3.13 2.11 4.53
N GLY C 164 -2.15 1.39 4.01
CA GLY C 164 -1.29 0.61 4.87
C GLY C 164 -0.17 1.43 5.48
N HIS C 165 0.69 0.75 6.23
CA HIS C 165 1.83 1.38 6.86
C HIS C 165 1.43 2.27 8.02
N VAL C 166 0.43 1.77 8.74
CA VAL C 166 -0.12 2.39 9.93
C VAL C 166 -0.18 1.16 10.83
N TYR C 167 0.57 1.16 11.93
CA TYR C 167 0.60 0.02 12.82
C TYR C 167 -0.15 0.31 14.11
N ARG C 168 -0.72 -0.73 14.70
CA ARG C 168 -1.54 -0.62 15.89
C ARG C 168 -0.86 -1.02 17.20
N ALA C 169 -0.95 -0.14 18.19
CA ALA C 169 -0.40 -0.42 19.50
C ALA C 169 -1.59 -0.47 20.45
N LEU C 170 -1.35 -0.94 21.67
CA LEU C 170 -2.43 -1.04 22.65
C LEU C 170 -2.45 0.19 23.53
N TYR C 171 -3.61 0.83 23.66
CA TYR C 171 -3.71 2.01 24.51
C TYR C 171 -3.77 1.51 25.96
N PRO C 172 -2.99 2.10 26.86
CA PRO C 172 -3.03 1.62 28.24
C PRO C 172 -4.44 1.75 28.81
N CYS C 173 -4.95 0.68 29.40
CA CYS C 173 -6.30 0.71 29.96
C CYS C 173 -6.43 -0.36 31.02
N PRO C 174 -6.00 -0.05 32.24
CA PRO C 174 -6.06 -0.98 33.38
C PRO C 174 -7.44 -1.59 33.56
N LEU C 175 -8.46 -0.73 33.54
CA LEU C 175 -9.84 -1.18 33.70
C LEU C 175 -10.16 -2.40 32.85
N HIS C 176 -9.50 -2.53 31.70
CA HIS C 176 -9.75 -3.67 30.82
C HIS C 176 -8.54 -4.58 30.64
N GLY C 177 -7.67 -4.61 31.65
CA GLY C 177 -6.50 -5.46 31.59
C GLY C 177 -5.32 -5.10 30.69
N ILE C 178 -5.25 -3.85 30.25
CA ILE C 178 -4.12 -3.46 29.42
C ILE C 178 -3.23 -2.59 30.28
N SER C 179 -2.15 -3.16 30.81
CA SER C 179 -1.24 -2.38 31.66
C SER C 179 -0.38 -1.46 30.80
N GLU C 180 0.28 -0.51 31.46
CA GLU C 180 1.15 0.40 30.73
C GLU C 180 2.27 -0.40 30.11
N ASP C 181 2.76 -1.40 30.85
CA ASP C 181 3.82 -2.25 30.33
C ASP C 181 3.35 -2.91 29.04
N ASP C 182 2.07 -3.29 29.02
CA ASP C 182 1.50 -3.92 27.84
C ASP C 182 1.56 -2.96 26.67
N ALA C 183 1.12 -1.72 26.93
CA ALA C 183 1.08 -0.69 25.91
C ALA C 183 2.45 -0.45 25.31
N ILE C 184 3.43 -0.20 26.15
CA ILE C 184 4.79 0.04 25.67
C ILE C 184 5.32 -1.19 24.92
N ALA C 185 5.09 -2.37 25.48
CA ALA C 185 5.56 -3.61 24.86
C ALA C 185 4.94 -3.79 23.47
N SER C 186 3.69 -3.36 23.29
CA SER C 186 3.02 -3.49 22.00
C SER C 186 3.70 -2.61 20.96
N ILE C 187 4.33 -1.52 21.41
CA ILE C 187 5.03 -0.66 20.47
C ILE C 187 6.31 -1.35 20.01
N HIS C 188 7.05 -1.93 20.96
CA HIS C 188 8.29 -2.64 20.61
C HIS C 188 8.01 -3.82 19.68
N ARG C 189 6.81 -4.40 19.82
CA ARG C 189 6.39 -5.53 18.99
C ARG C 189 6.31 -5.09 17.51
N ILE C 190 5.78 -3.91 17.28
CA ILE C 190 5.71 -3.36 15.93
C ILE C 190 7.16 -3.21 15.40
N PHE C 191 8.03 -2.64 16.23
CA PHE C 191 9.42 -2.44 15.84
C PHE C 191 10.07 -3.77 15.44
N LYS C 192 9.74 -4.84 16.15
CA LYS C 192 10.34 -6.14 15.88
C LYS C 192 9.71 -6.95 14.75
N ASN C 193 8.39 -6.97 14.68
CA ASN C 193 7.72 -7.75 13.67
C ASN C 193 7.33 -7.10 12.35
N ASP C 194 7.08 -5.79 12.36
CA ASP C 194 6.59 -5.13 11.15
C ASP C 194 7.21 -3.86 10.61
N ALA C 195 7.69 -2.97 11.48
CA ALA C 195 8.27 -1.71 11.01
C ALA C 195 9.33 -1.18 11.98
N ALA C 196 10.59 -1.23 11.56
CA ALA C 196 11.66 -0.75 12.42
C ALA C 196 11.49 0.73 12.76
N PRO C 197 12.03 1.15 13.91
CA PRO C 197 11.92 2.55 14.33
C PRO C 197 12.32 3.52 13.24
N GLU C 198 13.34 3.18 12.44
CA GLU C 198 13.79 4.09 11.40
C GLU C 198 12.83 4.26 10.23
N ASP C 199 11.67 3.63 10.31
CA ASP C 199 10.67 3.74 9.26
C ASP C 199 9.40 4.31 9.88
N ILE C 200 9.45 4.59 11.18
CA ILE C 200 8.31 5.17 11.87
C ILE C 200 8.56 6.68 12.03
N ALA C 201 7.73 7.46 11.38
CA ALA C 201 7.85 8.91 11.41
C ALA C 201 7.23 9.49 12.68
N ALA C 202 6.14 8.85 13.13
CA ALA C 202 5.46 9.36 14.29
C ALA C 202 4.57 8.34 14.98
N ILE C 203 4.25 8.65 16.23
CA ILE C 203 3.36 7.86 17.04
C ILE C 203 2.25 8.86 17.37
N VAL C 204 1.02 8.54 16.97
CA VAL C 204 -0.12 9.42 17.19
C VAL C 204 -0.92 8.91 18.37
N ILE C 205 -1.18 9.81 19.32
CA ILE C 205 -1.91 9.41 20.50
C ILE C 205 -2.78 10.52 21.06
N GLU C 206 -3.94 10.13 21.57
CA GLU C 206 -4.86 11.06 22.22
C GLU C 206 -4.49 11.01 23.71
N PRO C 207 -4.09 12.16 24.31
CA PRO C 207 -3.75 12.16 25.74
C PRO C 207 -4.90 11.46 26.46
N VAL C 208 -6.11 11.82 26.08
CA VAL C 208 -7.33 11.21 26.60
C VAL C 208 -8.13 10.84 25.35
N GLN C 209 -8.40 9.55 25.16
CA GLN C 209 -9.17 9.11 23.99
C GLN C 209 -10.63 9.58 24.10
N GLY C 210 -11.17 10.08 23.00
CA GLY C 210 -12.54 10.56 23.00
C GLY C 210 -13.56 9.49 22.64
N GLU C 211 -13.71 9.23 21.35
CA GLU C 211 -14.65 8.22 20.88
C GLU C 211 -14.26 6.87 21.48
N GLY C 212 -12.98 6.76 21.83
CA GLY C 212 -12.44 5.54 22.41
C GLY C 212 -12.90 5.17 23.80
N GLY C 213 -13.66 6.06 24.45
CA GLY C 213 -14.16 5.75 25.78
C GLY C 213 -13.74 6.66 26.93
N PHE C 214 -13.13 7.80 26.60
CA PHE C 214 -12.67 8.73 27.63
C PHE C 214 -11.72 8.03 28.58
N TYR C 215 -10.71 7.39 28.01
CA TYR C 215 -9.68 6.71 28.80
C TYR C 215 -8.45 7.63 28.69
N ALA C 216 -7.92 8.03 29.84
CA ALA C 216 -6.76 8.92 29.87
C ALA C 216 -5.45 8.21 30.05
N SER C 217 -4.41 8.78 29.47
CA SER C 217 -3.07 8.25 29.60
C SER C 217 -2.51 8.88 30.88
N SER C 218 -1.73 8.12 31.63
CA SER C 218 -1.14 8.65 32.86
C SER C 218 0.14 9.39 32.48
N PRO C 219 0.60 10.31 33.33
CA PRO C 219 1.82 11.05 33.04
C PRO C 219 2.99 10.06 32.91
N ALA C 220 3.03 9.08 33.80
CA ALA C 220 4.08 8.06 33.78
C ALA C 220 4.16 7.43 32.40
N PHE C 221 3.01 7.06 31.85
CA PHE C 221 2.95 6.46 30.52
C PHE C 221 3.42 7.43 29.44
N MET C 222 2.83 8.63 29.42
CA MET C 222 3.21 9.63 28.43
C MET C 222 4.72 9.88 28.49
N GLN C 223 5.29 9.84 29.69
CA GLN C 223 6.72 10.03 29.87
C GLN C 223 7.55 8.91 29.25
N ARG C 224 7.09 7.67 29.40
CA ARG C 224 7.79 6.54 28.80
C ARG C 224 7.69 6.67 27.28
N LEU C 225 6.54 7.13 26.79
CA LEU C 225 6.33 7.27 25.36
C LEU C 225 7.25 8.33 24.77
N ARG C 226 7.44 9.42 25.52
CA ARG C 226 8.31 10.53 25.10
C ARG C 226 9.74 10.01 25.04
N ALA C 227 10.12 9.22 26.04
CA ALA C 227 11.47 8.67 26.09
C ALA C 227 11.69 7.75 24.88
N LEU C 228 10.71 6.89 24.62
CA LEU C 228 10.78 5.97 23.49
C LEU C 228 10.91 6.70 22.17
N CYS C 229 10.12 7.76 21.98
CA CYS C 229 10.19 8.53 20.75
C CYS C 229 11.55 9.21 20.63
N ASP C 230 11.99 9.82 21.73
CA ASP C 230 13.30 10.49 21.74
C ASP C 230 14.42 9.54 21.35
N GLU C 231 14.43 8.35 21.91
CA GLU C 231 15.48 7.40 21.59
C GLU C 231 15.58 7.09 20.10
N HIS C 232 14.44 7.05 19.42
CA HIS C 232 14.41 6.71 17.99
C HIS C 232 14.15 7.85 17.02
N GLY C 233 14.06 9.07 17.52
CA GLY C 233 13.82 10.17 16.61
C GLY C 233 12.45 10.13 15.98
N ILE C 234 11.49 9.60 16.71
CA ILE C 234 10.12 9.49 16.26
C ILE C 234 9.35 10.72 16.77
N MET C 235 8.51 11.30 15.93
CA MET C 235 7.76 12.48 16.33
C MET C 235 6.54 12.05 17.13
N LEU C 236 6.37 12.63 18.31
CA LEU C 236 5.22 12.32 19.13
C LEU C 236 4.14 13.32 18.76
N ILE C 237 3.03 12.81 18.22
CA ILE C 237 1.92 13.67 17.84
C ILE C 237 0.76 13.54 18.83
N ALA C 238 0.44 14.63 19.50
CA ALA C 238 -0.65 14.64 20.44
C ALA C 238 -1.88 15.13 19.69
N ASP C 239 -2.85 14.23 19.50
CA ASP C 239 -4.10 14.60 18.85
C ASP C 239 -4.99 15.14 19.96
N GLU C 240 -5.15 16.46 20.04
CA GLU C 240 -5.96 17.05 21.09
C GLU C 240 -7.21 17.72 20.54
N VAL C 241 -7.62 17.27 19.35
CA VAL C 241 -8.82 17.82 18.74
C VAL C 241 -10.01 17.80 19.71
N GLN C 242 -10.16 16.72 20.47
CA GLN C 242 -11.27 16.63 21.41
C GLN C 242 -10.84 16.87 22.86
N SER C 243 -9.63 16.44 23.23
CA SER C 243 -9.16 16.64 24.59
C SER C 243 -8.69 18.08 24.82
N GLY C 244 -8.42 18.80 23.74
CA GLY C 244 -7.94 20.17 23.83
C GLY C 244 -8.98 21.25 24.06
N ALA C 245 -8.55 22.50 23.94
CA ALA C 245 -9.45 23.63 24.14
C ALA C 245 -10.04 23.61 25.56
N GLY C 246 -9.18 23.28 26.52
CA GLY C 246 -9.53 23.27 27.93
C GLY C 246 -10.45 22.23 28.54
N ARG C 247 -10.84 21.21 27.79
CA ARG C 247 -11.74 20.21 28.35
C ARG C 247 -11.25 19.50 29.63
N THR C 248 -9.93 19.37 29.79
CA THR C 248 -9.38 18.66 30.94
C THR C 248 -8.92 19.47 32.14
N GLY C 249 -9.23 20.76 32.19
CA GLY C 249 -8.78 21.56 33.32
C GLY C 249 -7.63 22.43 32.91
N THR C 250 -6.88 21.99 31.90
CA THR C 250 -5.77 22.79 31.37
C THR C 250 -6.14 22.95 29.89
N LEU C 251 -5.59 23.97 29.24
CA LEU C 251 -5.91 24.20 27.83
C LEU C 251 -5.68 22.95 27.02
N PHE C 252 -4.54 22.32 27.23
CA PHE C 252 -4.23 21.08 26.54
C PHE C 252 -3.88 20.03 27.57
N ALA C 253 -4.38 18.81 27.34
CA ALA C 253 -4.15 17.70 28.23
C ALA C 253 -2.67 17.39 28.46
N MET C 254 -1.84 17.59 27.44
CA MET C 254 -0.42 17.31 27.59
C MET C 254 0.23 18.09 28.73
N GLU C 255 -0.30 19.26 29.07
CA GLU C 255 0.28 20.05 30.15
C GLU C 255 0.30 19.25 31.44
N GLN C 256 -0.68 18.37 31.60
CA GLN C 256 -0.78 17.54 32.80
C GLN C 256 0.00 16.25 32.69
N MET C 257 0.67 16.02 31.56
CA MET C 257 1.40 14.78 31.38
C MET C 257 2.85 14.84 31.83
N GLY C 258 3.36 16.04 31.96
CA GLY C 258 4.74 16.20 32.39
C GLY C 258 5.74 16.22 31.25
N VAL C 259 5.25 16.17 30.02
CA VAL C 259 6.13 16.19 28.85
C VAL C 259 5.46 16.86 27.68
N ALA C 260 6.25 17.25 26.69
CA ALA C 260 5.69 17.91 25.52
C ALA C 260 5.80 17.07 24.26
N PRO C 261 4.77 17.14 23.41
CA PRO C 261 4.72 16.41 22.16
C PRO C 261 5.51 17.23 21.16
N ASP C 262 5.84 16.64 20.02
CA ASP C 262 6.57 17.35 18.98
C ASP C 262 5.55 18.12 18.12
N LEU C 263 4.33 17.58 18.04
CA LEU C 263 3.26 18.17 17.26
C LEU C 263 1.92 17.97 17.99
N THR C 264 1.10 19.01 17.95
CA THR C 264 -0.21 18.96 18.57
C THR C 264 -1.28 19.39 17.58
N THR C 265 -2.38 18.64 17.54
CA THR C 265 -3.49 18.99 16.67
C THR C 265 -4.64 19.52 17.52
N PHE C 266 -5.39 20.46 16.96
CA PHE C 266 -6.50 21.03 17.69
C PHE C 266 -7.60 21.40 16.71
N ALA C 267 -8.82 21.41 17.21
CA ALA C 267 -10.01 21.74 16.43
C ALA C 267 -11.15 21.85 17.42
N LYS C 268 -12.34 21.41 17.00
CA LYS C 268 -13.55 21.45 17.81
C LYS C 268 -13.75 22.72 18.65
N SER C 269 -13.56 22.64 19.97
CA SER C 269 -13.79 23.80 20.82
C SER C 269 -12.90 25.02 20.61
N ILE C 270 -11.78 24.84 19.93
CA ILE C 270 -10.86 25.96 19.70
C ILE C 270 -11.57 27.22 19.19
N ALA C 271 -12.63 27.07 18.39
CA ALA C 271 -13.35 28.21 17.84
C ALA C 271 -14.83 28.33 18.23
N GLY C 272 -15.18 27.70 19.36
CA GLY C 272 -16.53 27.76 19.89
C GLY C 272 -17.70 27.52 18.95
N GLY C 273 -17.54 26.65 17.97
CA GLY C 273 -18.65 26.39 17.07
C GLY C 273 -18.51 26.97 15.68
N PHE C 274 -17.26 27.17 15.25
CA PHE C 274 -16.97 27.67 13.90
C PHE C 274 -15.86 26.79 13.31
N PRO C 275 -15.92 26.51 11.99
CA PRO C 275 -14.94 25.67 11.31
C PRO C 275 -13.47 26.09 11.26
N LEU C 276 -12.68 25.57 12.20
CA LEU C 276 -11.27 25.88 12.26
C LEU C 276 -10.54 24.74 12.95
N ALA C 277 -9.32 24.49 12.49
CA ALA C 277 -8.44 23.46 13.05
C ALA C 277 -6.98 23.89 12.81
N GLY C 278 -6.04 23.19 13.45
CA GLY C 278 -4.64 23.53 13.28
C GLY C 278 -3.65 22.54 13.88
N VAL C 279 -2.38 22.78 13.57
CA VAL C 279 -1.29 21.97 14.05
C VAL C 279 -0.21 22.91 14.58
N THR C 280 0.26 22.64 15.79
CA THR C 280 1.31 23.45 16.40
C THR C 280 2.47 22.53 16.77
N GLY C 281 3.66 22.90 16.35
CA GLY C 281 4.78 22.04 16.70
C GLY C 281 6.14 22.69 16.74
N ARG C 282 7.11 21.91 17.21
CA ARG C 282 8.49 22.33 17.30
C ARG C 282 8.83 23.00 15.96
N ALA C 283 9.33 24.24 16.03
CA ALA C 283 9.66 24.99 14.83
C ALA C 283 10.46 24.24 13.76
N GLU C 284 11.57 23.63 14.15
CA GLU C 284 12.39 22.89 13.19
C GLU C 284 11.59 21.79 12.50
N VAL C 285 10.74 21.11 13.27
CA VAL C 285 9.93 20.04 12.72
C VAL C 285 8.92 20.60 11.73
N MET C 286 8.19 21.63 12.14
CA MET C 286 7.19 22.28 11.30
C MET C 286 7.78 22.80 9.99
N ASP C 287 9.05 23.23 10.04
CA ASP C 287 9.71 23.78 8.87
C ASP C 287 10.24 22.73 7.88
N ALA C 288 10.17 21.46 8.24
CA ALA C 288 10.66 20.40 7.35
C ALA C 288 9.96 20.42 6.00
N VAL C 289 8.68 20.72 5.97
CA VAL C 289 7.94 20.71 4.74
C VAL C 289 8.44 21.82 3.82
N ALA C 290 8.63 21.48 2.54
CA ALA C 290 9.11 22.42 1.53
C ALA C 290 8.10 23.53 1.33
N PRO C 291 8.58 24.73 1.02
CA PRO C 291 7.66 25.86 0.81
C PRO C 291 6.58 25.58 -0.23
N GLY C 292 5.33 25.86 0.15
CA GLY C 292 4.21 25.62 -0.75
C GLY C 292 3.66 24.21 -0.67
N GLY C 293 4.22 23.39 0.21
CA GLY C 293 3.77 22.01 0.35
C GLY C 293 2.51 21.92 1.18
N LEU C 294 2.27 22.93 2.02
CA LEU C 294 1.08 22.94 2.86
C LEU C 294 0.04 23.94 2.36
N GLY C 295 -1.22 23.56 2.45
CA GLY C 295 -2.27 24.45 1.98
C GLY C 295 -3.67 23.84 1.97
N GLY C 296 -4.66 24.71 1.98
CA GLY C 296 -6.05 24.29 1.96
C GLY C 296 -6.81 25.56 1.66
N THR C 297 -7.86 25.47 0.84
CA THR C 297 -8.62 26.65 0.45
C THR C 297 -9.23 27.47 1.59
N TYR C 298 -9.99 26.83 2.46
CA TYR C 298 -10.67 27.53 3.57
C TYR C 298 -9.79 27.70 4.79
N ALA C 299 -8.67 26.98 4.82
CA ALA C 299 -7.73 26.97 5.92
C ALA C 299 -7.62 28.28 6.71
N GLY C 300 -7.82 28.19 8.02
CA GLY C 300 -7.76 29.37 8.85
C GLY C 300 -8.74 30.43 8.40
N ASN C 301 -9.98 30.04 8.20
CA ASN C 301 -11.01 30.96 7.76
C ASN C 301 -11.08 32.19 8.67
N PRO C 302 -11.02 33.40 8.08
CA PRO C 302 -11.07 34.67 8.82
C PRO C 302 -12.06 34.73 9.99
N ILE C 303 -13.32 34.39 9.71
CA ILE C 303 -14.36 34.42 10.74
C ILE C 303 -14.11 33.40 11.86
N ALA C 304 -13.67 32.21 11.51
CA ALA C 304 -13.39 31.20 12.54
C ALA C 304 -12.17 31.62 13.39
N CYS C 305 -11.22 32.33 12.79
CA CYS C 305 -10.03 32.79 13.50
C CYS C 305 -10.37 33.77 14.63
N VAL C 306 -11.13 34.82 14.33
CA VAL C 306 -11.47 35.78 15.37
C VAL C 306 -12.33 35.09 16.42
N ALA C 307 -13.12 34.10 16.00
CA ALA C 307 -13.94 33.36 16.96
C ALA C 307 -12.99 32.62 17.92
N ALA C 308 -11.95 32.00 17.36
CA ALA C 308 -10.96 31.27 18.17
C ALA C 308 -10.19 32.23 19.08
N LEU C 309 -9.78 33.37 18.54
CA LEU C 309 -9.06 34.36 19.32
C LEU C 309 -9.95 34.84 20.47
N GLU C 310 -11.25 34.93 20.24
CA GLU C 310 -12.18 35.39 21.27
C GLU C 310 -12.41 34.29 22.29
N VAL C 311 -12.47 33.05 21.81
CA VAL C 311 -12.67 31.92 22.71
C VAL C 311 -11.54 31.85 23.75
N LEU C 312 -10.32 32.17 23.32
CA LEU C 312 -9.19 32.14 24.23
C LEU C 312 -9.30 33.28 25.25
N LYS C 313 -9.76 34.44 24.81
CA LYS C 313 -9.92 35.56 25.72
C LYS C 313 -10.99 35.20 26.75
N VAL C 314 -12.07 34.57 26.29
CA VAL C 314 -13.16 34.17 27.17
C VAL C 314 -12.64 33.21 28.23
N PHE C 315 -11.81 32.25 27.81
CA PHE C 315 -11.26 31.29 28.74
C PHE C 315 -10.51 31.96 29.87
N GLU C 316 -9.74 32.99 29.52
CA GLU C 316 -8.96 33.72 30.51
C GLU C 316 -9.84 34.63 31.37
N GLN C 317 -10.66 35.45 30.72
CA GLN C 317 -11.53 36.38 31.43
C GLN C 317 -12.56 35.71 32.31
N GLU C 318 -13.07 34.55 31.89
CA GLU C 318 -14.08 33.84 32.67
C GLU C 318 -13.59 32.62 33.42
N ASN C 319 -12.29 32.51 33.59
CA ASN C 319 -11.68 31.38 34.29
C ASN C 319 -12.35 30.05 33.98
N LEU C 320 -12.53 29.74 32.71
CA LEU C 320 -13.17 28.50 32.32
C LEU C 320 -12.37 27.23 32.65
N LEU C 321 -11.05 27.34 32.77
CA LEU C 321 -10.23 26.19 33.11
C LEU C 321 -10.58 25.74 34.52
N GLN C 322 -10.77 26.71 35.41
CA GLN C 322 -11.13 26.41 36.79
C GLN C 322 -12.55 25.85 36.84
N LYS C 323 -13.50 26.52 36.18
CA LYS C 323 -14.89 26.06 36.15
C LYS C 323 -14.97 24.67 35.54
N ALA C 324 -14.02 24.37 34.64
CA ALA C 324 -13.98 23.05 34.01
C ALA C 324 -13.74 22.00 35.11
N ASN C 325 -12.70 22.21 35.91
CA ASN C 325 -12.36 21.29 37.01
C ASN C 325 -13.49 21.12 38.03
N ASP C 326 -14.13 22.22 38.40
CA ASP C 326 -15.22 22.14 39.36
C ASP C 326 -16.41 21.42 38.74
N LEU C 327 -16.69 21.71 37.47
CA LEU C 327 -17.81 21.08 36.79
C LEU C 327 -17.53 19.60 36.82
N GLY C 328 -16.28 19.25 36.52
CA GLY C 328 -15.89 17.85 36.50
C GLY C 328 -16.15 17.20 37.85
N GLN C 329 -15.77 17.89 38.92
CA GLN C 329 -15.94 17.37 40.26
C GLN C 329 -17.41 17.22 40.63
N LYS C 330 -18.22 18.26 40.37
CA LYS C 330 -19.64 18.19 40.67
C LYS C 330 -20.30 17.04 39.91
N LEU C 331 -19.89 16.83 38.66
CA LEU C 331 -20.45 15.75 37.85
C LEU C 331 -20.12 14.38 38.41
N LYS C 332 -18.85 14.16 38.71
CA LYS C 332 -18.42 12.87 39.24
C LYS C 332 -19.15 12.55 40.54
N ASP C 333 -19.25 13.55 41.42
CA ASP C 333 -19.91 13.37 42.71
C ASP C 333 -21.34 12.91 42.55
N GLY C 334 -22.08 13.57 41.67
CA GLY C 334 -23.46 13.21 41.43
C GLY C 334 -23.58 11.87 40.72
N LEU C 335 -22.59 11.55 39.89
CA LEU C 335 -22.61 10.29 39.16
C LEU C 335 -22.24 9.15 40.10
N LEU C 336 -21.33 9.41 41.03
CA LEU C 336 -20.96 8.40 42.02
C LEU C 336 -22.18 8.18 42.94
N ALA C 337 -22.91 9.27 43.19
CA ALA C 337 -24.09 9.21 44.02
C ALA C 337 -25.07 8.23 43.39
N ILE C 338 -25.30 8.40 42.08
CA ILE C 338 -26.19 7.54 41.33
C ILE C 338 -25.64 6.12 41.27
N ALA C 339 -24.32 6.01 41.19
CA ALA C 339 -23.66 4.71 41.11
C ALA C 339 -23.96 3.81 42.31
N GLU C 340 -24.16 4.42 43.47
CA GLU C 340 -24.45 3.64 44.67
C GLU C 340 -25.76 2.89 44.58
N LYS C 341 -26.68 3.40 43.77
CA LYS C 341 -27.97 2.76 43.62
C LYS C 341 -28.04 1.84 42.39
N HIS C 342 -27.05 1.96 41.50
CA HIS C 342 -27.02 1.14 40.30
C HIS C 342 -25.63 0.59 40.01
N PRO C 343 -25.44 -0.71 40.27
CA PRO C 343 -24.19 -1.46 40.07
C PRO C 343 -23.70 -1.46 38.63
N GLU C 344 -24.63 -1.31 37.70
CA GLU C 344 -24.33 -1.28 36.28
C GLU C 344 -23.21 -0.27 36.01
N ILE C 345 -23.21 0.81 36.78
CA ILE C 345 -22.20 1.83 36.65
C ILE C 345 -20.92 1.33 37.31
N GLY C 346 -20.10 0.63 36.52
CA GLY C 346 -18.86 0.08 37.02
C GLY C 346 -17.65 0.99 37.08
N ASP C 347 -17.80 2.26 36.68
CA ASP C 347 -16.69 3.19 36.74
C ASP C 347 -17.03 4.62 36.38
N VAL C 348 -16.55 5.55 37.19
CA VAL C 348 -16.77 6.99 36.97
C VAL C 348 -15.38 7.58 36.87
N ARG C 349 -15.10 8.29 35.78
CA ARG C 349 -13.77 8.84 35.55
C ARG C 349 -13.71 10.13 34.76
N GLY C 350 -12.50 10.70 34.68
CA GLY C 350 -12.30 11.90 33.89
C GLY C 350 -11.36 12.97 34.42
N LEU C 351 -10.72 13.68 33.50
CA LEU C 351 -9.83 14.79 33.82
C LEU C 351 -10.64 16.04 33.53
N GLY C 352 -10.60 17.01 34.43
CA GLY C 352 -11.35 18.24 34.22
C GLY C 352 -12.81 17.95 33.93
N ALA C 353 -13.33 18.47 32.81
CA ALA C 353 -14.73 18.26 32.44
C ALA C 353 -14.92 17.20 31.33
N MET C 354 -13.91 16.36 31.14
CA MET C 354 -13.98 15.30 30.15
C MET C 354 -14.40 14.09 31.01
N ILE C 355 -15.66 14.11 31.42
CA ILE C 355 -16.20 13.09 32.30
C ILE C 355 -17.02 12.00 31.66
N ALA C 356 -16.91 10.78 32.20
CA ALA C 356 -17.67 9.67 31.68
C ALA C 356 -17.89 8.56 32.72
N ILE C 357 -18.87 7.71 32.44
CA ILE C 357 -19.15 6.56 33.28
C ILE C 357 -19.31 5.43 32.27
N GLU C 358 -18.91 4.23 32.67
CA GLU C 358 -19.01 3.07 31.80
C GLU C 358 -19.98 2.07 32.45
N LEU C 359 -20.81 1.42 31.63
CA LEU C 359 -21.80 0.49 32.15
C LEU C 359 -21.52 -0.99 31.84
N PHE C 360 -21.69 -1.85 32.86
CA PHE C 360 -21.49 -3.27 32.68
C PHE C 360 -22.69 -4.09 33.18
N GLU C 361 -22.87 -5.28 32.64
CA GLU C 361 -23.98 -6.14 33.05
C GLU C 361 -23.59 -6.76 34.38
N ASP C 362 -24.31 -6.39 35.45
CA ASP C 362 -24.02 -6.94 36.77
C ASP C 362 -22.58 -6.64 37.17
N GLY C 363 -22.18 -5.38 37.05
CA GLY C 363 -20.82 -5.00 37.41
C GLY C 363 -19.70 -5.89 36.88
N ASP C 364 -20.04 -6.79 35.96
CA ASP C 364 -19.05 -7.70 35.36
C ASP C 364 -18.25 -6.94 34.31
N HIS C 365 -17.04 -6.52 34.66
CA HIS C 365 -16.21 -5.75 33.74
C HIS C 365 -15.99 -6.39 32.37
N ASN C 366 -16.48 -7.61 32.18
CA ASN C 366 -16.33 -8.32 30.90
C ASN C 366 -17.61 -8.27 30.08
N LYS C 367 -18.69 -7.80 30.69
CA LYS C 367 -19.98 -7.72 30.01
C LYS C 367 -20.43 -6.27 29.78
N PRO C 368 -19.86 -5.60 28.77
CA PRO C 368 -20.20 -4.21 28.46
C PRO C 368 -21.69 -4.07 28.16
N ASP C 369 -22.40 -3.28 28.97
CA ASP C 369 -23.83 -3.11 28.78
C ASP C 369 -24.19 -2.03 27.76
N ALA C 370 -24.00 -2.35 26.47
CA ALA C 370 -24.31 -1.40 25.42
C ALA C 370 -25.81 -1.11 25.34
N LYS C 371 -26.62 -2.14 25.57
CA LYS C 371 -28.08 -1.96 25.53
C LYS C 371 -28.56 -0.96 26.57
N LEU C 372 -28.05 -1.10 27.79
CA LEU C 372 -28.46 -0.20 28.85
C LEU C 372 -28.04 1.21 28.49
N THR C 373 -26.82 1.37 27.98
CA THR C 373 -26.31 2.67 27.58
C THR C 373 -27.26 3.34 26.60
N ALA C 374 -27.62 2.61 25.54
CA ALA C 374 -28.52 3.13 24.54
C ALA C 374 -29.85 3.53 25.19
N GLU C 375 -30.33 2.72 26.12
CA GLU C 375 -31.59 3.00 26.80
C GLU C 375 -31.52 4.32 27.56
N ILE C 376 -30.41 4.52 28.27
CA ILE C 376 -30.24 5.74 29.04
C ILE C 376 -30.27 6.99 28.15
N VAL C 377 -29.59 6.91 27.00
CA VAL C 377 -29.55 8.03 26.06
C VAL C 377 -30.97 8.33 25.58
N ALA C 378 -31.67 7.28 25.17
CA ALA C 378 -33.05 7.40 24.70
C ALA C 378 -33.93 8.01 25.78
N ARG C 379 -33.79 7.51 27.00
CA ARG C 379 -34.58 8.00 28.13
C ARG C 379 -34.26 9.45 28.46
N ALA C 380 -32.98 9.79 28.44
CA ALA C 380 -32.55 11.14 28.74
C ALA C 380 -33.16 12.10 27.71
N ARG C 381 -33.22 11.67 26.44
CA ARG C 381 -33.80 12.50 25.38
C ARG C 381 -35.26 12.78 25.66
N ASP C 382 -35.98 11.76 26.14
CA ASP C 382 -37.40 11.92 26.47
C ASP C 382 -37.56 12.92 27.59
N LYS C 383 -36.51 13.09 28.38
CA LYS C 383 -36.53 14.03 29.49
C LYS C 383 -35.91 15.37 29.13
N GLY C 384 -35.61 15.58 27.85
CA GLY C 384 -35.04 16.84 27.42
C GLY C 384 -33.53 17.00 27.57
N LEU C 385 -32.81 15.91 27.80
CA LEU C 385 -31.35 15.96 27.95
C LEU C 385 -30.65 15.25 26.79
N ILE C 386 -29.79 15.98 26.08
CA ILE C 386 -29.04 15.44 24.94
C ILE C 386 -27.70 14.85 25.40
N LEU C 387 -27.53 13.54 25.23
CA LEU C 387 -26.28 12.87 25.63
C LEU C 387 -25.67 12.06 24.49
N LEU C 388 -24.45 11.59 24.70
CA LEU C 388 -23.72 10.81 23.71
C LEU C 388 -22.99 9.65 24.37
N SER C 389 -22.89 8.54 23.66
CA SER C 389 -22.17 7.39 24.19
C SER C 389 -20.86 7.30 23.39
N CYS C 390 -20.02 6.33 23.71
CA CYS C 390 -18.76 6.15 23.01
C CYS C 390 -18.10 4.90 23.56
N GLY C 391 -16.87 4.63 23.16
CA GLY C 391 -16.17 3.45 23.63
C GLY C 391 -16.28 2.37 22.57
N PRO C 392 -15.24 1.55 22.37
CA PRO C 392 -15.35 0.50 21.35
C PRO C 392 -16.55 -0.44 21.53
N TYR C 393 -17.07 -0.53 22.75
CA TYR C 393 -18.21 -1.40 23.02
C TYR C 393 -19.50 -0.65 23.28
N TYR C 394 -19.48 0.65 22.97
CA TYR C 394 -20.65 1.51 23.12
C TYR C 394 -21.28 1.52 24.50
N ASN C 395 -20.52 1.19 25.53
CA ASN C 395 -21.09 1.16 26.87
C ASN C 395 -20.55 2.30 27.73
N VAL C 396 -20.09 3.36 27.09
CA VAL C 396 -19.57 4.49 27.83
C VAL C 396 -20.40 5.75 27.60
N LEU C 397 -20.88 6.33 28.69
CA LEU C 397 -21.66 7.55 28.61
C LEU C 397 -20.70 8.69 28.88
N ARG C 398 -20.69 9.69 28.01
CA ARG C 398 -19.79 10.82 28.19
C ARG C 398 -20.56 12.13 28.30
N ILE C 399 -19.99 13.06 29.07
CA ILE C 399 -20.59 14.37 29.24
C ILE C 399 -19.65 15.41 28.65
N LEU C 400 -20.16 16.15 27.68
CA LEU C 400 -19.39 17.18 27.00
C LEU C 400 -20.14 18.51 27.05
N VAL C 401 -20.91 18.70 28.12
CA VAL C 401 -21.67 19.94 28.29
C VAL C 401 -20.76 21.16 28.32
N PRO C 402 -21.24 22.28 27.73
CA PRO C 402 -20.45 23.51 27.70
C PRO C 402 -19.92 23.82 29.10
N LEU C 403 -18.68 24.32 29.17
CA LEU C 403 -18.09 24.65 30.47
C LEU C 403 -18.80 25.85 31.11
N THR C 404 -19.52 26.59 30.28
CA THR C 404 -20.25 27.78 30.72
C THR C 404 -21.61 27.44 31.32
N ILE C 405 -21.86 26.17 31.58
CA ILE C 405 -23.15 25.75 32.14
C ILE C 405 -23.45 26.40 33.48
N GLU C 406 -24.74 26.62 33.75
CA GLU C 406 -25.20 27.21 34.99
C GLU C 406 -25.35 26.12 36.06
N ASP C 407 -25.04 26.45 37.31
CA ASP C 407 -25.12 25.51 38.42
C ASP C 407 -26.43 24.74 38.52
N ALA C 408 -27.54 25.41 38.27
CA ALA C 408 -28.85 24.78 38.34
C ALA C 408 -29.01 23.75 37.23
N GLN C 409 -28.40 24.02 36.08
CA GLN C 409 -28.49 23.09 34.96
C GLN C 409 -27.68 21.85 35.27
N ILE C 410 -26.61 22.02 36.04
CA ILE C 410 -25.78 20.87 36.42
C ILE C 410 -26.66 19.94 37.26
N ARG C 411 -27.30 20.49 38.29
CA ARG C 411 -28.19 19.70 39.15
C ARG C 411 -29.30 19.12 38.28
N GLN C 412 -29.88 19.97 37.42
CA GLN C 412 -30.95 19.55 36.53
C GLN C 412 -30.52 18.34 35.71
N GLY C 413 -29.33 18.43 35.12
CA GLY C 413 -28.81 17.35 34.30
C GLY C 413 -28.65 16.06 35.07
N LEU C 414 -27.98 16.14 36.22
CA LEU C 414 -27.76 14.97 37.05
C LEU C 414 -29.10 14.33 37.46
N GLU C 415 -30.07 15.15 37.87
CA GLU C 415 -31.40 14.64 38.25
C GLU C 415 -31.95 13.78 37.12
N ILE C 416 -31.91 14.32 35.91
CA ILE C 416 -32.41 13.59 34.75
C ILE C 416 -31.69 12.24 34.58
N ILE C 417 -30.37 12.23 34.70
CA ILE C 417 -29.63 10.99 34.56
C ILE C 417 -30.06 10.02 35.66
N SER C 418 -30.21 10.54 36.87
CA SER C 418 -30.65 9.74 38.01
C SER C 418 -31.96 9.05 37.65
N GLN C 419 -32.97 9.87 37.34
CA GLN C 419 -34.30 9.39 36.97
C GLN C 419 -34.24 8.33 35.88
N CYS C 420 -33.36 8.53 34.89
CA CYS C 420 -33.23 7.58 33.79
C CYS C 420 -32.79 6.22 34.28
N PHE C 421 -31.78 6.19 35.14
CA PHE C 421 -31.32 4.92 35.67
C PHE C 421 -32.35 4.26 36.57
N ASP C 422 -33.04 5.05 37.38
CA ASP C 422 -34.06 4.53 38.27
C ASP C 422 -35.17 3.88 37.46
N GLU C 423 -35.70 4.63 36.50
CA GLU C 423 -36.77 4.12 35.66
C GLU C 423 -36.36 2.97 34.76
N ALA C 424 -35.10 2.93 34.36
CA ALA C 424 -34.63 1.84 33.50
C ALA C 424 -34.67 0.59 34.35
N LYS C 425 -33.94 0.65 35.46
CA LYS C 425 -33.90 -0.46 36.40
C LYS C 425 -35.12 -0.28 37.29
N GLN C 426 -36.30 -0.48 36.72
CA GLN C 426 -37.55 -0.32 37.46
C GLN C 426 -38.61 -1.30 36.96
N ASN D 2 -1.23 49.38 9.70
CA ASN D 2 -0.09 48.45 9.91
C ASN D 2 0.87 48.49 8.71
N SER D 3 1.59 47.40 8.50
CA SER D 3 2.53 47.29 7.38
C SER D 3 2.50 45.84 6.87
N ASN D 4 2.34 45.67 5.57
CA ASN D 4 2.34 44.34 5.00
C ASN D 4 3.64 43.63 5.40
N LYS D 5 4.77 44.28 5.14
CA LYS D 5 6.07 43.70 5.45
C LYS D 5 6.24 43.31 6.91
N GLU D 6 5.75 44.15 7.81
CA GLU D 6 5.86 43.82 9.23
C GLU D 6 5.08 42.53 9.51
N LEU D 7 3.87 42.43 8.95
CA LEU D 7 3.06 41.24 9.12
C LEU D 7 3.75 40.01 8.51
N MET D 8 4.43 40.18 7.38
CA MET D 8 5.17 39.10 6.74
C MET D 8 6.30 38.59 7.64
N GLN D 9 6.98 39.51 8.34
CA GLN D 9 8.06 39.12 9.23
C GLN D 9 7.54 38.27 10.38
N ARG D 10 6.39 38.67 10.94
CA ARG D 10 5.79 37.92 12.04
C ARG D 10 5.38 36.55 11.51
N ARG D 11 4.93 36.53 10.26
CA ARG D 11 4.49 35.30 9.61
C ARG D 11 5.66 34.34 9.52
N SER D 12 6.82 34.84 9.10
CA SER D 12 7.98 33.97 8.97
C SER D 12 8.42 33.39 10.30
N GLN D 13 8.06 34.06 11.40
CA GLN D 13 8.45 33.60 12.72
C GLN D 13 7.44 32.66 13.38
N ALA D 14 6.16 32.84 13.07
CA ALA D 14 5.12 32.04 13.69
C ALA D 14 4.53 30.91 12.84
N ILE D 15 4.66 31.05 11.53
CA ILE D 15 4.09 30.09 10.58
C ILE D 15 5.16 29.39 9.75
N PRO D 16 5.01 28.07 9.55
CA PRO D 16 5.99 27.31 8.77
C PRO D 16 6.08 27.74 7.32
N ARG D 17 7.29 27.67 6.77
CA ARG D 17 7.53 28.05 5.39
C ARG D 17 6.72 27.17 4.43
N GLY D 18 6.25 26.03 4.92
CA GLY D 18 5.46 25.14 4.09
C GLY D 18 4.25 25.85 3.51
N VAL D 19 3.68 26.77 4.27
CA VAL D 19 2.54 27.56 3.81
C VAL D 19 3.07 28.70 2.93
N GLY D 20 3.01 28.50 1.61
CA GLY D 20 3.48 29.52 0.69
C GLY D 20 2.62 30.79 0.68
N GLN D 21 3.19 31.88 0.18
CA GLN D 21 2.46 33.14 0.11
C GLN D 21 2.59 33.73 -1.30
N ILE D 22 1.54 33.60 -2.10
CA ILE D 22 1.59 34.11 -3.46
C ILE D 22 1.83 35.62 -3.45
N HIS D 23 0.98 36.35 -2.76
CA HIS D 23 1.08 37.80 -2.66
C HIS D 23 1.41 38.13 -1.22
N PRO D 24 2.57 38.77 -0.99
CA PRO D 24 3.01 39.14 0.36
C PRO D 24 2.18 40.29 0.91
N ILE D 25 0.86 40.16 0.80
CA ILE D 25 -0.05 41.20 1.23
C ILE D 25 -1.10 40.73 2.24
N PHE D 26 -1.33 41.56 3.26
CA PHE D 26 -2.33 41.23 4.28
C PHE D 26 -3.60 42.05 4.07
N ALA D 27 -4.67 41.35 3.71
CA ALA D 27 -5.96 41.99 3.50
C ALA D 27 -6.60 42.39 4.82
N ASP D 28 -7.40 43.45 4.78
CA ASP D 28 -8.13 43.93 5.96
C ASP D 28 -9.64 43.87 5.72
N ARG D 29 -10.08 44.43 4.59
CA ARG D 29 -11.49 44.46 4.22
C ARG D 29 -11.60 44.18 2.73
N ALA D 30 -12.77 43.69 2.32
CA ALA D 30 -12.99 43.40 0.91
C ALA D 30 -14.48 43.54 0.66
N GLU D 31 -14.82 43.72 -0.60
CA GLU D 31 -16.22 43.88 -0.97
C GLU D 31 -16.37 43.66 -2.46
N ASN D 32 -17.15 42.65 -2.81
CA ASN D 32 -17.38 42.31 -4.20
C ASN D 32 -16.04 42.00 -4.86
N CYS D 33 -15.53 42.89 -5.69
CA CYS D 33 -14.26 42.66 -6.39
C CYS D 33 -13.06 43.46 -5.86
N ARG D 34 -13.26 44.19 -4.78
CA ARG D 34 -12.17 45.00 -4.25
C ARG D 34 -11.64 44.50 -2.92
N VAL D 35 -10.33 44.67 -2.73
CA VAL D 35 -9.70 44.28 -1.48
C VAL D 35 -8.82 45.46 -1.08
N TRP D 36 -8.78 45.74 0.22
CA TRP D 36 -7.98 46.81 0.80
C TRP D 36 -7.09 46.12 1.81
N ASP D 37 -5.78 46.37 1.74
CA ASP D 37 -4.86 45.74 2.69
C ASP D 37 -4.71 46.58 3.94
N VAL D 38 -3.85 46.14 4.85
CA VAL D 38 -3.65 46.87 6.09
C VAL D 38 -3.04 48.25 5.89
N GLU D 39 -2.45 48.49 4.73
CA GLU D 39 -1.84 49.79 4.47
C GLU D 39 -2.84 50.71 3.78
N GLY D 40 -4.09 50.26 3.67
CA GLY D 40 -5.13 51.05 3.03
C GLY D 40 -5.13 51.01 1.52
N ARG D 41 -4.27 50.19 0.93
CA ARG D 41 -4.21 50.13 -0.52
C ARG D 41 -5.36 49.28 -1.10
N GLU D 42 -5.93 49.76 -2.19
CA GLU D 42 -7.06 49.10 -2.85
C GLU D 42 -6.59 48.23 -4.01
N TYR D 43 -7.15 47.02 -4.12
CA TYR D 43 -6.82 46.09 -5.20
C TYR D 43 -8.08 45.54 -5.86
N LEU D 44 -7.97 45.28 -7.15
CA LEU D 44 -9.06 44.68 -7.89
C LEU D 44 -8.73 43.18 -7.79
N ASP D 45 -9.66 42.40 -7.26
CA ASP D 45 -9.44 40.97 -7.06
C ASP D 45 -9.81 40.07 -8.25
N PHE D 46 -8.81 39.59 -8.97
CA PHE D 46 -9.05 38.71 -10.13
C PHE D 46 -8.72 37.25 -9.80
N ALA D 47 -8.52 36.94 -8.52
CA ALA D 47 -8.23 35.57 -8.10
C ALA D 47 -9.41 34.96 -7.31
N GLY D 48 -10.22 35.82 -6.69
CA GLY D 48 -11.38 35.38 -5.94
C GLY D 48 -11.16 34.32 -4.87
N GLY D 49 -10.11 34.48 -4.07
CA GLY D 49 -9.81 33.50 -3.02
C GLY D 49 -9.62 32.12 -3.62
N ILE D 50 -9.34 32.11 -4.92
CA ILE D 50 -9.17 30.91 -5.74
C ILE D 50 -10.52 30.32 -6.11
N ALA D 51 -11.29 31.07 -6.91
CA ALA D 51 -12.58 30.59 -7.37
C ALA D 51 -13.61 30.34 -6.24
N VAL D 52 -13.41 30.95 -5.09
CA VAL D 52 -14.31 30.79 -3.96
C VAL D 52 -15.34 31.91 -3.88
N LEU D 53 -15.12 32.97 -4.65
CA LEU D 53 -16.02 34.12 -4.61
C LEU D 53 -16.75 34.48 -5.93
N ASN D 54 -17.44 33.51 -6.52
CA ASN D 54 -18.13 33.78 -7.75
C ASN D 54 -19.19 34.87 -7.54
N THR D 55 -19.68 34.98 -6.30
CA THR D 55 -20.67 36.01 -5.98
C THR D 55 -20.02 37.23 -5.32
N GLY D 56 -18.69 37.31 -5.43
CA GLY D 56 -17.95 38.42 -4.86
C GLY D 56 -17.78 38.39 -3.34
N HIS D 57 -16.92 39.27 -2.85
CA HIS D 57 -16.67 39.36 -1.42
C HIS D 57 -17.89 39.89 -0.65
N LEU D 58 -18.31 39.13 0.34
CA LEU D 58 -19.44 39.51 1.20
C LEU D 58 -20.68 40.03 0.47
N HIS D 59 -21.23 39.21 -0.43
CA HIS D 59 -22.42 39.59 -1.13
C HIS D 59 -23.44 39.92 -0.06
N PRO D 60 -24.04 41.11 -0.12
CA PRO D 60 -25.04 41.56 0.87
C PRO D 60 -26.14 40.55 1.20
N LYS D 61 -26.69 39.88 0.18
CA LYS D 61 -27.75 38.90 0.41
C LYS D 61 -27.18 37.74 1.23
N VAL D 62 -25.98 37.32 0.90
CA VAL D 62 -25.32 36.23 1.60
C VAL D 62 -25.05 36.60 3.06
N VAL D 63 -24.51 37.81 3.27
CA VAL D 63 -24.20 38.29 4.61
C VAL D 63 -25.46 38.34 5.49
N ALA D 64 -26.54 38.85 4.91
CA ALA D 64 -27.80 38.94 5.63
C ALA D 64 -28.27 37.57 6.12
N ALA D 65 -28.24 36.57 5.23
CA ALA D 65 -28.66 35.23 5.61
C ALA D 65 -27.76 34.73 6.73
N VAL D 66 -26.46 34.97 6.58
CA VAL D 66 -25.48 34.56 7.57
C VAL D 66 -25.76 35.23 8.91
N GLU D 67 -26.07 36.52 8.89
CA GLU D 67 -26.34 37.21 10.15
C GLU D 67 -27.59 36.64 10.81
N ALA D 68 -28.60 36.33 10.02
CA ALA D 68 -29.84 35.77 10.54
C ALA D 68 -29.58 34.43 11.22
N GLN D 69 -28.77 33.57 10.59
CA GLN D 69 -28.46 32.25 11.15
C GLN D 69 -27.59 32.38 12.38
N LEU D 70 -26.74 33.40 12.38
CA LEU D 70 -25.83 33.66 13.48
C LEU D 70 -26.61 33.99 14.76
N LYS D 71 -27.89 34.36 14.62
CA LYS D 71 -28.70 34.67 15.77
C LYS D 71 -29.42 33.44 16.28
N LYS D 72 -29.37 32.36 15.50
CA LYS D 72 -30.02 31.11 15.86
C LYS D 72 -29.05 30.10 16.46
N LEU D 73 -28.10 29.63 15.67
CA LEU D 73 -27.10 28.67 16.17
C LEU D 73 -25.99 28.59 15.14
N SER D 74 -24.79 28.18 15.55
CA SER D 74 -23.68 28.09 14.60
C SER D 74 -23.18 26.65 14.47
N HIS D 75 -23.54 25.80 15.42
CA HIS D 75 -23.07 24.41 15.37
C HIS D 75 -23.75 23.45 16.35
N THR D 76 -24.07 22.25 15.88
CA THR D 76 -24.64 21.21 16.75
C THR D 76 -24.06 19.87 16.35
N CYS D 77 -23.51 19.84 15.13
CA CYS D 77 -22.98 18.64 14.50
C CYS D 77 -24.22 17.87 14.02
N PHE D 78 -24.54 18.04 12.74
CA PHE D 78 -25.71 17.41 12.13
C PHE D 78 -25.99 15.97 12.57
N GLN D 79 -24.94 15.16 12.76
CA GLN D 79 -25.08 13.76 13.18
C GLN D 79 -25.73 13.59 14.54
N VAL D 80 -25.61 14.60 15.39
CA VAL D 80 -26.20 14.53 16.73
C VAL D 80 -27.61 15.14 16.66
N LEU D 81 -27.68 16.42 16.32
CA LEU D 81 -28.94 17.12 16.16
C LEU D 81 -28.92 17.73 14.78
N ALA D 82 -29.93 17.41 13.97
CA ALA D 82 -30.03 17.94 12.61
C ALA D 82 -30.55 19.37 12.65
N TYR D 83 -30.56 20.01 11.48
CA TYR D 83 -31.05 21.36 11.33
C TYR D 83 -31.41 21.55 9.86
N GLU D 84 -32.47 22.32 9.61
CA GLU D 84 -32.98 22.52 8.25
C GLU D 84 -32.06 22.99 7.13
N PRO D 85 -31.17 23.98 7.40
CA PRO D 85 -30.26 24.48 6.36
C PRO D 85 -29.54 23.37 5.61
N TYR D 86 -28.99 22.41 6.36
CA TYR D 86 -28.29 21.27 5.81
C TYR D 86 -29.28 20.51 4.88
N LEU D 87 -30.41 20.10 5.44
CA LEU D 87 -31.43 19.38 4.68
C LEU D 87 -31.83 20.10 3.40
N GLU D 88 -32.13 21.38 3.52
CA GLU D 88 -32.54 22.18 2.36
C GLU D 88 -31.51 22.25 1.26
N LEU D 89 -30.24 22.41 1.63
CA LEU D 89 -29.16 22.47 0.67
C LEU D 89 -29.05 21.12 -0.06
N CYS D 90 -29.08 20.03 0.68
CA CYS D 90 -28.99 18.70 0.06
C CYS D 90 -30.13 18.49 -0.96
N GLU D 91 -31.35 18.88 -0.57
CA GLU D 91 -32.50 18.73 -1.47
C GLU D 91 -32.30 19.53 -2.75
N ILE D 92 -31.81 20.76 -2.62
CA ILE D 92 -31.58 21.59 -3.80
C ILE D 92 -30.43 21.08 -4.68
N MET D 93 -29.34 20.62 -4.07
CA MET D 93 -28.21 20.10 -4.86
C MET D 93 -28.61 18.82 -5.60
N ASN D 94 -29.44 17.99 -4.97
CA ASN D 94 -29.89 16.75 -5.59
C ASN D 94 -30.57 17.05 -6.92
N GLN D 95 -31.27 18.18 -7.01
CA GLN D 95 -31.96 18.51 -8.24
C GLN D 95 -31.18 19.39 -9.20
N LYS D 96 -30.22 20.17 -8.71
CA LYS D 96 -29.47 21.05 -9.59
C LYS D 96 -28.27 20.34 -10.19
N VAL D 97 -27.71 19.39 -9.47
CA VAL D 97 -26.55 18.69 -10.00
C VAL D 97 -27.02 17.81 -11.15
N PRO D 98 -26.31 17.85 -12.29
CA PRO D 98 -26.70 17.03 -13.45
C PRO D 98 -26.86 15.53 -13.18
N GLY D 99 -27.87 14.94 -13.80
CA GLY D 99 -28.12 13.53 -13.61
C GLY D 99 -29.61 13.28 -13.56
N ASP D 100 -30.15 12.71 -14.63
CA ASP D 100 -31.58 12.42 -14.74
C ASP D 100 -31.98 11.16 -13.97
N PHE D 101 -31.81 11.21 -12.65
CA PHE D 101 -32.13 10.11 -11.75
C PHE D 101 -32.07 10.63 -10.32
N ALA D 102 -32.55 9.83 -9.37
CA ALA D 102 -32.55 10.24 -7.97
C ALA D 102 -31.13 10.36 -7.37
N LYS D 103 -30.88 11.44 -6.65
CA LYS D 103 -29.58 11.64 -6.03
C LYS D 103 -29.71 11.96 -4.54
N LYS D 104 -28.60 11.83 -3.82
CA LYS D 104 -28.54 12.18 -2.41
C LYS D 104 -27.25 13.01 -2.24
N THR D 105 -27.23 13.89 -1.25
CA THR D 105 -26.08 14.73 -1.03
C THR D 105 -25.51 14.63 0.38
N LEU D 106 -24.20 14.54 0.45
CA LEU D 106 -23.50 14.51 1.73
C LEU D 106 -22.85 15.88 1.85
N LEU D 107 -22.91 16.48 3.02
CA LEU D 107 -22.23 17.75 3.18
C LEU D 107 -21.04 17.51 4.11
N VAL D 108 -19.87 18.00 3.70
CA VAL D 108 -18.67 17.92 4.52
C VAL D 108 -18.20 19.37 4.70
N THR D 109 -16.89 19.59 4.79
CA THR D 109 -16.43 20.96 4.98
C THR D 109 -15.43 21.47 3.95
N THR D 110 -14.51 20.63 3.50
CA THR D 110 -13.52 21.08 2.53
C THR D 110 -13.57 20.24 1.27
N GLY D 111 -13.13 20.84 0.16
CA GLY D 111 -13.11 20.14 -1.11
C GLY D 111 -12.32 18.84 -1.05
N SER D 112 -11.27 18.84 -0.23
N SER D 112 -11.26 18.83 -0.25
CA SER D 112 -10.43 17.66 -0.06
CA SER D 112 -10.44 17.63 -0.11
C SER D 112 -11.28 16.56 0.57
C SER D 112 -11.28 16.55 0.55
N GLU D 113 -12.02 16.93 1.60
CA GLU D 113 -12.88 15.98 2.28
C GLU D 113 -13.95 15.50 1.30
N ALA D 114 -14.43 16.39 0.43
CA ALA D 114 -15.45 16.00 -0.54
C ALA D 114 -14.92 14.89 -1.45
N VAL D 115 -13.73 15.07 -1.99
CA VAL D 115 -13.19 14.05 -2.86
C VAL D 115 -12.95 12.77 -2.05
N GLU D 116 -12.40 12.92 -0.85
CA GLU D 116 -12.16 11.76 0.03
C GLU D 116 -13.42 10.89 0.14
N ASN D 117 -14.53 11.52 0.50
CA ASN D 117 -15.80 10.82 0.67
C ASN D 117 -16.36 10.29 -0.64
N ALA D 118 -16.21 11.04 -1.72
CA ALA D 118 -16.69 10.58 -3.02
C ALA D 118 -16.05 9.22 -3.34
N VAL D 119 -14.73 9.10 -3.13
CA VAL D 119 -14.03 7.85 -3.40
C VAL D 119 -14.47 6.79 -2.40
N LYS D 120 -14.63 7.17 -1.14
CA LYS D 120 -15.06 6.20 -0.12
C LYS D 120 -16.41 5.61 -0.50
N ILE D 121 -17.32 6.47 -0.95
CA ILE D 121 -18.65 6.06 -1.35
C ILE D 121 -18.58 5.16 -2.58
N ALA D 122 -17.77 5.56 -3.57
CA ALA D 122 -17.62 4.75 -4.78
C ALA D 122 -17.08 3.37 -4.42
N ARG D 123 -16.14 3.30 -3.48
CA ARG D 123 -15.57 2.04 -3.08
C ARG D 123 -16.59 1.11 -2.44
N ALA D 124 -17.43 1.66 -1.58
CA ALA D 124 -18.45 0.86 -0.90
C ALA D 124 -19.55 0.42 -1.88
N ALA D 125 -19.81 1.25 -2.88
CA ALA D 125 -20.84 0.97 -3.85
C ALA D 125 -20.44 -0.10 -4.86
N THR D 126 -19.17 -0.10 -5.27
CA THR D 126 -18.71 -1.04 -6.27
C THR D 126 -18.01 -2.22 -5.64
N LYS D 127 -17.61 -2.04 -4.38
CA LYS D 127 -16.87 -3.05 -3.63
C LYS D 127 -15.46 -3.25 -4.19
N ARG D 128 -14.91 -2.19 -4.77
CA ARG D 128 -13.56 -2.21 -5.35
C ARG D 128 -12.72 -1.18 -4.60
N SER D 129 -11.40 -1.29 -4.71
CA SER D 129 -10.52 -0.38 -3.99
C SER D 129 -9.71 0.63 -4.78
N GLY D 130 -9.46 0.37 -6.05
CA GLY D 130 -8.63 1.26 -6.84
C GLY D 130 -9.31 2.43 -7.51
N THR D 131 -8.53 3.47 -7.79
CA THR D 131 -9.07 4.64 -8.47
C THR D 131 -8.10 5.08 -9.54
N ILE D 132 -8.64 5.77 -10.54
CA ILE D 132 -7.86 6.31 -11.64
C ILE D 132 -8.04 7.83 -11.66
N ALA D 133 -6.94 8.55 -11.82
CA ALA D 133 -6.96 10.01 -11.88
C ALA D 133 -6.10 10.47 -13.06
N PHE D 134 -6.21 11.73 -13.43
CA PHE D 134 -5.48 12.22 -14.58
C PHE D 134 -4.24 13.08 -14.35
N SER D 135 -3.44 13.16 -15.39
CA SER D 135 -2.21 13.91 -15.37
C SER D 135 -2.57 15.37 -15.14
N GLY D 136 -1.80 16.04 -14.28
CA GLY D 136 -2.04 17.44 -13.98
C GLY D 136 -3.27 17.72 -13.12
N ALA D 137 -3.90 16.67 -12.62
CA ALA D 137 -5.09 16.86 -11.79
C ALA D 137 -4.75 17.40 -10.40
N TYR D 138 -5.73 18.02 -9.77
CA TYR D 138 -5.53 18.51 -8.42
C TYR D 138 -6.80 18.15 -7.65
N HIS D 139 -6.66 17.42 -6.55
CA HIS D 139 -7.85 17.01 -5.83
C HIS D 139 -7.82 17.25 -4.34
N GLY D 140 -6.74 17.86 -3.84
CA GLY D 140 -6.68 18.12 -2.42
C GLY D 140 -5.34 17.75 -1.82
N ARG D 141 -5.17 18.04 -0.54
CA ARG D 141 -3.90 17.76 0.11
C ARG D 141 -3.91 16.79 1.27
N THR D 142 -4.89 15.89 1.32
CA THR D 142 -4.89 14.87 2.36
C THR D 142 -4.03 13.80 1.70
N HIS D 143 -3.54 12.82 2.46
CA HIS D 143 -2.69 11.80 1.86
C HIS D 143 -3.29 11.24 0.60
N TYR D 144 -4.54 10.80 0.70
CA TYR D 144 -5.20 10.18 -0.43
C TYR D 144 -5.42 11.12 -1.61
N THR D 145 -5.92 12.33 -1.33
CA THR D 145 -6.13 13.27 -2.43
C THR D 145 -4.78 13.74 -3.02
N LEU D 146 -3.71 13.65 -2.23
CA LEU D 146 -2.39 14.01 -2.76
C LEU D 146 -2.01 12.93 -3.78
N ALA D 147 -2.44 11.69 -3.51
CA ALA D 147 -2.18 10.55 -4.42
C ALA D 147 -2.99 10.75 -5.71
N LEU D 148 -4.22 11.24 -5.58
CA LEU D 148 -5.07 11.49 -6.73
C LEU D 148 -4.54 12.67 -7.55
N THR D 149 -4.00 13.66 -6.84
CA THR D 149 -3.43 14.86 -7.45
C THR D 149 -2.25 14.48 -8.35
N GLY D 150 -2.24 14.99 -9.57
CA GLY D 150 -1.16 14.70 -10.50
C GLY D 150 -0.03 15.72 -10.44
N LYS D 151 0.66 15.77 -9.32
CA LYS D 151 1.78 16.68 -9.08
C LYS D 151 2.41 16.28 -7.75
N VAL D 152 3.68 15.93 -7.75
CA VAL D 152 4.33 15.52 -6.51
C VAL D 152 4.98 16.65 -5.72
N ASN D 153 5.76 17.49 -6.40
CA ASN D 153 6.46 18.62 -5.79
C ASN D 153 5.60 19.87 -5.80
N PRO D 154 5.55 20.60 -4.67
CA PRO D 154 6.24 20.33 -3.41
C PRO D 154 5.39 19.66 -2.33
N TYR D 155 4.15 19.35 -2.66
CA TYR D 155 3.22 18.71 -1.71
C TYR D 155 3.78 17.49 -0.96
N SER D 156 4.37 16.56 -1.68
CA SER D 156 4.90 15.32 -1.10
C SER D 156 6.39 15.32 -0.78
N ALA D 157 7.07 16.40 -1.14
CA ALA D 157 8.51 16.51 -0.93
C ALA D 157 9.00 16.05 0.44
N GLY D 158 9.93 15.10 0.44
CA GLY D 158 10.50 14.61 1.68
C GLY D 158 9.64 13.66 2.49
N MET D 159 8.34 13.61 2.17
CA MET D 159 7.41 12.77 2.90
C MET D 159 7.48 11.30 2.52
N GLY D 160 7.82 11.03 1.27
CA GLY D 160 7.87 9.67 0.80
C GLY D 160 6.69 9.47 -0.11
N LEU D 161 6.42 8.23 -0.51
CA LEU D 161 5.31 7.93 -1.41
C LEU D 161 3.94 7.99 -0.73
N MET D 162 2.98 8.62 -1.41
CA MET D 162 1.61 8.73 -0.92
C MET D 162 0.90 7.39 -1.15
N PRO D 163 -0.32 7.22 -0.62
CA PRO D 163 -1.08 5.97 -0.79
C PRO D 163 -1.08 5.37 -2.21
N GLY D 164 -1.05 4.03 -2.27
CA GLY D 164 -1.04 3.37 -3.56
C GLY D 164 -2.44 3.07 -4.09
N HIS D 165 -2.46 2.36 -5.21
CA HIS D 165 -3.70 1.95 -5.84
C HIS D 165 -4.50 3.11 -6.44
N VAL D 166 -3.73 4.06 -6.97
CA VAL D 166 -4.24 5.22 -7.67
C VAL D 166 -3.46 5.12 -8.97
N TYR D 167 -4.14 5.03 -10.11
CA TYR D 167 -3.44 4.90 -11.37
C TYR D 167 -3.57 6.15 -12.25
N ARG D 168 -2.51 6.47 -12.98
CA ARG D 168 -2.48 7.67 -13.78
C ARG D 168 -2.89 7.54 -15.26
N ALA D 169 -3.85 8.35 -15.66
CA ALA D 169 -4.33 8.39 -17.03
C ALA D 169 -3.94 9.78 -17.54
N LEU D 170 -3.94 9.96 -18.86
CA LEU D 170 -3.59 11.25 -19.46
C LEU D 170 -4.82 12.11 -19.69
N TYR D 171 -4.73 13.39 -19.36
CA TYR D 171 -5.86 14.28 -19.57
C TYR D 171 -5.75 14.74 -21.03
N PRO D 172 -6.88 14.73 -21.77
CA PRO D 172 -6.83 15.18 -23.16
C PRO D 172 -6.42 16.66 -23.21
N CYS D 173 -5.44 16.97 -24.05
CA CYS D 173 -4.95 18.34 -24.22
C CYS D 173 -4.24 18.45 -25.57
N PRO D 174 -5.01 18.64 -26.66
CA PRO D 174 -4.44 18.75 -28.01
C PRO D 174 -3.33 19.78 -28.11
N LEU D 175 -3.53 20.94 -27.49
CA LEU D 175 -2.52 21.99 -27.50
C LEU D 175 -1.12 21.40 -27.24
N HIS D 176 -1.03 20.45 -26.31
CA HIS D 176 0.25 19.85 -25.98
C HIS D 176 0.47 18.40 -26.45
N GLY D 177 -0.17 18.01 -27.54
CA GLY D 177 0.04 16.67 -28.08
C GLY D 177 -0.65 15.45 -27.48
N ILE D 178 -1.61 15.65 -26.59
CA ILE D 178 -2.32 14.51 -26.00
C ILE D 178 -3.73 14.48 -26.58
N SER D 179 -3.96 13.58 -27.53
CA SER D 179 -5.29 13.48 -28.16
C SER D 179 -6.26 12.75 -27.25
N GLU D 180 -7.55 12.87 -27.54
CA GLU D 180 -8.58 12.19 -26.75
C GLU D 180 -8.36 10.69 -26.87
N ASP D 181 -7.90 10.25 -28.04
CA ASP D 181 -7.62 8.84 -28.26
C ASP D 181 -6.48 8.44 -27.31
N ASP D 182 -5.49 9.31 -27.15
CA ASP D 182 -4.38 9.01 -26.25
C ASP D 182 -4.92 8.89 -24.83
N ALA D 183 -5.79 9.82 -24.46
CA ALA D 183 -6.35 9.83 -23.12
C ALA D 183 -7.12 8.53 -22.82
N ILE D 184 -8.05 8.17 -23.71
CA ILE D 184 -8.82 6.94 -23.51
C ILE D 184 -7.88 5.73 -23.57
N ALA D 185 -6.95 5.74 -24.50
CA ALA D 185 -6.00 4.63 -24.63
C ALA D 185 -5.23 4.44 -23.34
N SER D 186 -4.86 5.55 -22.69
CA SER D 186 -4.13 5.47 -21.45
C SER D 186 -4.95 4.78 -20.34
N ILE D 187 -6.28 4.87 -20.42
CA ILE D 187 -7.13 4.21 -19.41
C ILE D 187 -7.11 2.69 -19.63
N HIS D 188 -7.29 2.28 -20.88
CA HIS D 188 -7.25 0.86 -21.22
C HIS D 188 -5.88 0.27 -20.87
N ARG D 189 -4.85 1.11 -20.95
CA ARG D 189 -3.50 0.66 -20.67
C ARG D 189 -3.44 0.23 -19.22
N ILE D 190 -4.13 0.97 -18.36
CA ILE D 190 -4.18 0.66 -16.93
C ILE D 190 -4.91 -0.66 -16.70
N PHE D 191 -6.06 -0.82 -17.38
CA PHE D 191 -6.85 -2.03 -17.27
C PHE D 191 -6.03 -3.26 -17.64
N LYS D 192 -5.22 -3.11 -18.69
CA LYS D 192 -4.38 -4.17 -19.22
C LYS D 192 -3.10 -4.48 -18.43
N ASN D 193 -2.41 -3.42 -18.00
CA ASN D 193 -1.15 -3.52 -17.29
C ASN D 193 -1.11 -3.51 -15.77
N ASP D 194 -1.99 -2.75 -15.13
CA ASP D 194 -1.90 -2.62 -13.68
C ASP D 194 -3.09 -2.89 -12.79
N ALA D 195 -4.29 -2.61 -13.30
CA ALA D 195 -5.50 -2.80 -12.51
C ALA D 195 -6.68 -3.09 -13.42
N ALA D 196 -7.26 -4.27 -13.26
CA ALA D 196 -8.41 -4.62 -14.08
C ALA D 196 -9.61 -3.76 -13.68
N PRO D 197 -10.55 -3.57 -14.62
CA PRO D 197 -11.74 -2.77 -14.37
C PRO D 197 -12.44 -3.22 -13.09
N GLU D 198 -12.57 -4.52 -12.90
CA GLU D 198 -13.25 -5.05 -11.73
C GLU D 198 -12.63 -4.66 -10.39
N ASP D 199 -11.47 -4.00 -10.45
CA ASP D 199 -10.78 -3.56 -9.25
C ASP D 199 -10.77 -2.03 -9.16
N ILE D 200 -11.36 -1.39 -10.16
CA ILE D 200 -11.42 0.07 -10.21
C ILE D 200 -12.80 0.55 -9.79
N ALA D 201 -12.86 1.15 -8.60
CA ALA D 201 -14.12 1.68 -8.07
C ALA D 201 -14.52 2.99 -8.75
N ALA D 202 -13.53 3.79 -9.15
CA ALA D 202 -13.84 5.07 -9.76
C ALA D 202 -12.75 5.72 -10.61
N ILE D 203 -13.20 6.63 -11.47
CA ILE D 203 -12.30 7.41 -12.29
C ILE D 203 -12.68 8.84 -11.91
N VAL D 204 -11.72 9.55 -11.33
CA VAL D 204 -11.93 10.91 -10.87
C VAL D 204 -11.45 11.88 -11.91
N ILE D 205 -12.28 12.85 -12.28
CA ILE D 205 -11.86 13.81 -13.27
C ILE D 205 -12.45 15.20 -13.05
N GLU D 206 -11.68 16.20 -13.47
CA GLU D 206 -12.08 17.60 -13.41
C GLU D 206 -12.62 17.91 -14.81
N PRO D 207 -13.90 18.28 -14.93
CA PRO D 207 -14.49 18.61 -16.24
C PRO D 207 -13.57 19.65 -16.91
N VAL D 208 -13.07 20.57 -16.08
CA VAL D 208 -12.11 21.59 -16.51
C VAL D 208 -11.06 21.59 -15.41
N GLN D 209 -9.82 21.23 -15.73
CA GLN D 209 -8.76 21.20 -14.73
C GLN D 209 -8.46 22.60 -14.23
N GLY D 210 -8.38 22.75 -12.91
CA GLY D 210 -8.11 24.06 -12.31
C GLY D 210 -6.62 24.35 -12.22
N GLU D 211 -5.99 23.81 -11.18
CA GLU D 211 -4.56 24.00 -10.98
C GLU D 211 -3.78 23.44 -12.19
N GLY D 212 -4.37 22.47 -12.86
CA GLY D 212 -3.74 21.84 -14.00
C GLY D 212 -3.59 22.73 -15.23
N GLY D 213 -4.15 23.94 -15.19
CA GLY D 213 -3.97 24.85 -16.32
C GLY D 213 -5.21 25.31 -17.06
N PHE D 214 -6.38 25.15 -16.47
CA PHE D 214 -7.61 25.56 -17.12
C PHE D 214 -7.78 24.91 -18.50
N TYR D 215 -7.59 23.59 -18.53
CA TYR D 215 -7.75 22.78 -19.74
C TYR D 215 -9.09 22.06 -19.57
N ALA D 216 -9.96 22.22 -20.56
CA ALA D 216 -11.29 21.63 -20.53
C ALA D 216 -11.46 20.35 -21.33
N SER D 217 -12.31 19.47 -20.83
CA SER D 217 -12.61 18.22 -21.51
C SER D 217 -13.70 18.53 -22.55
N SER D 218 -13.69 17.82 -23.67
CA SER D 218 -14.72 18.05 -24.68
C SER D 218 -15.92 17.15 -24.39
N PRO D 219 -17.11 17.48 -24.94
CA PRO D 219 -18.28 16.63 -24.67
C PRO D 219 -17.99 15.23 -25.20
N ALA D 220 -17.44 15.18 -26.41
CA ALA D 220 -17.09 13.92 -27.06
C ALA D 220 -16.25 13.04 -26.14
N PHE D 221 -15.23 13.63 -25.52
CA PHE D 221 -14.37 12.85 -24.63
C PHE D 221 -15.10 12.41 -23.37
N MET D 222 -15.83 13.34 -22.76
CA MET D 222 -16.56 13.02 -21.55
C MET D 222 -17.56 11.89 -21.85
N GLN D 223 -18.14 11.90 -23.04
CA GLN D 223 -19.09 10.88 -23.46
C GLN D 223 -18.42 9.52 -23.65
N ARG D 224 -17.20 9.51 -24.17
CA ARG D 224 -16.45 8.26 -24.33
C ARG D 224 -16.07 7.73 -22.96
N LEU D 225 -15.79 8.64 -22.03
CA LEU D 225 -15.41 8.25 -20.68
C LEU D 225 -16.59 7.67 -19.94
N ARG D 226 -17.75 8.30 -20.15
CA ARG D 226 -18.99 7.87 -19.52
C ARG D 226 -19.33 6.45 -20.00
N ALA D 227 -19.12 6.20 -21.29
CA ALA D 227 -19.40 4.90 -21.89
C ALA D 227 -18.46 3.82 -21.35
N LEU D 228 -17.19 4.19 -21.16
CA LEU D 228 -16.22 3.24 -20.62
C LEU D 228 -16.59 2.89 -19.17
N CYS D 229 -16.95 3.89 -18.37
CA CYS D 229 -17.36 3.63 -16.99
C CYS D 229 -18.61 2.75 -16.96
N ASP D 230 -19.59 3.09 -17.80
CA ASP D 230 -20.82 2.34 -17.86
C ASP D 230 -20.51 0.86 -18.13
N GLU D 231 -19.65 0.63 -19.10
CA GLU D 231 -19.30 -0.73 -19.45
C GLU D 231 -18.68 -1.55 -18.33
N HIS D 232 -17.94 -0.93 -17.43
CA HIS D 232 -17.29 -1.68 -16.37
C HIS D 232 -17.85 -1.47 -14.98
N GLY D 233 -18.96 -0.73 -14.91
CA GLY D 233 -19.56 -0.47 -13.62
C GLY D 233 -18.70 0.40 -12.72
N ILE D 234 -17.83 1.18 -13.35
CA ILE D 234 -16.94 2.10 -12.63
C ILE D 234 -17.66 3.43 -12.37
N MET D 235 -17.49 3.99 -11.18
CA MET D 235 -18.15 5.26 -10.88
C MET D 235 -17.37 6.45 -11.48
N LEU D 236 -18.05 7.32 -12.21
CA LEU D 236 -17.42 8.49 -12.77
C LEU D 236 -17.65 9.62 -11.77
N ILE D 237 -16.57 10.08 -11.14
CA ILE D 237 -16.65 11.16 -10.16
C ILE D 237 -16.14 12.44 -10.82
N ALA D 238 -16.99 13.45 -10.84
CA ALA D 238 -16.63 14.74 -11.41
C ALA D 238 -16.23 15.66 -10.26
N ASP D 239 -14.96 16.03 -10.19
CA ASP D 239 -14.56 16.94 -9.12
C ASP D 239 -14.81 18.34 -9.64
N GLU D 240 -15.91 18.93 -9.20
CA GLU D 240 -16.28 20.26 -9.65
C GLU D 240 -16.11 21.29 -8.55
N VAL D 241 -15.14 21.04 -7.68
CA VAL D 241 -14.85 21.95 -6.58
C VAL D 241 -14.48 23.35 -7.10
N GLN D 242 -13.70 23.39 -8.18
CA GLN D 242 -13.29 24.66 -8.75
C GLN D 242 -14.11 25.02 -10.00
N SER D 243 -14.41 24.01 -10.82
CA SER D 243 -15.21 24.23 -12.03
C SER D 243 -16.67 24.46 -11.70
N GLY D 244 -17.09 23.97 -10.54
CA GLY D 244 -18.47 24.09 -10.12
C GLY D 244 -18.97 25.48 -9.71
N ALA D 245 -20.17 25.50 -9.18
CA ALA D 245 -20.84 26.72 -8.75
C ALA D 245 -20.81 27.86 -9.78
N GLY D 246 -21.14 27.51 -11.03
CA GLY D 246 -21.23 28.48 -12.11
C GLY D 246 -20.03 29.03 -12.87
N ARG D 247 -18.81 28.69 -12.48
CA ARG D 247 -17.67 29.27 -13.17
C ARG D 247 -17.68 29.12 -14.69
N THR D 248 -18.20 28.01 -15.18
CA THR D 248 -18.21 27.76 -16.62
C THR D 248 -19.47 28.20 -17.40
N GLY D 249 -20.40 28.89 -16.76
CA GLY D 249 -21.58 29.30 -17.50
C GLY D 249 -22.82 28.49 -17.21
N THR D 250 -22.65 27.32 -16.60
CA THR D 250 -23.77 26.47 -16.19
C THR D 250 -23.45 26.23 -14.74
N LEU D 251 -24.42 25.84 -13.91
CA LEU D 251 -24.07 25.63 -12.51
C LEU D 251 -22.87 24.69 -12.43
N PHE D 252 -22.95 23.55 -13.13
CA PHE D 252 -21.84 22.61 -13.14
C PHE D 252 -21.38 22.37 -14.58
N ALA D 253 -20.07 22.21 -14.75
CA ALA D 253 -19.51 22.02 -16.08
C ALA D 253 -20.03 20.80 -16.82
N MET D 254 -20.35 19.74 -16.07
CA MET D 254 -20.86 18.51 -16.66
C MET D 254 -22.12 18.71 -17.52
N GLU D 255 -22.93 19.70 -17.16
CA GLU D 255 -24.14 20.02 -17.91
C GLU D 255 -23.78 20.25 -19.37
N GLN D 256 -22.62 20.85 -19.59
CA GLN D 256 -22.17 21.15 -20.94
C GLN D 256 -21.52 19.95 -21.63
N MET D 257 -21.40 18.83 -20.91
CA MET D 257 -20.76 17.64 -21.50
C MET D 257 -21.77 16.70 -22.18
N GLY D 258 -23.06 16.92 -21.91
CA GLY D 258 -24.07 16.08 -22.51
C GLY D 258 -24.11 14.69 -21.92
N VAL D 259 -23.55 14.56 -20.72
CA VAL D 259 -23.50 13.28 -20.06
C VAL D 259 -23.40 13.55 -18.55
N ALA D 260 -23.96 12.65 -17.72
CA ALA D 260 -23.95 12.85 -16.28
C ALA D 260 -22.99 11.96 -15.50
N PRO D 261 -22.39 12.48 -14.44
CA PRO D 261 -21.45 11.71 -13.61
C PRO D 261 -22.23 10.94 -12.55
N ASP D 262 -21.57 10.00 -11.87
CA ASP D 262 -22.22 9.24 -10.81
C ASP D 262 -22.10 9.99 -9.50
N LEU D 263 -21.00 10.74 -9.37
CA LEU D 263 -20.72 11.51 -8.16
C LEU D 263 -20.08 12.85 -8.53
N THR D 264 -20.46 13.89 -7.79
CA THR D 264 -19.91 15.21 -8.03
C THR D 264 -19.51 15.82 -6.71
N THR D 265 -18.30 16.38 -6.68
CA THR D 265 -17.81 17.03 -5.49
C THR D 265 -17.86 18.53 -5.75
N PHE D 266 -18.24 19.28 -4.73
CA PHE D 266 -18.32 20.73 -4.88
C PHE D 266 -17.88 21.38 -3.58
N ALA D 267 -17.40 22.61 -3.71
CA ALA D 267 -16.91 23.40 -2.58
C ALA D 267 -16.67 24.81 -3.10
N LYS D 268 -15.57 25.40 -2.66
CA LYS D 268 -15.19 26.74 -3.06
C LYS D 268 -16.35 27.72 -3.20
N SER D 269 -16.71 28.13 -4.41
CA SER D 269 -17.80 29.11 -4.60
C SER D 269 -19.20 28.71 -4.17
N ILE D 270 -19.39 27.46 -3.77
CA ILE D 270 -20.71 27.02 -3.37
C ILE D 270 -21.29 27.88 -2.26
N ALA D 271 -20.45 28.26 -1.29
CA ALA D 271 -20.93 29.07 -0.17
C ALA D 271 -20.40 30.51 -0.17
N GLY D 272 -19.99 30.98 -1.34
CA GLY D 272 -19.49 32.34 -1.50
C GLY D 272 -18.58 32.91 -0.43
N GLY D 273 -17.62 32.13 0.06
CA GLY D 273 -16.71 32.65 1.06
C GLY D 273 -16.88 32.05 2.44
N PHE D 274 -17.57 30.91 2.52
CA PHE D 274 -17.77 30.25 3.79
C PHE D 274 -17.42 28.79 3.61
N PRO D 275 -16.83 28.17 4.66
CA PRO D 275 -16.38 26.76 4.70
C PRO D 275 -17.46 25.72 4.57
N LEU D 276 -17.63 25.24 3.34
CA LEU D 276 -18.62 24.24 3.03
C LEU D 276 -18.21 23.47 1.79
N ALA D 277 -18.46 22.17 1.79
CA ALA D 277 -18.16 21.30 0.65
C ALA D 277 -19.17 20.17 0.68
N GLY D 278 -19.24 19.38 -0.38
CA GLY D 278 -20.19 18.29 -0.40
C GLY D 278 -20.06 17.34 -1.57
N VAL D 279 -20.84 16.27 -1.51
CA VAL D 279 -20.87 15.24 -2.56
C VAL D 279 -22.31 14.97 -2.95
N THR D 280 -22.59 15.04 -4.24
CA THR D 280 -23.94 14.77 -4.72
C THR D 280 -23.84 13.71 -5.78
N GLY D 281 -24.58 12.62 -5.60
CA GLY D 281 -24.54 11.55 -6.59
C GLY D 281 -25.68 10.57 -6.56
N ARG D 282 -25.66 9.66 -7.53
CA ARG D 282 -26.67 8.61 -7.68
C ARG D 282 -27.01 8.09 -6.28
N ALA D 283 -28.28 8.22 -5.91
CA ALA D 283 -28.75 7.84 -4.58
C ALA D 283 -28.35 6.46 -4.06
N GLU D 284 -28.52 5.41 -4.87
CA GLU D 284 -28.16 4.07 -4.40
C GLU D 284 -26.65 3.97 -4.16
N VAL D 285 -25.86 4.71 -4.93
CA VAL D 285 -24.41 4.69 -4.72
C VAL D 285 -24.10 5.41 -3.38
N MET D 286 -24.66 6.60 -3.20
CA MET D 286 -24.47 7.36 -1.96
C MET D 286 -24.87 6.54 -0.75
N ASP D 287 -25.93 5.75 -0.90
CA ASP D 287 -26.43 4.94 0.22
C ASP D 287 -25.72 3.60 0.45
N ALA D 288 -24.70 3.29 -0.35
CA ALA D 288 -23.98 2.03 -0.18
C ALA D 288 -23.19 1.98 1.13
N VAL D 289 -22.94 3.15 1.72
CA VAL D 289 -22.21 3.22 2.99
C VAL D 289 -23.19 3.01 4.14
N ALA D 290 -22.84 2.09 5.06
CA ALA D 290 -23.69 1.79 6.20
C ALA D 290 -23.80 3.00 7.09
N PRO D 291 -24.94 3.14 7.78
CA PRO D 291 -25.10 4.28 8.67
C PRO D 291 -23.95 4.37 9.67
N GLY D 292 -23.59 5.59 10.01
CA GLY D 292 -22.50 5.80 10.95
C GLY D 292 -21.20 5.88 10.19
N GLY D 293 -21.23 5.48 8.92
CA GLY D 293 -20.02 5.50 8.12
C GLY D 293 -19.59 6.84 7.57
N LEU D 294 -20.51 7.79 7.50
CA LEU D 294 -20.17 9.12 6.98
C LEU D 294 -20.31 10.15 8.09
N GLY D 295 -19.29 10.98 8.27
CA GLY D 295 -19.35 11.98 9.32
C GLY D 295 -18.39 13.13 9.19
N GLY D 296 -18.28 13.90 10.26
CA GLY D 296 -17.40 15.06 10.29
C GLY D 296 -18.01 16.04 11.25
N THR D 297 -17.20 16.56 12.16
CA THR D 297 -17.67 17.49 13.17
C THR D 297 -18.32 18.76 12.62
N TYR D 298 -17.60 19.47 11.77
CA TYR D 298 -18.09 20.71 11.20
C TYR D 298 -18.98 20.54 9.97
N ALA D 299 -18.98 19.34 9.42
CA ALA D 299 -19.75 19.02 8.21
C ALA D 299 -21.08 19.77 8.08
N GLY D 300 -21.23 20.49 6.98
CA GLY D 300 -22.47 21.22 6.76
C GLY D 300 -22.76 22.25 7.82
N ASN D 301 -21.74 23.04 8.14
CA ASN D 301 -21.88 24.10 9.13
C ASN D 301 -23.11 24.95 8.81
N PRO D 302 -23.97 25.20 9.82
CA PRO D 302 -25.19 25.98 9.70
C PRO D 302 -25.03 27.28 8.93
N ILE D 303 -24.09 28.14 9.35
CA ILE D 303 -23.85 29.42 8.68
C ILE D 303 -23.48 29.21 7.20
N ALA D 304 -22.55 28.32 6.93
CA ALA D 304 -22.17 28.10 5.54
C ALA D 304 -23.31 27.55 4.69
N CYS D 305 -24.22 26.78 5.30
CA CYS D 305 -25.37 26.23 4.58
C CYS D 305 -26.28 27.35 4.09
N VAL D 306 -26.65 28.27 4.98
CA VAL D 306 -27.52 29.35 4.57
C VAL D 306 -26.81 30.24 3.56
N ALA D 307 -25.49 30.39 3.71
CA ALA D 307 -24.72 31.19 2.76
C ALA D 307 -24.83 30.52 1.39
N ALA D 308 -24.66 29.20 1.37
CA ALA D 308 -24.77 28.43 0.13
C ALA D 308 -26.18 28.52 -0.50
N LEU D 309 -27.22 28.39 0.33
CA LEU D 309 -28.59 28.50 -0.16
C LEU D 309 -28.81 29.89 -0.75
N GLU D 310 -28.20 30.90 -0.13
CA GLU D 310 -28.34 32.27 -0.62
C GLU D 310 -27.58 32.48 -1.91
N VAL D 311 -26.41 31.84 -2.02
CA VAL D 311 -25.60 31.96 -3.23
C VAL D 311 -26.44 31.42 -4.39
N LEU D 312 -27.14 30.31 -4.14
CA LEU D 312 -27.96 29.69 -5.18
C LEU D 312 -29.10 30.61 -5.61
N LYS D 313 -29.73 31.29 -4.66
CA LYS D 313 -30.80 32.22 -4.99
C LYS D 313 -30.26 33.41 -5.78
N VAL D 314 -29.09 33.88 -5.39
CA VAL D 314 -28.46 35.01 -6.05
C VAL D 314 -28.15 34.71 -7.51
N PHE D 315 -27.67 33.49 -7.81
CA PHE D 315 -27.38 33.15 -9.19
C PHE D 315 -28.65 33.28 -10.03
N GLU D 316 -29.78 32.90 -9.45
CA GLU D 316 -31.05 32.97 -10.14
C GLU D 316 -31.53 34.42 -10.29
N GLN D 317 -31.61 35.11 -9.17
CA GLN D 317 -32.08 36.48 -9.17
C GLN D 317 -31.23 37.48 -9.94
N GLU D 318 -29.92 37.26 -9.99
CA GLU D 318 -29.01 38.18 -10.68
C GLU D 318 -28.42 37.71 -12.00
N ASN D 319 -28.89 36.55 -12.48
CA ASN D 319 -28.44 35.96 -13.73
C ASN D 319 -26.93 35.83 -13.90
N LEU D 320 -26.27 35.34 -12.86
CA LEU D 320 -24.83 35.21 -12.89
C LEU D 320 -24.37 34.23 -13.95
N LEU D 321 -25.13 33.16 -14.19
CA LEU D 321 -24.73 32.19 -15.20
C LEU D 321 -24.52 32.87 -16.56
N GLN D 322 -25.47 33.75 -16.92
CA GLN D 322 -25.37 34.47 -18.19
C GLN D 322 -24.24 35.48 -18.11
N LYS D 323 -24.09 36.12 -16.96
CA LYS D 323 -23.04 37.10 -16.77
C LYS D 323 -21.68 36.43 -16.85
N ALA D 324 -21.60 35.18 -16.39
CA ALA D 324 -20.34 34.47 -16.45
C ALA D 324 -19.94 34.29 -17.92
N ASN D 325 -20.91 34.02 -18.78
CA ASN D 325 -20.59 33.86 -20.19
C ASN D 325 -20.24 35.20 -20.86
N ASP D 326 -20.96 36.26 -20.51
CA ASP D 326 -20.68 37.57 -21.07
C ASP D 326 -19.28 37.99 -20.64
N LEU D 327 -19.00 37.85 -19.33
CA LEU D 327 -17.69 38.20 -18.77
C LEU D 327 -16.59 37.45 -19.51
N GLY D 328 -16.77 36.15 -19.71
CA GLY D 328 -15.76 35.36 -20.39
C GLY D 328 -15.51 35.91 -21.79
N GLN D 329 -16.58 36.24 -22.50
CA GLN D 329 -16.42 36.76 -23.85
C GLN D 329 -15.66 38.07 -23.86
N LYS D 330 -15.95 38.94 -22.89
CA LYS D 330 -15.26 40.22 -22.82
C LYS D 330 -13.79 40.01 -22.51
N LEU D 331 -13.49 39.16 -21.52
CA LEU D 331 -12.11 38.87 -21.14
C LEU D 331 -11.32 38.30 -22.32
N LYS D 332 -11.87 37.28 -22.98
CA LYS D 332 -11.20 36.65 -24.11
C LYS D 332 -10.98 37.62 -25.27
N ASP D 333 -11.93 38.53 -25.51
CA ASP D 333 -11.76 39.50 -26.58
C ASP D 333 -10.63 40.44 -26.17
N GLY D 334 -10.66 40.86 -24.91
CA GLY D 334 -9.64 41.75 -24.39
C GLY D 334 -8.27 41.13 -24.49
N LEU D 335 -8.15 39.90 -23.99
CA LEU D 335 -6.89 39.18 -24.02
C LEU D 335 -6.39 38.93 -25.44
N LEU D 336 -7.30 38.63 -26.37
CA LEU D 336 -6.90 38.39 -27.75
C LEU D 336 -6.29 39.66 -28.35
N ALA D 337 -6.86 40.82 -27.99
CA ALA D 337 -6.35 42.09 -28.46
C ALA D 337 -4.93 42.26 -27.95
N ILE D 338 -4.71 41.93 -26.68
CA ILE D 338 -3.37 42.05 -26.11
C ILE D 338 -2.44 41.11 -26.85
N ALA D 339 -2.91 39.89 -27.09
CA ALA D 339 -2.13 38.87 -27.79
C ALA D 339 -1.72 39.28 -29.22
N GLU D 340 -2.35 40.31 -29.77
CA GLU D 340 -2.02 40.77 -31.11
C GLU D 340 -0.72 41.54 -31.11
N LYS D 341 -0.25 41.88 -29.91
CA LYS D 341 0.99 42.64 -29.78
C LYS D 341 2.02 41.87 -28.95
N HIS D 342 1.63 40.70 -28.45
CA HIS D 342 2.53 39.89 -27.64
C HIS D 342 2.47 38.41 -27.99
N PRO D 343 3.40 37.97 -28.84
CA PRO D 343 3.51 36.59 -29.32
C PRO D 343 3.63 35.57 -28.19
N GLU D 344 4.18 35.98 -27.06
CA GLU D 344 4.34 35.08 -25.92
C GLU D 344 3.02 34.47 -25.48
N ILE D 345 1.91 35.08 -25.89
CA ILE D 345 0.60 34.55 -25.52
C ILE D 345 0.17 33.52 -26.57
N GLY D 346 0.45 32.25 -26.28
CA GLY D 346 0.15 31.18 -27.22
C GLY D 346 -1.27 30.65 -27.22
N ASP D 347 -2.08 31.06 -26.26
CA ASP D 347 -3.44 30.57 -26.21
C ASP D 347 -4.36 31.33 -25.25
N VAL D 348 -5.58 31.55 -25.72
CA VAL D 348 -6.62 32.22 -24.96
C VAL D 348 -7.75 31.20 -24.97
N ARG D 349 -8.17 30.76 -23.79
CA ARG D 349 -9.22 29.74 -23.71
C ARG D 349 -10.10 29.84 -22.48
N GLY D 350 -11.15 29.03 -22.48
CA GLY D 350 -12.03 28.96 -21.34
C GLY D 350 -13.52 28.83 -21.58
N LEU D 351 -14.20 28.13 -20.67
CA LEU D 351 -15.65 27.97 -20.73
C LEU D 351 -16.24 29.01 -19.76
N GLY D 352 -17.34 29.64 -20.13
CA GLY D 352 -17.93 30.64 -19.25
C GLY D 352 -16.87 31.64 -18.80
N ALA D 353 -16.73 31.81 -17.48
CA ALA D 353 -15.73 32.75 -16.97
C ALA D 353 -14.50 32.05 -16.36
N MET D 354 -14.22 30.82 -16.81
CA MET D 354 -13.06 30.08 -16.34
C MET D 354 -12.03 30.32 -17.47
N ILE D 355 -11.54 31.55 -17.51
CA ILE D 355 -10.62 32.02 -18.53
C ILE D 355 -9.15 31.95 -18.22
N ALA D 356 -8.35 31.65 -19.24
CA ALA D 356 -6.90 31.60 -19.06
C ALA D 356 -6.14 31.84 -20.35
N ILE D 357 -4.90 32.26 -20.21
CA ILE D 357 -4.04 32.46 -21.36
C ILE D 357 -2.77 31.73 -20.99
N GLU D 358 -2.12 31.12 -21.98
CA GLU D 358 -0.88 30.41 -21.71
C GLU D 358 0.32 31.09 -22.40
N LEU D 359 1.42 31.19 -21.65
CA LEU D 359 2.62 31.84 -22.15
C LEU D 359 3.73 30.92 -22.60
N PHE D 360 4.27 31.20 -23.79
CA PHE D 360 5.37 30.44 -24.37
C PHE D 360 6.48 31.40 -24.83
N GLU D 361 7.73 30.97 -24.67
CA GLU D 361 8.87 31.77 -25.11
C GLU D 361 8.92 31.69 -26.63
N ASP D 362 9.04 32.83 -27.29
CA ASP D 362 9.08 32.86 -28.76
C ASP D 362 7.92 32.03 -29.31
N GLY D 363 6.76 32.16 -28.69
CA GLY D 363 5.58 31.42 -29.13
C GLY D 363 5.81 29.96 -29.46
N ASP D 364 6.64 29.25 -28.68
CA ASP D 364 6.86 27.83 -28.94
C ASP D 364 6.18 27.01 -27.86
N HIS D 365 5.14 26.28 -28.25
CA HIS D 365 4.37 25.44 -27.34
C HIS D 365 5.24 24.53 -26.45
N ASN D 366 6.44 24.25 -26.92
CA ASN D 366 7.36 23.40 -26.17
C ASN D 366 8.16 24.18 -25.14
N LYS D 367 8.15 25.50 -25.25
CA LYS D 367 8.88 26.34 -24.33
C LYS D 367 8.00 27.18 -23.41
N PRO D 368 7.48 26.58 -22.33
CA PRO D 368 6.62 27.30 -21.39
C PRO D 368 7.38 28.47 -20.78
N ASP D 369 6.75 29.64 -20.72
CA ASP D 369 7.44 30.78 -20.12
C ASP D 369 7.00 31.05 -18.68
N ALA D 370 7.52 30.27 -17.73
CA ALA D 370 7.19 30.44 -16.33
C ALA D 370 7.73 31.78 -15.82
N LYS D 371 8.84 32.25 -16.38
CA LYS D 371 9.40 33.51 -15.93
C LYS D 371 8.53 34.71 -16.34
N LEU D 372 8.07 34.75 -17.58
CA LEU D 372 7.22 35.86 -17.97
C LEU D 372 5.93 35.86 -17.14
N THR D 373 5.32 34.68 -17.03
CA THR D 373 4.09 34.49 -16.27
C THR D 373 4.23 35.07 -14.86
N ALA D 374 5.31 34.69 -14.18
CA ALA D 374 5.52 35.19 -12.83
C ALA D 374 5.74 36.72 -12.83
N GLU D 375 6.34 37.23 -13.92
CA GLU D 375 6.60 38.65 -14.03
C GLU D 375 5.29 39.42 -14.19
N ILE D 376 4.38 38.86 -14.99
CA ILE D 376 3.09 39.49 -15.19
C ILE D 376 2.34 39.55 -13.86
N VAL D 377 2.39 38.47 -13.10
CA VAL D 377 1.71 38.43 -11.81
C VAL D 377 2.29 39.52 -10.90
N ALA D 378 3.61 39.60 -10.84
CA ALA D 378 4.25 40.60 -9.99
C ALA D 378 3.94 42.02 -10.45
N ARG D 379 4.00 42.27 -11.76
CA ARG D 379 3.72 43.60 -12.26
C ARG D 379 2.27 43.97 -12.06
N ALA D 380 1.38 43.00 -12.29
CA ALA D 380 -0.05 43.22 -12.13
C ALA D 380 -0.33 43.67 -10.71
N ARG D 381 0.29 43.01 -9.75
CA ARG D 381 0.05 43.36 -8.36
C ARG D 381 0.51 44.78 -8.02
N ASP D 382 1.65 45.20 -8.56
CA ASP D 382 2.13 46.55 -8.27
C ASP D 382 1.16 47.56 -8.82
N LYS D 383 0.43 47.17 -9.87
CA LYS D 383 -0.56 48.02 -10.49
C LYS D 383 -1.94 47.86 -9.84
N GLY D 384 -1.99 47.14 -8.72
CA GLY D 384 -3.24 46.96 -7.98
C GLY D 384 -4.18 45.84 -8.41
N LEU D 385 -3.67 44.90 -9.20
CA LEU D 385 -4.48 43.79 -9.69
C LEU D 385 -3.97 42.45 -9.15
N ILE D 386 -4.87 41.70 -8.51
CA ILE D 386 -4.52 40.40 -7.93
C ILE D 386 -4.74 39.25 -8.90
N LEU D 387 -3.66 38.58 -9.28
CA LEU D 387 -3.74 37.44 -10.20
C LEU D 387 -3.11 36.16 -9.64
N LEU D 388 -3.51 35.04 -10.23
CA LEU D 388 -2.98 33.72 -9.88
C LEU D 388 -2.58 33.04 -11.19
N SER D 389 -1.52 32.25 -11.14
CA SER D 389 -1.09 31.51 -12.33
C SER D 389 -1.40 30.05 -11.99
N CYS D 390 -1.13 29.14 -12.92
CA CYS D 390 -1.38 27.72 -12.67
C CYS D 390 -0.75 26.88 -13.79
N GLY D 391 -1.08 25.60 -13.82
CA GLY D 391 -0.55 24.71 -14.83
C GLY D 391 0.69 23.97 -14.35
N PRO D 392 0.94 22.76 -14.87
CA PRO D 392 2.13 22.02 -14.43
C PRO D 392 3.44 22.74 -14.66
N TYR D 393 3.49 23.65 -15.63
CA TYR D 393 4.73 24.38 -15.89
C TYR D 393 4.62 25.87 -15.57
N TYR D 394 3.74 26.19 -14.64
CA TYR D 394 3.52 27.55 -14.15
C TYR D 394 3.53 28.67 -15.18
N ASN D 395 3.06 28.38 -16.38
CA ASN D 395 3.04 29.37 -17.44
C ASN D 395 1.61 29.67 -17.87
N VAL D 396 0.64 29.46 -16.97
CA VAL D 396 -0.76 29.73 -17.31
C VAL D 396 -1.32 30.78 -16.38
N LEU D 397 -1.92 31.80 -16.98
CA LEU D 397 -2.54 32.90 -16.23
C LEU D 397 -4.04 32.68 -16.23
N ARG D 398 -4.63 32.58 -15.04
CA ARG D 398 -6.08 32.38 -14.97
C ARG D 398 -6.77 33.61 -14.43
N ILE D 399 -8.07 33.68 -14.68
CA ILE D 399 -8.86 34.79 -14.19
C ILE D 399 -10.05 34.21 -13.44
N LEU D 400 -10.12 34.52 -12.15
CA LEU D 400 -11.18 34.01 -11.31
C LEU D 400 -11.95 35.13 -10.60
N VAL D 401 -11.92 36.31 -11.19
CA VAL D 401 -12.62 37.46 -10.63
C VAL D 401 -14.10 37.10 -10.39
N PRO D 402 -14.71 37.66 -9.33
CA PRO D 402 -16.11 37.39 -9.01
C PRO D 402 -16.96 37.68 -10.23
N LEU D 403 -18.02 36.89 -10.42
CA LEU D 403 -18.92 37.06 -11.56
C LEU D 403 -19.77 38.33 -11.46
N THR D 404 -19.73 38.96 -10.29
CA THR D 404 -20.51 40.16 -10.04
C THR D 404 -19.79 41.46 -10.42
N ILE D 405 -18.70 41.34 -11.17
CA ILE D 405 -17.91 42.49 -11.59
C ILE D 405 -18.60 43.48 -12.56
N GLU D 406 -18.33 44.78 -12.36
CA GLU D 406 -18.89 45.84 -13.22
C GLU D 406 -18.07 45.96 -14.49
N ASP D 407 -18.65 46.48 -15.56
CA ASP D 407 -17.91 46.62 -16.82
C ASP D 407 -16.67 47.48 -16.69
N ALA D 408 -16.79 48.55 -15.93
CA ALA D 408 -15.66 49.43 -15.74
C ALA D 408 -14.46 48.64 -15.20
N GLN D 409 -14.71 47.81 -14.19
CA GLN D 409 -13.67 47.01 -13.59
C GLN D 409 -13.14 45.95 -14.54
N ILE D 410 -13.98 45.50 -15.47
CA ILE D 410 -13.53 44.53 -16.46
C ILE D 410 -12.55 45.21 -17.39
N ARG D 411 -12.88 46.43 -17.81
CA ARG D 411 -11.99 47.20 -18.68
C ARG D 411 -10.68 47.51 -17.94
N GLN D 412 -10.83 47.99 -16.72
CA GLN D 412 -9.69 48.34 -15.88
C GLN D 412 -8.72 47.17 -15.72
N GLY D 413 -9.25 46.00 -15.39
CA GLY D 413 -8.40 44.83 -15.21
C GLY D 413 -7.69 44.44 -16.49
N LEU D 414 -8.40 44.51 -17.61
CA LEU D 414 -7.80 44.18 -18.89
C LEU D 414 -6.68 45.16 -19.22
N GLU D 415 -6.93 46.46 -18.99
CA GLU D 415 -5.95 47.49 -19.26
C GLU D 415 -4.70 47.27 -18.42
N ILE D 416 -4.89 46.93 -17.15
CA ILE D 416 -3.76 46.69 -16.25
C ILE D 416 -2.94 45.53 -16.78
N ILE D 417 -3.62 44.47 -17.19
CA ILE D 417 -2.94 43.30 -17.73
C ILE D 417 -2.23 43.71 -19.02
N SER D 418 -2.87 44.57 -19.80
CA SER D 418 -2.30 45.04 -21.05
C SER D 418 -0.96 45.73 -20.81
N GLN D 419 -0.92 46.61 -19.82
CA GLN D 419 0.28 47.34 -19.50
C GLN D 419 1.41 46.44 -19.08
N CYS D 420 1.09 45.47 -18.24
CA CYS D 420 2.11 44.56 -17.74
C CYS D 420 2.90 43.94 -18.87
N PHE D 421 2.21 43.54 -19.94
CA PHE D 421 2.94 42.94 -21.04
C PHE D 421 3.82 43.97 -21.74
N ASP D 422 3.24 45.13 -22.07
CA ASP D 422 4.00 46.18 -22.73
C ASP D 422 5.23 46.55 -21.91
N GLU D 423 5.03 46.72 -20.61
CA GLU D 423 6.11 47.09 -19.72
C GLU D 423 7.07 45.96 -19.40
N ALA D 424 6.68 44.72 -19.69
CA ALA D 424 7.55 43.59 -19.44
C ALA D 424 8.49 43.38 -20.62
N LYS D 425 8.12 43.93 -21.78
CA LYS D 425 8.94 43.79 -22.97
C LYS D 425 9.90 44.97 -23.15
N GLN D 426 9.71 46.01 -22.36
CA GLN D 426 10.57 47.19 -22.43
C GLN D 426 11.99 46.86 -21.98
S SO4 E . -13.32 -17.56 20.63
O1 SO4 E . -12.38 -18.89 20.53
O2 SO4 E . -14.67 -18.05 20.78
O3 SO4 E . -12.92 -16.82 21.62
O4 SO4 E . -13.17 -16.97 19.33
S SO4 F . 16.74 -7.04 16.66
O1 SO4 F . 15.72 -7.98 15.81
O2 SO4 F . 16.82 -5.79 15.93
O3 SO4 F . 16.29 -6.91 17.87
O4 SO4 F . 17.98 -7.72 16.54
N1 PLP G . 8.18 -20.77 5.52
C2 PLP G . 8.77 -21.47 6.59
C2A PLP G . 7.92 -21.96 7.68
C3 PLP G . 10.17 -21.80 6.48
O3 PLP G . 10.88 -22.22 7.62
C4 PLP G . 10.86 -21.47 5.33
C4A PLP G . 12.21 -22.09 5.32
C5 PLP G . 10.24 -20.82 4.24
C6 PLP G . 8.86 -20.48 4.35
C5A PLP G . 10.79 -20.26 2.97
O4P PLP G . 11.32 -21.34 2.21
P PLP G . 12.40 -21.09 1.23
O1P PLP G . 12.72 -22.41 0.44
O2P PLP G . 13.76 -20.67 1.93
O3P PLP G . 11.99 -19.92 0.18
C1 EDO H . 25.11 -28.63 6.33
O1 EDO H . 24.23 -29.53 5.65
C2 EDO H . 24.28 -27.51 6.97
O2 EDO H . 23.29 -28.08 7.82
C1 EDO I . 9.41 -39.76 -16.66
O1 EDO I . 10.02 -39.96 -15.38
C2 EDO I . 9.42 -38.25 -16.99
O2 EDO I . 10.71 -37.87 -17.50
C1 EDO J . 41.92 -10.51 4.79
O1 EDO J . 42.58 -10.03 5.97
C2 EDO J . 41.24 -11.85 5.11
O2 EDO J . 42.23 -12.78 5.55
S SO4 K . -5.91 -33.95 -29.00
O1 SO4 K . -6.15 -34.98 -30.24
O2 SO4 K . -7.17 -33.89 -28.30
O3 SO4 K . -4.93 -34.39 -28.26
O4 SO4 K . -5.67 -32.72 -29.67
S SO4 L . 15.84 12.95 -22.39
O1 SO4 L . 16.78 14.27 -22.58
O2 SO4 L . 14.52 13.36 -22.84
O3 SO4 L . 16.34 11.95 -23.07
O4 SO4 L . 15.83 12.80 -20.97
S SO4 M . -7.15 -10.09 -21.74
O1 SO4 M . -8.21 -9.15 -20.94
O2 SO4 M . -6.01 -10.20 -20.86
O3 SO4 M . -7.70 -11.24 -22.01
O4 SO4 M . -6.80 -9.28 -22.86
N1 PLP N . 11.63 -12.38 -15.75
C2 PLP N . 11.49 -12.59 -17.13
C2A PLP N . 12.06 -11.57 -18.10
C3 PLP N . 10.93 -13.89 -17.55
O3 PLP N . 10.85 -14.17 -18.91
C4 PLP N . 10.61 -14.87 -16.59
C4A PLP N . 10.46 -16.26 -17.13
C5 PLP N . 10.71 -14.57 -15.22
C6 PLP N . 11.24 -13.30 -14.78
C5A PLP N . 10.20 -15.31 -14.05
O4P PLP N . 11.09 -16.42 -13.77
P PLP N . 10.69 -17.69 -13.07
O1P PLP N . 11.98 -18.63 -13.18
O2P PLP N . 9.55 -18.38 -13.87
O3P PLP N . 10.23 -17.28 -11.58
C1 EDO O . 9.54 -28.92 -23.90
O1 EDO O . 10.94 -28.96 -23.62
C2 EDO O . 9.03 -27.47 -23.84
O2 EDO O . 9.69 -26.70 -24.83
C1 EDO P . -2.95 -27.40 -28.56
O1 EDO P . -3.83 -28.53 -28.61
C2 EDO P . -1.63 -27.75 -29.28
O2 EDO P . -1.06 -28.92 -28.69
S SO4 Q . 10.75 0.99 28.57
O1 SO4 Q . 11.22 1.18 27.01
O2 SO4 Q . 9.91 2.13 28.87
O3 SO4 Q . 10.14 -0.16 28.69
O4 SO4 Q . 11.99 1.10 29.28
S SO4 R . -18.84 -3.90 15.94
O1 SO4 R . -17.84 -2.66 15.60
O2 SO4 R . -18.97 -4.64 14.69
O3 SO4 R . -18.33 -4.60 16.92
O4 SO4 R . -20.08 -3.26 16.22
N1 PLP S . -9.38 13.52 16.20
C2 PLP S . -10.08 13.40 17.37
C2A PLP S . -9.32 12.99 18.60
C3 PLP S . -11.50 13.75 17.37
O3 PLP S . -12.23 13.60 18.53
C4 PLP S . -12.10 14.22 16.20
C4A PLP S . -13.41 14.85 16.41
C5 PLP S . -11.35 14.30 15.01
C6 PLP S . -9.95 13.96 15.02
C5A PLP S . -11.79 14.60 13.61
O4P PLP S . -12.11 16.01 13.55
P PLP S . -13.09 16.55 12.56
O1P PLP S . -13.20 18.16 12.70
O2P PLP S . -14.52 15.86 12.66
O3P PLP S . -12.46 16.13 11.11
C1 EDO T . -0.90 -3.00 7.58
O1 EDO T . -1.69 -2.44 6.53
C2 EDO T . 0.32 -2.11 7.82
O2 EDO T . 1.06 -2.00 6.60
C1 EDO U . -18.78 30.01 9.22
O1 EDO U . -18.79 28.80 8.46
C2 EDO U . -17.49 30.82 8.93
O2 EDO U . -16.41 30.32 9.74
C1 EDO V . -25.66 18.51 20.25
O1 EDO V . -24.86 18.51 21.41
C2 EDO V . -26.38 19.87 20.16
O2 EDO V . -25.40 20.90 20.18
C1 EDO W . -8.41 41.78 9.75
O1 EDO W . -9.51 41.63 10.66
C2 EDO W . -8.63 40.91 8.50
O2 EDO W . -9.92 41.16 7.92
S SO4 X . -13.07 3.56 -27.18
O1 SO4 X . -14.27 3.31 -28.24
O2 SO4 X . -13.33 2.70 -26.05
O3 SO4 X . -11.91 3.32 -27.75
O4 SO4 X . -13.31 4.92 -26.81
S SO4 Y . 7.63 43.74 -2.45
O1 SO4 Y . 7.34 44.42 -3.90
O2 SO4 Y . 6.53 44.15 -1.61
O3 SO4 Y . 7.73 42.44 -2.58
O4 SO4 Y . 8.83 44.41 -2.04
S SO4 Z . 9.02 20.92 -10.50
O1 SO4 Z . 8.86 21.17 -12.10
O2 SO4 Z . 9.06 22.23 -9.89
O3 SO4 Z . 8.05 20.17 -10.06
O4 SO4 Z . 10.33 20.33 -10.41
S SO4 AA . -19.06 49.50 9.08
O1 SO4 AA . -18.58 48.10 8.43
O2 SO4 AA . -19.45 50.33 7.96
O3 SO4 AA . -20.04 49.29 9.92
O4 SO4 AA . -17.85 50.00 9.64
N1 PLP BA . -10.41 19.64 -6.01
C2 PLP BA . -10.19 20.67 -6.94
C2A PLP BA . -10.61 20.46 -8.33
C3 PLP BA . -9.74 21.94 -6.42
O3 PLP BA . -9.33 22.91 -7.29
C4 PLP BA . -9.57 22.10 -5.04
C4A PLP BA . -9.47 23.50 -4.51
C5 PLP BA . -9.71 21.00 -4.15
C6 PLP BA . -10.17 19.74 -4.65
C5A PLP BA . -9.40 20.88 -2.68
O4P PLP BA . -10.40 21.59 -1.91
P PLP BA . -10.05 22.31 -0.66
O1P PLP BA . -11.30 23.19 -0.20
O2P PLP BA . -8.75 23.28 -0.90
O3P PLP BA . -9.65 21.24 0.42
C1 EDO CA . -0.22 2.52 -7.91
O1 EDO CA . -0.45 1.20 -7.38
C2 EDO CA . 1.14 3.04 -7.42
O2 EDO CA . 1.04 3.35 -6.02
C1 EDO DA . -7.53 36.36 -3.21
O1 EDO DA . -7.98 36.44 -4.55
C2 EDO DA . -8.10 37.53 -2.42
O2 EDO DA . -9.53 37.40 -2.36
C1 EDO EA . 4.32 38.78 -6.20
O1 EDO EA . 5.10 39.69 -5.42
C2 EDO EA . 2.99 39.44 -6.58
O2 EDO EA . 2.43 40.04 -5.41
C1 EDO FA . -0.07 4.13 -12.20
O1 EDO FA . 1.16 3.91 -11.53
C2 EDO FA . -0.27 3.06 -13.28
O2 EDO FA . -1.15 3.56 -14.30
#